data_2O03
# 
_entry.id   2O03 
# 
_audit_conform.dict_name       mmcif_pdbx.dic 
_audit_conform.dict_version    5.383 
_audit_conform.dict_location   http://mmcif.pdb.org/dictionaries/ascii/mmcif_pdbx.dic 
# 
loop_
_database_2.database_id 
_database_2.database_code 
_database_2.pdbx_database_accession 
_database_2.pdbx_DOI 
PDB   2O03         pdb_00002o03 10.2210/pdb2o03/pdb 
RCSB  RCSB040517   ?            ?                   
WWPDB D_1000040517 ?            ?                   
# 
loop_
_pdbx_audit_revision_history.ordinal 
_pdbx_audit_revision_history.data_content_type 
_pdbx_audit_revision_history.major_revision 
_pdbx_audit_revision_history.minor_revision 
_pdbx_audit_revision_history.revision_date 
1 'Structure model' 1 0 2007-02-13 
2 'Structure model' 1 1 2008-05-01 
3 'Structure model' 1 2 2011-07-13 
4 'Structure model' 1 3 2017-10-18 
5 'Structure model' 1 4 2023-12-27 
# 
_pdbx_audit_revision_details.ordinal             1 
_pdbx_audit_revision_details.revision_ordinal    1 
_pdbx_audit_revision_details.data_content_type   'Structure model' 
_pdbx_audit_revision_details.provider            repository 
_pdbx_audit_revision_details.type                'Initial release' 
_pdbx_audit_revision_details.description         ? 
_pdbx_audit_revision_details.details             ? 
# 
loop_
_pdbx_audit_revision_group.ordinal 
_pdbx_audit_revision_group.revision_ordinal 
_pdbx_audit_revision_group.data_content_type 
_pdbx_audit_revision_group.group 
1 2 'Structure model' 'Version format compliance' 
2 3 'Structure model' Advisory                    
3 3 'Structure model' 'Derived calculations'      
4 3 'Structure model' 'Version format compliance' 
5 4 'Structure model' 'Refinement description'    
6 5 'Structure model' 'Data collection'           
7 5 'Structure model' 'Database references'       
8 5 'Structure model' 'Derived calculations'      
# 
loop_
_pdbx_audit_revision_category.ordinal 
_pdbx_audit_revision_category.revision_ordinal 
_pdbx_audit_revision_category.data_content_type 
_pdbx_audit_revision_category.category 
1 4 'Structure model' software               
2 5 'Structure model' chem_comp_atom         
3 5 'Structure model' chem_comp_bond         
4 5 'Structure model' database_2             
5 5 'Structure model' pdbx_struct_conn_angle 
6 5 'Structure model' struct_conn            
7 5 'Structure model' struct_ref_seq_dif     
8 5 'Structure model' struct_site            
# 
loop_
_pdbx_audit_revision_item.ordinal 
_pdbx_audit_revision_item.revision_ordinal 
_pdbx_audit_revision_item.data_content_type 
_pdbx_audit_revision_item.item 
1  4 'Structure model' '_software.name'                              
2  5 'Structure model' '_database_2.pdbx_DOI'                        
3  5 'Structure model' '_database_2.pdbx_database_accession'         
4  5 'Structure model' '_pdbx_struct_conn_angle.ptnr1_auth_comp_id'  
5  5 'Structure model' '_pdbx_struct_conn_angle.ptnr1_auth_seq_id'   
6  5 'Structure model' '_pdbx_struct_conn_angle.ptnr1_label_atom_id' 
7  5 'Structure model' '_pdbx_struct_conn_angle.ptnr1_label_comp_id' 
8  5 'Structure model' '_pdbx_struct_conn_angle.ptnr1_label_seq_id'  
9  5 'Structure model' '_pdbx_struct_conn_angle.ptnr2_auth_seq_id'   
10 5 'Structure model' '_pdbx_struct_conn_angle.ptnr2_label_asym_id' 
11 5 'Structure model' '_pdbx_struct_conn_angle.ptnr3_auth_comp_id'  
12 5 'Structure model' '_pdbx_struct_conn_angle.ptnr3_auth_seq_id'   
13 5 'Structure model' '_pdbx_struct_conn_angle.ptnr3_label_atom_id' 
14 5 'Structure model' '_pdbx_struct_conn_angle.ptnr3_label_comp_id' 
15 5 'Structure model' '_pdbx_struct_conn_angle.ptnr3_label_seq_id'  
16 5 'Structure model' '_pdbx_struct_conn_angle.value'               
17 5 'Structure model' '_struct_conn.pdbx_dist_value'                
18 5 'Structure model' '_struct_conn.ptnr1_auth_comp_id'             
19 5 'Structure model' '_struct_conn.ptnr1_auth_seq_id'              
20 5 'Structure model' '_struct_conn.ptnr1_label_asym_id'            
21 5 'Structure model' '_struct_conn.ptnr1_label_atom_id'            
22 5 'Structure model' '_struct_conn.ptnr1_label_comp_id'            
23 5 'Structure model' '_struct_conn.ptnr1_label_seq_id'             
24 5 'Structure model' '_struct_conn.ptnr2_auth_comp_id'             
25 5 'Structure model' '_struct_conn.ptnr2_auth_seq_id'              
26 5 'Structure model' '_struct_conn.ptnr2_label_asym_id'            
27 5 'Structure model' '_struct_conn.ptnr2_label_atom_id'            
28 5 'Structure model' '_struct_conn.ptnr2_label_comp_id'            
29 5 'Structure model' '_struct_conn.ptnr2_label_seq_id'             
30 5 'Structure model' '_struct_ref_seq_dif.details'                 
31 5 'Structure model' '_struct_site.pdbx_auth_asym_id'              
32 5 'Structure model' '_struct_site.pdbx_auth_comp_id'              
33 5 'Structure model' '_struct_site.pdbx_auth_seq_id'               
# 
_pdbx_database_status.entry_id                        2O03 
_pdbx_database_status.deposit_site                    RCSB 
_pdbx_database_status.process_site                    RCSB 
_pdbx_database_status.recvd_initial_deposition_date   2006-11-27 
_pdbx_database_status.status_code                     REL 
_pdbx_database_status.status_code_sf                  REL 
_pdbx_database_status.status_code_mr                  ? 
_pdbx_database_status.SG_entry                        ? 
_pdbx_database_status.pdb_format_compatible           Y 
_pdbx_database_status.status_code_cs                  ? 
_pdbx_database_status.methods_development_category    ? 
_pdbx_database_status.status_code_nmr_data            ? 
# 
loop_
_audit_author.name 
_audit_author.pdbx_ordinal 
'Lucarelli, D.' 1 
'Russo, S.'     2 
'Pohl, E.'      3 
# 
_citation.id                        primary 
_citation.title                     
'Crystal structure and function of the zinc uptake regulator FurB from Mycobacterium tuberculosis.' 
_citation.journal_abbrev            J.Biol.Chem. 
_citation.journal_volume            282 
_citation.page_first                9914 
_citation.page_last                 9922 
_citation.year                      2007 
_citation.journal_id_ASTM           JBCHA3 
_citation.country                   US 
_citation.journal_id_ISSN           0021-9258 
_citation.journal_id_CSD            0071 
_citation.book_publisher            ? 
_citation.pdbx_database_id_PubMed   17213192 
_citation.pdbx_database_id_DOI      10.1074/jbc.M609974200 
# 
loop_
_citation_author.citation_id 
_citation_author.name 
_citation_author.ordinal 
_citation_author.identifier_ORCID 
primary 'Lucarelli, D.'     1 ? 
primary 'Russo, S.'         2 ? 
primary 'Garman, E.'        3 ? 
primary 'Milano, A.'        4 ? 
primary 'Meyer-Klaucke, W.' 5 ? 
primary 'Pohl, E.'          6 ? 
# 
loop_
_entity.id 
_entity.type 
_entity.src_method 
_entity.pdbx_description 
_entity.formula_weight 
_entity.pdbx_number_of_molecules 
_entity.pdbx_ec 
_entity.pdbx_mutation 
_entity.pdbx_fragment 
_entity.details 
1 polymer     man 'probable Zinc uptake regulation protein FurB' 14492.003 1 ? ? ? ? 
2 non-polymer syn 'ZINC ION'                                     65.409    3 ? ? ? ? 
3 water       nat water                                          18.015    8 ? ? ? ? 
# 
_entity_name_com.entity_id   1 
_entity_name_com.name        'Ferric uptake regulation protein' 
# 
_entity_poly.entity_id                      1 
_entity_poly.type                           'polypeptide(L)' 
_entity_poly.nstd_linkage                   no 
_entity_poly.nstd_monomer                   no 
_entity_poly.pdbx_seq_one_letter_code       
;MASAAGVRSTRQRAAISTLLETLDDFRSAQELHDELRRRGENIGLTTVYRTLQSMASSGLVDTLHTDTGESVYRRCSEHH
HHHLVCRSCGSTIEVGDHEVEAWAAEVATKHGFSDVSHTIEIFGTCSDCRS
;
_entity_poly.pdbx_seq_one_letter_code_can   
;MASAAGVRSTRQRAAISTLLETLDDFRSAQELHDELRRRGENIGLTTVYRTLQSMASSGLVDTLHTDTGESVYRRCSEHH
HHHLVCRSCGSTIEVGDHEVEAWAAEVATKHGFSDVSHTIEIFGTCSDCRS
;
_entity_poly.pdbx_strand_id                 A 
_entity_poly.pdbx_target_identifier         ? 
# 
loop_
_pdbx_entity_nonpoly.entity_id 
_pdbx_entity_nonpoly.name 
_pdbx_entity_nonpoly.comp_id 
2 'ZINC ION' ZN  
3 water      HOH 
# 
loop_
_entity_poly_seq.entity_id 
_entity_poly_seq.num 
_entity_poly_seq.mon_id 
_entity_poly_seq.hetero 
1 1   MET n 
1 2   ALA n 
1 3   SER n 
1 4   ALA n 
1 5   ALA n 
1 6   GLY n 
1 7   VAL n 
1 8   ARG n 
1 9   SER n 
1 10  THR n 
1 11  ARG n 
1 12  GLN n 
1 13  ARG n 
1 14  ALA n 
1 15  ALA n 
1 16  ILE n 
1 17  SER n 
1 18  THR n 
1 19  LEU n 
1 20  LEU n 
1 21  GLU n 
1 22  THR n 
1 23  LEU n 
1 24  ASP n 
1 25  ASP n 
1 26  PHE n 
1 27  ARG n 
1 28  SER n 
1 29  ALA n 
1 30  GLN n 
1 31  GLU n 
1 32  LEU n 
1 33  HIS n 
1 34  ASP n 
1 35  GLU n 
1 36  LEU n 
1 37  ARG n 
1 38  ARG n 
1 39  ARG n 
1 40  GLY n 
1 41  GLU n 
1 42  ASN n 
1 43  ILE n 
1 44  GLY n 
1 45  LEU n 
1 46  THR n 
1 47  THR n 
1 48  VAL n 
1 49  TYR n 
1 50  ARG n 
1 51  THR n 
1 52  LEU n 
1 53  GLN n 
1 54  SER n 
1 55  MET n 
1 56  ALA n 
1 57  SER n 
1 58  SER n 
1 59  GLY n 
1 60  LEU n 
1 61  VAL n 
1 62  ASP n 
1 63  THR n 
1 64  LEU n 
1 65  HIS n 
1 66  THR n 
1 67  ASP n 
1 68  THR n 
1 69  GLY n 
1 70  GLU n 
1 71  SER n 
1 72  VAL n 
1 73  TYR n 
1 74  ARG n 
1 75  ARG n 
1 76  CYS n 
1 77  SER n 
1 78  GLU n 
1 79  HIS n 
1 80  HIS n 
1 81  HIS n 
1 82  HIS n 
1 83  HIS n 
1 84  LEU n 
1 85  VAL n 
1 86  CYS n 
1 87  ARG n 
1 88  SER n 
1 89  CYS n 
1 90  GLY n 
1 91  SER n 
1 92  THR n 
1 93  ILE n 
1 94  GLU n 
1 95  VAL n 
1 96  GLY n 
1 97  ASP n 
1 98  HIS n 
1 99  GLU n 
1 100 VAL n 
1 101 GLU n 
1 102 ALA n 
1 103 TRP n 
1 104 ALA n 
1 105 ALA n 
1 106 GLU n 
1 107 VAL n 
1 108 ALA n 
1 109 THR n 
1 110 LYS n 
1 111 HIS n 
1 112 GLY n 
1 113 PHE n 
1 114 SER n 
1 115 ASP n 
1 116 VAL n 
1 117 SER n 
1 118 HIS n 
1 119 THR n 
1 120 ILE n 
1 121 GLU n 
1 122 ILE n 
1 123 PHE n 
1 124 GLY n 
1 125 THR n 
1 126 CYS n 
1 127 SER n 
1 128 ASP n 
1 129 CYS n 
1 130 ARG n 
1 131 SER n 
# 
_entity_src_gen.entity_id                          1 
_entity_src_gen.pdbx_src_id                        1 
_entity_src_gen.pdbx_alt_source_flag               sample 
_entity_src_gen.pdbx_seq_type                      ? 
_entity_src_gen.pdbx_beg_seq_num                   ? 
_entity_src_gen.pdbx_end_seq_num                   ? 
_entity_src_gen.gene_src_common_name               ? 
_entity_src_gen.gene_src_genus                     Mycobacterium 
_entity_src_gen.pdbx_gene_src_gene                 furB 
_entity_src_gen.gene_src_species                   ? 
_entity_src_gen.gene_src_strain                    ? 
_entity_src_gen.gene_src_tissue                    ? 
_entity_src_gen.gene_src_tissue_fraction           ? 
_entity_src_gen.gene_src_details                   ? 
_entity_src_gen.pdbx_gene_src_fragment             ? 
_entity_src_gen.pdbx_gene_src_scientific_name      'Mycobacterium tuberculosis' 
_entity_src_gen.pdbx_gene_src_ncbi_taxonomy_id     1773 
_entity_src_gen.pdbx_gene_src_variant              ? 
_entity_src_gen.pdbx_gene_src_cell_line            ? 
_entity_src_gen.pdbx_gene_src_atcc                 ? 
_entity_src_gen.pdbx_gene_src_organ                ? 
_entity_src_gen.pdbx_gene_src_organelle            ? 
_entity_src_gen.pdbx_gene_src_cell                 ? 
_entity_src_gen.pdbx_gene_src_cellular_location    ? 
_entity_src_gen.host_org_common_name               ? 
_entity_src_gen.pdbx_host_org_scientific_name      'Escherichia coli BL21' 
_entity_src_gen.pdbx_host_org_ncbi_taxonomy_id     511693 
_entity_src_gen.host_org_genus                     Escherichia 
_entity_src_gen.pdbx_host_org_gene                 ? 
_entity_src_gen.pdbx_host_org_organ                ? 
_entity_src_gen.host_org_species                   'Escherichia coli' 
_entity_src_gen.pdbx_host_org_tissue               ? 
_entity_src_gen.pdbx_host_org_tissue_fraction      ? 
_entity_src_gen.pdbx_host_org_strain               BL21 
_entity_src_gen.pdbx_host_org_variant              ? 
_entity_src_gen.pdbx_host_org_cell_line            ? 
_entity_src_gen.pdbx_host_org_atcc                 ? 
_entity_src_gen.pdbx_host_org_culture_collection   ? 
_entity_src_gen.pdbx_host_org_cell                 ? 
_entity_src_gen.pdbx_host_org_organelle            ? 
_entity_src_gen.pdbx_host_org_cellular_location    ? 
_entity_src_gen.pdbx_host_org_vector_type          plasmid 
_entity_src_gen.pdbx_host_org_vector               ? 
_entity_src_gen.host_org_details                   ? 
_entity_src_gen.expression_system_id               ? 
_entity_src_gen.plasmid_name                       pETM11 
_entity_src_gen.plasmid_details                    ? 
_entity_src_gen.pdbx_description                   ? 
# 
loop_
_chem_comp.id 
_chem_comp.type 
_chem_comp.mon_nstd_flag 
_chem_comp.name 
_chem_comp.pdbx_synonyms 
_chem_comp.formula 
_chem_comp.formula_weight 
ALA 'L-peptide linking' y ALANINE         ? 'C3 H7 N O2'     89.093  
ARG 'L-peptide linking' y ARGININE        ? 'C6 H15 N4 O2 1' 175.209 
ASN 'L-peptide linking' y ASPARAGINE      ? 'C4 H8 N2 O3'    132.118 
ASP 'L-peptide linking' y 'ASPARTIC ACID' ? 'C4 H7 N O4'     133.103 
CYS 'L-peptide linking' y CYSTEINE        ? 'C3 H7 N O2 S'   121.158 
GLN 'L-peptide linking' y GLUTAMINE       ? 'C5 H10 N2 O3'   146.144 
GLU 'L-peptide linking' y 'GLUTAMIC ACID' ? 'C5 H9 N O4'     147.129 
GLY 'peptide linking'   y GLYCINE         ? 'C2 H5 N O2'     75.067  
HIS 'L-peptide linking' y HISTIDINE       ? 'C6 H10 N3 O2 1' 156.162 
HOH non-polymer         . WATER           ? 'H2 O'           18.015  
ILE 'L-peptide linking' y ISOLEUCINE      ? 'C6 H13 N O2'    131.173 
LEU 'L-peptide linking' y LEUCINE         ? 'C6 H13 N O2'    131.173 
LYS 'L-peptide linking' y LYSINE          ? 'C6 H15 N2 O2 1' 147.195 
MET 'L-peptide linking' y METHIONINE      ? 'C5 H11 N O2 S'  149.211 
PHE 'L-peptide linking' y PHENYLALANINE   ? 'C9 H11 N O2'    165.189 
SER 'L-peptide linking' y SERINE          ? 'C3 H7 N O3'     105.093 
THR 'L-peptide linking' y THREONINE       ? 'C4 H9 N O3'     119.119 
TRP 'L-peptide linking' y TRYPTOPHAN      ? 'C11 H12 N2 O2'  204.225 
TYR 'L-peptide linking' y TYROSINE        ? 'C9 H11 N O3'    181.189 
VAL 'L-peptide linking' y VALINE          ? 'C5 H11 N O2'    117.146 
ZN  non-polymer         . 'ZINC ION'      ? 'Zn 2'           65.409  
# 
loop_
_pdbx_poly_seq_scheme.asym_id 
_pdbx_poly_seq_scheme.entity_id 
_pdbx_poly_seq_scheme.seq_id 
_pdbx_poly_seq_scheme.mon_id 
_pdbx_poly_seq_scheme.ndb_seq_num 
_pdbx_poly_seq_scheme.pdb_seq_num 
_pdbx_poly_seq_scheme.auth_seq_num 
_pdbx_poly_seq_scheme.pdb_mon_id 
_pdbx_poly_seq_scheme.auth_mon_id 
_pdbx_poly_seq_scheme.pdb_strand_id 
_pdbx_poly_seq_scheme.pdb_ins_code 
_pdbx_poly_seq_scheme.hetero 
A 1 1   MET 1   1   ?   ?   ?   A . n 
A 1 2   ALA 2   2   2   ALA ALA A . n 
A 1 3   SER 3   3   3   SER SER A . n 
A 1 4   ALA 4   4   4   ALA ALA A . n 
A 1 5   ALA 5   5   5   ALA ALA A . n 
A 1 6   GLY 6   6   6   GLY GLY A . n 
A 1 7   VAL 7   7   7   VAL VAL A . n 
A 1 8   ARG 8   8   8   ARG ARG A . n 
A 1 9   SER 9   9   9   SER SER A . n 
A 1 10  THR 10  10  10  THR THR A . n 
A 1 11  ARG 11  11  11  ARG ARG A . n 
A 1 12  GLN 12  12  12  GLN GLN A . n 
A 1 13  ARG 13  13  13  ARG ARG A . n 
A 1 14  ALA 14  14  14  ALA ALA A . n 
A 1 15  ALA 15  15  15  ALA ALA A . n 
A 1 16  ILE 16  16  16  ILE ILE A . n 
A 1 17  SER 17  17  17  SER SER A . n 
A 1 18  THR 18  18  18  THR THR A . n 
A 1 19  LEU 19  19  19  LEU LEU A . n 
A 1 20  LEU 20  20  20  LEU LEU A . n 
A 1 21  GLU 21  21  21  GLU GLU A . n 
A 1 22  THR 22  22  22  THR THR A . n 
A 1 23  LEU 23  23  23  LEU LEU A . n 
A 1 24  ASP 24  24  24  ASP ASP A . n 
A 1 25  ASP 25  25  25  ASP ASP A . n 
A 1 26  PHE 26  26  26  PHE PHE A . n 
A 1 27  ARG 27  27  27  ARG ARG A . n 
A 1 28  SER 28  28  28  SER SER A . n 
A 1 29  ALA 29  29  29  ALA ALA A . n 
A 1 30  GLN 30  30  30  GLN GLN A . n 
A 1 31  GLU 31  31  31  GLU GLU A . n 
A 1 32  LEU 32  32  32  LEU LEU A . n 
A 1 33  HIS 33  33  33  HIS HIS A . n 
A 1 34  ASP 34  34  34  ASP ASP A . n 
A 1 35  GLU 35  35  35  GLU GLU A . n 
A 1 36  LEU 36  36  36  LEU LEU A . n 
A 1 37  ARG 37  37  37  ARG ARG A . n 
A 1 38  ARG 38  38  38  ARG ARG A . n 
A 1 39  ARG 39  39  39  ARG ARG A . n 
A 1 40  GLY 40  40  40  GLY GLY A . n 
A 1 41  GLU 41  41  41  GLU GLU A . n 
A 1 42  ASN 42  42  42  ASN ASN A . n 
A 1 43  ILE 43  43  43  ILE ILE A . n 
A 1 44  GLY 44  44  44  GLY GLY A . n 
A 1 45  LEU 45  45  45  LEU LEU A . n 
A 1 46  THR 46  46  46  THR THR A . n 
A 1 47  THR 47  47  47  THR THR A . n 
A 1 48  VAL 48  48  48  VAL VAL A . n 
A 1 49  TYR 49  49  49  TYR TYR A . n 
A 1 50  ARG 50  50  50  ARG ARG A . n 
A 1 51  THR 51  51  51  THR THR A . n 
A 1 52  LEU 52  52  52  LEU LEU A . n 
A 1 53  GLN 53  53  53  GLN GLN A . n 
A 1 54  SER 54  54  54  SER SER A . n 
A 1 55  MET 55  55  55  MET MET A . n 
A 1 56  ALA 56  56  56  ALA ALA A . n 
A 1 57  SER 57  57  57  SER SER A . n 
A 1 58  SER 58  58  58  SER SER A . n 
A 1 59  GLY 59  59  59  GLY GLY A . n 
A 1 60  LEU 60  60  60  LEU LEU A . n 
A 1 61  VAL 61  61  61  VAL VAL A . n 
A 1 62  ASP 62  62  62  ASP ASP A . n 
A 1 63  THR 63  63  63  THR THR A . n 
A 1 64  LEU 64  64  64  LEU LEU A . n 
A 1 65  HIS 65  65  65  HIS HIS A . n 
A 1 66  THR 66  66  66  THR THR A . n 
A 1 67  ASP 67  67  67  ASP ASP A . n 
A 1 68  THR 68  68  68  THR THR A . n 
A 1 69  GLY 69  69  69  GLY GLY A . n 
A 1 70  GLU 70  70  70  GLU GLU A . n 
A 1 71  SER 71  71  71  SER SER A . n 
A 1 72  VAL 72  72  72  VAL VAL A . n 
A 1 73  TYR 73  73  73  TYR TYR A . n 
A 1 74  ARG 74  74  74  ARG ARG A . n 
A 1 75  ARG 75  75  75  ARG ARG A . n 
A 1 76  CYS 76  76  76  CYS CYS A . n 
A 1 77  SER 77  77  77  SER SER A . n 
A 1 78  GLU 78  78  78  GLU GLU A . n 
A 1 79  HIS 79  79  79  HIS HIS A . n 
A 1 80  HIS 80  80  80  HIS HIS A . n 
A 1 81  HIS 81  81  81  HIS HIS A . n 
A 1 82  HIS 82  82  82  HIS HIS A . n 
A 1 83  HIS 83  83  83  HIS HIS A . n 
A 1 84  LEU 84  84  84  LEU LEU A . n 
A 1 85  VAL 85  85  85  VAL VAL A . n 
A 1 86  CYS 86  86  86  CYS CYS A . n 
A 1 87  ARG 87  87  87  ARG ARG A . n 
A 1 88  SER 88  88  88  SER SER A . n 
A 1 89  CYS 89  89  89  CYS CYS A . n 
A 1 90  GLY 90  90  90  GLY GLY A . n 
A 1 91  SER 91  91  91  SER SER A . n 
A 1 92  THR 92  92  92  THR THR A . n 
A 1 93  ILE 93  93  93  ILE ILE A . n 
A 1 94  GLU 94  94  94  GLU GLU A . n 
A 1 95  VAL 95  95  95  VAL VAL A . n 
A 1 96  GLY 96  96  96  GLY GLY A . n 
A 1 97  ASP 97  97  97  ASP ASP A . n 
A 1 98  HIS 98  98  98  HIS HIS A . n 
A 1 99  GLU 99  99  99  GLU GLU A . n 
A 1 100 VAL 100 100 100 VAL VAL A . n 
A 1 101 GLU 101 101 101 GLU GLU A . n 
A 1 102 ALA 102 102 102 ALA ALA A . n 
A 1 103 TRP 103 103 103 TRP TRP A . n 
A 1 104 ALA 104 104 104 ALA ALA A . n 
A 1 105 ALA 105 105 105 ALA ALA A . n 
A 1 106 GLU 106 106 106 GLU GLU A . n 
A 1 107 VAL 107 107 107 VAL VAL A . n 
A 1 108 ALA 108 108 108 ALA ALA A . n 
A 1 109 THR 109 109 109 THR THR A . n 
A 1 110 LYS 110 110 110 LYS LYS A . n 
A 1 111 HIS 111 111 111 HIS HIS A . n 
A 1 112 GLY 112 112 112 GLY GLY A . n 
A 1 113 PHE 113 113 113 PHE PHE A . n 
A 1 114 SER 114 114 114 SER SER A . n 
A 1 115 ASP 115 115 115 ASP ASP A . n 
A 1 116 VAL 116 116 116 VAL VAL A . n 
A 1 117 SER 117 117 117 SER SER A . n 
A 1 118 HIS 118 118 118 HIS HIS A . n 
A 1 119 THR 119 119 119 THR THR A . n 
A 1 120 ILE 120 120 120 ILE ILE A . n 
A 1 121 GLU 121 121 121 GLU GLU A . n 
A 1 122 ILE 122 122 122 ILE ILE A . n 
A 1 123 PHE 123 123 123 PHE PHE A . n 
A 1 124 GLY 124 124 124 GLY GLY A . n 
A 1 125 THR 125 125 125 THR THR A . n 
A 1 126 CYS 126 126 126 CYS CYS A . n 
A 1 127 SER 127 127 127 SER SER A . n 
A 1 128 ASP 128 128 128 ASP ASP A . n 
A 1 129 CYS 129 129 129 CYS CYS A . n 
A 1 130 ARG 130 130 130 ARG ARG A . n 
A 1 131 SER 131 131 ?   ?   ?   A . n 
# 
loop_
_pdbx_nonpoly_scheme.asym_id 
_pdbx_nonpoly_scheme.entity_id 
_pdbx_nonpoly_scheme.mon_id 
_pdbx_nonpoly_scheme.ndb_seq_num 
_pdbx_nonpoly_scheme.pdb_seq_num 
_pdbx_nonpoly_scheme.auth_seq_num 
_pdbx_nonpoly_scheme.pdb_mon_id 
_pdbx_nonpoly_scheme.auth_mon_id 
_pdbx_nonpoly_scheme.pdb_strand_id 
_pdbx_nonpoly_scheme.pdb_ins_code 
B 2 ZN  1 201 201 ZN  ZN  A . 
C 2 ZN  1 202 202 ZN  ZN  A . 
D 2 ZN  1 203 203 ZN  ZN  A . 
E 3 HOH 1 204 204 HOH HOH A . 
E 3 HOH 2 207 207 HOH HOH A . 
E 3 HOH 3 209 209 HOH HOH A . 
E 3 HOH 4 215 215 HOH HOH A . 
E 3 HOH 5 223 223 HOH HOH A . 
E 3 HOH 6 233 233 HOH HOH A . 
E 3 HOH 7 241 241 HOH HOH A . 
E 3 HOH 8 242 242 HOH HOH A . 
# 
loop_
_pdbx_unobs_or_zero_occ_atoms.id 
_pdbx_unobs_or_zero_occ_atoms.PDB_model_num 
_pdbx_unobs_or_zero_occ_atoms.polymer_flag 
_pdbx_unobs_or_zero_occ_atoms.occupancy_flag 
_pdbx_unobs_or_zero_occ_atoms.auth_asym_id 
_pdbx_unobs_or_zero_occ_atoms.auth_comp_id 
_pdbx_unobs_or_zero_occ_atoms.auth_seq_id 
_pdbx_unobs_or_zero_occ_atoms.PDB_ins_code 
_pdbx_unobs_or_zero_occ_atoms.auth_atom_id 
_pdbx_unobs_or_zero_occ_atoms.label_alt_id 
_pdbx_unobs_or_zero_occ_atoms.label_asym_id 
_pdbx_unobs_or_zero_occ_atoms.label_comp_id 
_pdbx_unobs_or_zero_occ_atoms.label_seq_id 
_pdbx_unobs_or_zero_occ_atoms.label_atom_id 
1  1 Y 1 A SER 17  ? OG  ? A SER 17  OG  
2  1 Y 1 A GLU 21  ? CG  ? A GLU 21  CG  
3  1 Y 1 A GLU 21  ? CD  ? A GLU 21  CD  
4  1 Y 1 A GLU 21  ? OE1 ? A GLU 21  OE1 
5  1 Y 1 A GLU 21  ? OE2 ? A GLU 21  OE2 
6  1 Y 1 A ASP 25  ? CG  ? A ASP 25  CG  
7  1 Y 1 A ASP 25  ? OD1 ? A ASP 25  OD1 
8  1 Y 1 A ASP 25  ? OD2 ? A ASP 25  OD2 
9  1 Y 1 A ARG 50  ? CG  ? A ARG 50  CG  
10 1 Y 1 A ARG 50  ? CD  ? A ARG 50  CD  
11 1 Y 1 A ARG 50  ? NE  ? A ARG 50  NE  
12 1 Y 1 A ARG 50  ? CZ  ? A ARG 50  CZ  
13 1 Y 1 A ARG 50  ? NH1 ? A ARG 50  NH1 
14 1 Y 1 A ARG 50  ? NH2 ? A ARG 50  NH2 
15 1 Y 1 A SER 54  ? OG  ? A SER 54  OG  
16 1 Y 1 A ARG 74  ? CG  ? A ARG 74  CG  
17 1 Y 1 A ARG 74  ? CD  ? A ARG 74  CD  
18 1 Y 1 A ARG 74  ? NE  ? A ARG 74  NE  
19 1 Y 1 A ARG 74  ? CZ  ? A ARG 74  CZ  
20 1 Y 1 A ARG 74  ? NH1 ? A ARG 74  NH1 
21 1 Y 1 A ARG 74  ? NH2 ? A ARG 74  NH2 
22 1 Y 1 A ARG 75  ? CG  ? A ARG 75  CG  
23 1 Y 1 A ARG 75  ? CD  ? A ARG 75  CD  
24 1 Y 1 A ARG 75  ? NE  ? A ARG 75  NE  
25 1 Y 1 A ARG 75  ? CZ  ? A ARG 75  CZ  
26 1 Y 1 A ARG 75  ? NH1 ? A ARG 75  NH1 
27 1 Y 1 A ARG 75  ? NH2 ? A ARG 75  NH2 
28 1 Y 1 A SER 77  ? OG  ? A SER 77  OG  
29 1 Y 1 A GLU 78  ? CG  ? A GLU 78  CG  
30 1 Y 1 A GLU 78  ? CD  ? A GLU 78  CD  
31 1 Y 1 A GLU 78  ? OE1 ? A GLU 78  OE1 
32 1 Y 1 A GLU 78  ? OE2 ? A GLU 78  OE2 
33 1 Y 1 A GLU 99  ? CG  ? A GLU 99  CG  
34 1 Y 1 A GLU 99  ? CD  ? A GLU 99  CD  
35 1 Y 1 A GLU 99  ? OE1 ? A GLU 99  OE1 
36 1 Y 1 A GLU 99  ? OE2 ? A GLU 99  OE2 
37 1 Y 1 A GLU 106 ? CG  ? A GLU 106 CG  
38 1 Y 1 A GLU 106 ? CD  ? A GLU 106 CD  
39 1 Y 1 A GLU 106 ? OE1 ? A GLU 106 OE1 
40 1 Y 1 A GLU 106 ? OE2 ? A GLU 106 OE2 
41 1 Y 1 A SER 114 ? OG  ? A SER 114 OG  
42 1 Y 1 A THR 125 ? OG1 ? A THR 125 OG1 
43 1 Y 1 A THR 125 ? CG2 ? A THR 125 CG2 
# 
loop_
_software.name 
_software.version 
_software.date 
_software.type 
_software.contact_author 
_software.contact_author_email 
_software.classification 
_software.location 
_software.language 
_software.citation_id 
_software.pdbx_ordinal 
REFMAC      .     ?                program 'Murshudov, G.N.' ccp4@dl.ac.uk            refinement        
http://www.ccp4.ac.uk/main.html  Fortran_77 ? 1 
PDB_EXTRACT 2.000 'April. 3, 2006' package PDB               sw-help@rcsb.rutgers.edu 'data extraction' 
http://pdb.rutgers.edu/software/ C++        ? 2 
GCLIENT     .     ?                ?       ?                 ?                        'data collection' ? ?          ? 3 
XDS         .     ?                ?       ?                 ?                        'data reduction'  ? ?          ? 4 
XSCALE      .     ?                ?       ?                 ?                        'data scaling'    ? ?          ? 5 
SHELXCD     .     ?                ?       ?                 ?                        phasing           ? ?          ? 6 
SHELXD      .     ?                ?       ?                 ?                        phasing           ? ?          ? 7 
SHELXE      .     ?                ?       ?                 ?                        'model building'  ? ?          ? 8 
# 
_cell.entry_id           2O03 
_cell.length_a           51.600 
_cell.length_b           51.600 
_cell.length_c           133.400 
_cell.angle_alpha        90.00 
_cell.angle_beta         90.00 
_cell.angle_gamma        90.00 
_cell.Z_PDB              8 
_cell.pdbx_unique_axis   ? 
_cell.length_a_esd       ? 
_cell.length_b_esd       ? 
_cell.length_c_esd       ? 
_cell.angle_alpha_esd    ? 
_cell.angle_beta_esd     ? 
_cell.angle_gamma_esd    ? 
# 
_symmetry.entry_id                         2O03 
_symmetry.space_group_name_H-M             'P 41 21 2' 
_symmetry.pdbx_full_space_group_name_H-M   ? 
_symmetry.cell_setting                     ? 
_symmetry.Int_Tables_number                92 
_symmetry.space_group_name_Hall            ? 
# 
_exptl.crystals_number   2 
_exptl.entry_id          2O03 
_exptl.method            'X-RAY DIFFRACTION' 
# 
_exptl_crystal.id                    1 
_exptl_crystal.density_Matthews      3.10 
_exptl_crystal.density_meas          ? 
_exptl_crystal.density_percent_sol   60.29 
_exptl_crystal.description           ? 
_exptl_crystal.F_000                 ? 
_exptl_crystal.preparation           ? 
# 
_exptl_crystal_grow.crystal_id      1 
_exptl_crystal_grow.method          'VAPOR DIFFUSION, HANGING DROP' 
_exptl_crystal_grow.pH              7.5 
_exptl_crystal_grow.temp            298 
_exptl_crystal_grow.temp_details    ? 
_exptl_crystal_grow.pdbx_details    
'0.3 M ammonium phosphate, 14% glycerol, pH 7.5, VAPOR DIFFUSION, HANGING DROP, temperature 298K' 
_exptl_crystal_grow.pdbx_pH_range   . 
# 
loop_
_diffrn.id 
_diffrn.ambient_temp 
_diffrn.ambient_temp_details 
_diffrn.crystal_id 
1   100 ? 1 
2   100 ? 1 
1,2 ?   ? 1 
# 
loop_
_diffrn_detector.diffrn_id 
_diffrn_detector.detector 
_diffrn_detector.type 
_diffrn_detector.pdbx_collection_date 
_diffrn_detector.details 
1 CCD 'MARMOSAIC 225 mm CCD' 2006-04-29 ? 
2 CCD 'MARMOSAIC 225 mm CCD' 2006-04-29 ? 
# 
loop_
_diffrn_radiation.diffrn_id 
_diffrn_radiation.wavelength_id 
_diffrn_radiation.pdbx_diffrn_protocol 
_diffrn_radiation.monochromator 
_diffrn_radiation.pdbx_monochromatic_or_laue_m_l 
_diffrn_radiation.pdbx_scattering_type 
1 1 'SINGLE WAVELENGTH' 
;LN2 cooled fixed-exit  
Si(111) monochromator
;
M x-ray 
2 1 MAD                 
;LN2 cooled fixed-exit  
Si(111) monochromator
;
M x-ray 
# 
loop_
_diffrn_radiation_wavelength.id 
_diffrn_radiation_wavelength.wavelength 
_diffrn_radiation_wavelength.wt 
1 1.28087 1.0 
2 1.28358 1.0 
3 1.28441 1.0 
4 1.26924 1.0 
# 
loop_
_diffrn_source.diffrn_id 
_diffrn_source.source 
_diffrn_source.type 
_diffrn_source.pdbx_wavelength 
_diffrn_source.pdbx_wavelength_list 
_diffrn_source.pdbx_synchrotron_site 
_diffrn_source.pdbx_synchrotron_beamline 
1 SYNCHROTRON 'SLS BEAMLINE X06SA' ? 1.28087                     SLS X06SA 
2 SYNCHROTRON 'SLS BEAMLINE X06SA' ? '1.28358, 1.28441, 1.26924' SLS X06SA 
# 
_reflns.entry_id                     2O03 
_reflns.observed_criterion_sigma_F   ? 
_reflns.observed_criterion_sigma_I   3.0 
_reflns.d_resolution_high            2.69 
_reflns.d_resolution_low             40.0 
_reflns.number_all                   5464 
_reflns.number_obs                   5344 
_reflns.percent_possible_obs         97.8 
_reflns.pdbx_Rmerge_I_obs            0.069 
_reflns.pdbx_Rsym_value              0.107 
_reflns.pdbx_netI_over_sigmaI        18.85 
_reflns.B_iso_Wilson_estimate        ? 
_reflns.pdbx_redundancy              16.76 
_reflns.R_free_details               ? 
_reflns.limit_h_max                  ? 
_reflns.limit_h_min                  ? 
_reflns.limit_k_max                  ? 
_reflns.limit_k_min                  ? 
_reflns.limit_l_max                  ? 
_reflns.limit_l_min                  ? 
_reflns.observed_criterion_F_max     ? 
_reflns.observed_criterion_F_min     ? 
_reflns.pdbx_chi_squared             ? 
_reflns.pdbx_scaling_rejects         ? 
_reflns.pdbx_ordinal                 1 
_reflns.pdbx_diffrn_id               1,2 
# 
_reflns_shell.d_res_high             2.69 
_reflns_shell.d_res_low              2.85 
_reflns_shell.percent_possible_obs   ? 
_reflns_shell.percent_possible_all   92.8 
_reflns_shell.Rmerge_I_obs           0.31 
_reflns_shell.meanI_over_sigI_obs    4.4 
_reflns_shell.pdbx_Rsym_value        0.64 
_reflns_shell.pdbx_redundancy        16.7 
_reflns_shell.number_unique_all      775 
_reflns_shell.number_measured_all    ? 
_reflns_shell.number_measured_obs    ? 
_reflns_shell.number_unique_obs      ? 
_reflns_shell.pdbx_chi_squared       ? 
_reflns_shell.pdbx_ordinal           1 
_reflns_shell.pdbx_diffrn_id         1,2 
# 
_refine.entry_id                                 2O03 
_refine.ls_d_res_high                            2.699 
_refine.ls_d_res_low                             33.690 
_refine.pdbx_ls_sigma_F                          0.00 
_refine.ls_percent_reflns_obs                    100.000 
_refine.ls_number_reflns_obs                     5344 
_refine.pdbx_ls_cross_valid_method               THROUGHOUT 
_refine.pdbx_R_Free_selection_details            RANDOM 
_refine.details                                  ? 
_refine.ls_R_factor_obs                          0.23 
_refine.ls_R_factor_R_work                       0.23 
_refine.ls_R_factor_R_free                       0.239 
_refine.ls_percent_reflns_R_free                 5.000 
_refine.ls_number_reflns_R_free                  268 
_refine.B_iso_mean                               53.712 
_refine.aniso_B[1][1]                            1.920 
_refine.aniso_B[2][2]                            1.920 
_refine.aniso_B[3][3]                            -3.840 
_refine.aniso_B[1][2]                            0.000 
_refine.aniso_B[1][3]                            0.000 
_refine.aniso_B[2][3]                            0.000 
_refine.correlation_coeff_Fo_to_Fc               0.931 
_refine.correlation_coeff_Fo_to_Fc_free          0.914 
_refine.pdbx_overall_ESU_R                       0.563 
_refine.pdbx_overall_ESU_R_Free                  0.286 
_refine.overall_SU_ML                            0.277 
_refine.overall_SU_B                             26.548 
_refine.solvent_model_details                    MASK 
_refine.pdbx_solvent_vdw_probe_radii             1.200 
_refine.pdbx_solvent_ion_probe_radii             0.800 
_refine.pdbx_solvent_shrinkage_radii             0.800 
_refine.pdbx_stereochemistry_target_values       'MAXIMUM LIKELIHOOD' 
_refine.pdbx_ls_sigma_I                          ? 
_refine.ls_number_reflns_all                     ? 
_refine.ls_R_factor_all                          ? 
_refine.ls_redundancy_reflns_obs                 ? 
_refine.pdbx_data_cutoff_high_absF               ? 
_refine.pdbx_data_cutoff_low_absF                ? 
_refine.ls_number_parameters                     ? 
_refine.ls_number_restraints                     ? 
_refine.ls_R_factor_R_free_error                 ? 
_refine.ls_R_factor_R_free_error_details         ? 
_refine.pdbx_method_to_determine_struct          MAD 
_refine.pdbx_starting_model                      ? 
_refine.pdbx_stereochem_target_val_spec_case     ? 
_refine.solvent_model_param_bsol                 ? 
_refine.solvent_model_param_ksol                 ? 
_refine.occupancy_max                            ? 
_refine.occupancy_min                            ? 
_refine.pdbx_isotropic_thermal_model             isotropic 
_refine.B_iso_min                                ? 
_refine.B_iso_max                                ? 
_refine.overall_SU_R_Cruickshank_DPI             ? 
_refine.overall_SU_R_free                        ? 
_refine.pdbx_data_cutoff_high_rms_absF           ? 
_refine.ls_wR_factor_R_free                      ? 
_refine.ls_wR_factor_R_work                      ? 
_refine.overall_FOM_free_R_set                   ? 
_refine.overall_FOM_work_R_set                   ? 
_refine.pdbx_refine_id                           'X-RAY DIFFRACTION' 
_refine.pdbx_TLS_residual_ADP_flag               'LIKELY RESIDUAL' 
_refine.pdbx_diffrn_id                           1 
_refine.pdbx_overall_phase_error                 ? 
_refine.pdbx_overall_SU_R_free_Cruickshank_DPI   ? 
_refine.pdbx_overall_SU_R_Blow_DPI               ? 
_refine.pdbx_overall_SU_R_free_Blow_DPI          ? 
# 
_refine_hist.pdbx_refine_id                   'X-RAY DIFFRACTION' 
_refine_hist.cycle_id                         LAST 
_refine_hist.pdbx_number_atoms_protein        954 
_refine_hist.pdbx_number_atoms_nucleic_acid   0 
_refine_hist.pdbx_number_atoms_ligand         3 
_refine_hist.number_atoms_solvent             8 
_refine_hist.number_atoms_total               965 
_refine_hist.d_res_high                       2.699 
_refine_hist.d_res_low                        33.690 
# 
loop_
_refine_ls_restr.type 
_refine_ls_restr.number 
_refine_ls_restr.dev_ideal 
_refine_ls_restr.dev_ideal_target 
_refine_ls_restr.weight 
_refine_ls_restr.pdbx_refine_id 
_refine_ls_restr.pdbx_restraint_function 
r_bond_refined_d         982  0.014  0.021  ? 'X-RAY DIFFRACTION' ? 
r_angle_refined_deg      1317 1.389  1.902  ? 'X-RAY DIFFRACTION' ? 
r_dihedral_angle_1_deg   128  6.662  5.000  ? 'X-RAY DIFFRACTION' ? 
r_dihedral_angle_2_deg   43   29.011 22.093 ? 'X-RAY DIFFRACTION' ? 
r_dihedral_angle_3_deg   144  18.209 15.000 ? 'X-RAY DIFFRACTION' ? 
r_dihedral_angle_4_deg   9    16.251 15.000 ? 'X-RAY DIFFRACTION' ? 
r_chiral_restr           156  0.096  0.200  ? 'X-RAY DIFFRACTION' ? 
r_gen_planes_refined     736  0.004  0.020  ? 'X-RAY DIFFRACTION' ? 
r_nbd_refined            329  0.220  0.200  ? 'X-RAY DIFFRACTION' ? 
r_nbtor_refined          651  0.286  0.200  ? 'X-RAY DIFFRACTION' ? 
r_xyhbond_nbd_refined    17   0.123  0.200  ? 'X-RAY DIFFRACTION' ? 
r_symmetry_vdw_refined   28   0.165  0.200  ? 'X-RAY DIFFRACTION' ? 
r_symmetry_hbond_refined 4    0.141  0.200  ? 'X-RAY DIFFRACTION' ? 
r_mcbond_it              647  0.526  1.500  ? 'X-RAY DIFFRACTION' ? 
r_mcangle_it             1004 0.926  2.000  ? 'X-RAY DIFFRACTION' ? 
r_scbond_it              364  2.260  3.000  ? 'X-RAY DIFFRACTION' ? 
r_scangle_it             313  2.707  4.500  ? 'X-RAY DIFFRACTION' ? 
# 
_refine_ls_shell.d_res_high                       2.699 
_refine_ls_shell.d_res_low                        2.769 
_refine_ls_shell.pdbx_total_number_of_bins_used   20 
_refine_ls_shell.percent_reflns_obs               100.000 
_refine_ls_shell.number_reflns_R_work             350 
_refine_ls_shell.R_factor_all                     ? 
_refine_ls_shell.R_factor_R_work                  0.298 
_refine_ls_shell.R_factor_R_free                  0.38 
_refine_ls_shell.percent_reflns_R_free            ? 
_refine_ls_shell.number_reflns_R_free             19 
_refine_ls_shell.R_factor_R_free_error            ? 
_refine_ls_shell.number_reflns_all                ? 
_refine_ls_shell.number_reflns_obs                369 
_refine_ls_shell.redundancy_reflns_obs            ? 
_refine_ls_shell.pdbx_refine_id                   'X-RAY DIFFRACTION' 
# 
_struct.entry_id                  2O03 
_struct.title                     'Crystal structure of FurB from M. tuberculosis- a Zinc uptake regulator' 
_struct.pdbx_model_details        ? 
_struct.pdbx_CASP_flag            ? 
_struct.pdbx_model_type_details   ? 
# 
_struct_keywords.entry_id        2O03 
_struct_keywords.pdbx_keywords   'GENE REGULATION' 
_struct_keywords.text            'Zinc uptake, DNA-binding, helix-turn-helix, Zinc binding, GENE REGULATION' 
# 
loop_
_struct_asym.id 
_struct_asym.pdbx_blank_PDB_chainid_flag 
_struct_asym.pdbx_modified 
_struct_asym.entity_id 
_struct_asym.details 
A N N 1 ? 
B N N 2 ? 
C N N 2 ? 
D N N 2 ? 
E N N 3 ? 
# 
_struct_ref.id                         1 
_struct_ref.db_name                    UNP 
_struct_ref.db_code                    O05839_MYCTU 
_struct_ref.pdbx_db_accession          O05839 
_struct_ref.entity_id                  1 
_struct_ref.pdbx_seq_one_letter_code   
;SAAGVRSTRQRAAISTLLETLDDFRSAQELHDELRRRGENIGLTTVYRTLQSMASSGLVDTLHTDTGESVYRRCSEHHHH
HLVCRSCGSTIEVGDHEVEAWAAEVATKHGFSDVSHTIEIFGTCSDCRS
;
_struct_ref.pdbx_align_begin           2 
_struct_ref.pdbx_db_isoform            ? 
# 
_struct_ref_seq.align_id                      1 
_struct_ref_seq.ref_id                        1 
_struct_ref_seq.pdbx_PDB_id_code              2O03 
_struct_ref_seq.pdbx_strand_id                A 
_struct_ref_seq.seq_align_beg                 3 
_struct_ref_seq.pdbx_seq_align_beg_ins_code   ? 
_struct_ref_seq.seq_align_end                 131 
_struct_ref_seq.pdbx_seq_align_end_ins_code   ? 
_struct_ref_seq.pdbx_db_accession             O05839 
_struct_ref_seq.db_align_beg                  2 
_struct_ref_seq.pdbx_db_align_beg_ins_code    ? 
_struct_ref_seq.db_align_end                  130 
_struct_ref_seq.pdbx_db_align_end_ins_code    ? 
_struct_ref_seq.pdbx_auth_seq_align_beg       3 
_struct_ref_seq.pdbx_auth_seq_align_end       131 
# 
loop_
_struct_ref_seq_dif.align_id 
_struct_ref_seq_dif.pdbx_pdb_id_code 
_struct_ref_seq_dif.mon_id 
_struct_ref_seq_dif.pdbx_pdb_strand_id 
_struct_ref_seq_dif.seq_num 
_struct_ref_seq_dif.pdbx_pdb_ins_code 
_struct_ref_seq_dif.pdbx_seq_db_name 
_struct_ref_seq_dif.pdbx_seq_db_accession_code 
_struct_ref_seq_dif.db_mon_id 
_struct_ref_seq_dif.pdbx_seq_db_seq_num 
_struct_ref_seq_dif.details 
_struct_ref_seq_dif.pdbx_auth_seq_num 
_struct_ref_seq_dif.pdbx_ordinal 
1 2O03 MET A 1 ? UNP O05839 ? ? 'cloning artifact' 1 1 
1 2O03 ALA A 2 ? UNP O05839 ? ? 'cloning artifact' 2 2 
# 
_pdbx_struct_assembly.id                   1 
_pdbx_struct_assembly.details              author_and_software_defined_assembly 
_pdbx_struct_assembly.method_details       PISA,PQS 
_pdbx_struct_assembly.oligomeric_details   dimeric 
_pdbx_struct_assembly.oligomeric_count     2 
# 
loop_
_pdbx_struct_assembly_prop.biol_id 
_pdbx_struct_assembly_prop.type 
_pdbx_struct_assembly_prop.value 
_pdbx_struct_assembly_prop.details 
1 'ABSA (A^2)' 2780  ? 
1 MORE         -20   ? 
1 'SSA (A^2)'  14830 ? 
# 
_pdbx_struct_assembly_gen.assembly_id       1 
_pdbx_struct_assembly_gen.oper_expression   1,2 
_pdbx_struct_assembly_gen.asym_id_list      A,B,C,D,E 
# 
loop_
_pdbx_struct_oper_list.id 
_pdbx_struct_oper_list.type 
_pdbx_struct_oper_list.name 
_pdbx_struct_oper_list.symmetry_operation 
_pdbx_struct_oper_list.matrix[1][1] 
_pdbx_struct_oper_list.matrix[1][2] 
_pdbx_struct_oper_list.matrix[1][3] 
_pdbx_struct_oper_list.vector[1] 
_pdbx_struct_oper_list.matrix[2][1] 
_pdbx_struct_oper_list.matrix[2][2] 
_pdbx_struct_oper_list.matrix[2][3] 
_pdbx_struct_oper_list.vector[2] 
_pdbx_struct_oper_list.matrix[3][1] 
_pdbx_struct_oper_list.matrix[3][2] 
_pdbx_struct_oper_list.matrix[3][3] 
_pdbx_struct_oper_list.vector[3] 
1 'identity operation'         1_555 x,y,z            1.0000000000 0.0000000000  0.0000000000  0.0000000000   0.0000000000  1.0000000000  0.0000000000 0.0000000000  0.0000000000  0.0000000000 1.0000000000  0.0000000000   
2 'crystal symmetry operation' 8_665 -y+1,-x+1,-z+1/2 0.3423796534 -0.7905975019 -0.5076728897 -17.0746824794 -0.7905975019 -0.5343758314 0.2989950849 -8.0820714942 -0.5076728897 0.2989950849 -0.8080038220 -32.5623864314 
# 
_struct_biol.id                    1 
_struct_biol.details               
;The second part of the biological assembly is generated 
by the two fold axis:  -y,-x,1/2-z.
;
_struct_biol.pdbx_parent_biol_id   ? 
# 
loop_
_struct_conf.conf_type_id 
_struct_conf.id 
_struct_conf.pdbx_PDB_helix_id 
_struct_conf.beg_label_comp_id 
_struct_conf.beg_label_asym_id 
_struct_conf.beg_label_seq_id 
_struct_conf.pdbx_beg_PDB_ins_code 
_struct_conf.end_label_comp_id 
_struct_conf.end_label_asym_id 
_struct_conf.end_label_seq_id 
_struct_conf.pdbx_end_PDB_ins_code 
_struct_conf.beg_auth_comp_id 
_struct_conf.beg_auth_asym_id 
_struct_conf.beg_auth_seq_id 
_struct_conf.end_auth_comp_id 
_struct_conf.end_auth_asym_id 
_struct_conf.end_auth_seq_id 
_struct_conf.pdbx_PDB_helix_class 
_struct_conf.details 
_struct_conf.pdbx_PDB_helix_length 
HELX_P HELX_P1 1 ALA A 5  ? LEU A 23  ? ALA A 5  LEU A 23  1 ? 19 
HELX_P HELX_P2 2 ALA A 29 ? ARG A 39  ? ALA A 29 ARG A 39  1 ? 11 
HELX_P HELX_P3 3 GLY A 44 ? SER A 57  ? GLY A 44 SER A 57  1 ? 14 
HELX_P HELX_P4 4 ASP A 97 ? HIS A 111 ? ASP A 97 HIS A 111 1 ? 15 
# 
_struct_conf_type.id          HELX_P 
_struct_conf_type.criteria    ? 
_struct_conf_type.reference   ? 
# 
loop_
_struct_conn.id 
_struct_conn.conn_type_id 
_struct_conn.pdbx_leaving_atom_flag 
_struct_conn.pdbx_PDB_id 
_struct_conn.ptnr1_label_asym_id 
_struct_conn.ptnr1_label_comp_id 
_struct_conn.ptnr1_label_seq_id 
_struct_conn.ptnr1_label_atom_id 
_struct_conn.pdbx_ptnr1_label_alt_id 
_struct_conn.pdbx_ptnr1_PDB_ins_code 
_struct_conn.pdbx_ptnr1_standard_comp_id 
_struct_conn.ptnr1_symmetry 
_struct_conn.ptnr2_label_asym_id 
_struct_conn.ptnr2_label_comp_id 
_struct_conn.ptnr2_label_seq_id 
_struct_conn.ptnr2_label_atom_id 
_struct_conn.pdbx_ptnr2_label_alt_id 
_struct_conn.pdbx_ptnr2_PDB_ins_code 
_struct_conn.ptnr1_auth_asym_id 
_struct_conn.ptnr1_auth_comp_id 
_struct_conn.ptnr1_auth_seq_id 
_struct_conn.ptnr2_auth_asym_id 
_struct_conn.ptnr2_auth_comp_id 
_struct_conn.ptnr2_auth_seq_id 
_struct_conn.ptnr2_symmetry 
_struct_conn.pdbx_ptnr3_label_atom_id 
_struct_conn.pdbx_ptnr3_label_seq_id 
_struct_conn.pdbx_ptnr3_label_comp_id 
_struct_conn.pdbx_ptnr3_label_asym_id 
_struct_conn.pdbx_ptnr3_label_alt_id 
_struct_conn.pdbx_ptnr3_PDB_ins_code 
_struct_conn.details 
_struct_conn.pdbx_dist_value 
_struct_conn.pdbx_value_order 
_struct_conn.pdbx_role 
metalc1  metalc ? ? A ASP 62  OD2 ? ? ? 1_555 B ZN . ZN ? ? A ASP 62  A ZN 201 1_555 ? ? ? ? ? ? ? 2.002 ? ? 
metalc2  metalc ? ? A CYS 76  SG  ? ? ? 1_555 B ZN . ZN ? ? A CYS 76  A ZN 201 1_555 ? ? ? ? ? ? ? 2.348 ? ? 
metalc3  metalc ? ? A HIS 80  NE2 ? ? ? 1_555 D ZN . ZN ? ? A HIS 80  A ZN 203 1_555 ? ? ? ? ? ? ? 2.077 ? ? 
metalc4  metalc ? ? A HIS 81  NE2 ? ? ? 1_555 B ZN . ZN ? ? A HIS 81  A ZN 201 1_555 ? ? ? ? ? ? ? 2.124 ? ? 
metalc5  metalc ? ? A HIS 82  NE2 ? ? ? 1_555 D ZN . ZN ? ? A HIS 82  A ZN 203 1_555 ? ? ? ? ? ? ? 2.058 ? ? 
metalc6  metalc ? ? A HIS 83  NE2 ? ? ? 1_555 B ZN . ZN ? ? A HIS 83  A ZN 201 1_555 ? ? ? ? ? ? ? 2.039 ? ? 
metalc7  metalc ? ? A CYS 86  SG  ? ? ? 1_555 C ZN . ZN ? ? A CYS 86  A ZN 202 1_555 ? ? ? ? ? ? ? 2.330 ? ? 
metalc8  metalc ? ? A CYS 89  SG  ? ? ? 1_555 C ZN . ZN ? ? A CYS 89  A ZN 202 1_555 ? ? ? ? ? ? ? 2.387 ? ? 
metalc9  metalc ? ? A GLU 101 OE2 ? ? ? 1_555 D ZN . ZN ? ? A GLU 101 A ZN 203 1_555 ? ? ? ? ? ? ? 2.380 ? ? 
metalc10 metalc ? ? A GLU 101 OE1 ? ? ? 1_555 D ZN . ZN ? ? A GLU 101 A ZN 203 1_555 ? ? ? ? ? ? ? 2.009 ? ? 
metalc11 metalc ? ? A HIS 118 NE2 ? ? ? 1_555 D ZN . ZN ? ? A HIS 118 A ZN 203 1_555 ? ? ? ? ? ? ? 2.085 ? ? 
metalc12 metalc ? ? A CYS 126 SG  ? ? ? 1_555 C ZN . ZN ? ? A CYS 126 A ZN 202 1_555 ? ? ? ? ? ? ? 2.395 ? ? 
metalc13 metalc ? ? A CYS 129 SG  ? ? ? 1_555 C ZN . ZN ? ? A CYS 129 A ZN 202 1_555 ? ? ? ? ? ? ? 2.388 ? ? 
# 
_struct_conn_type.id          metalc 
_struct_conn_type.criteria    ? 
_struct_conn_type.reference   ? 
# 
loop_
_pdbx_struct_conn_angle.id 
_pdbx_struct_conn_angle.ptnr1_label_atom_id 
_pdbx_struct_conn_angle.ptnr1_label_alt_id 
_pdbx_struct_conn_angle.ptnr1_label_asym_id 
_pdbx_struct_conn_angle.ptnr1_label_comp_id 
_pdbx_struct_conn_angle.ptnr1_label_seq_id 
_pdbx_struct_conn_angle.ptnr1_auth_atom_id 
_pdbx_struct_conn_angle.ptnr1_auth_asym_id 
_pdbx_struct_conn_angle.ptnr1_auth_comp_id 
_pdbx_struct_conn_angle.ptnr1_auth_seq_id 
_pdbx_struct_conn_angle.ptnr1_PDB_ins_code 
_pdbx_struct_conn_angle.ptnr1_symmetry 
_pdbx_struct_conn_angle.ptnr2_label_atom_id 
_pdbx_struct_conn_angle.ptnr2_label_alt_id 
_pdbx_struct_conn_angle.ptnr2_label_asym_id 
_pdbx_struct_conn_angle.ptnr2_label_comp_id 
_pdbx_struct_conn_angle.ptnr2_label_seq_id 
_pdbx_struct_conn_angle.ptnr2_auth_atom_id 
_pdbx_struct_conn_angle.ptnr2_auth_asym_id 
_pdbx_struct_conn_angle.ptnr2_auth_comp_id 
_pdbx_struct_conn_angle.ptnr2_auth_seq_id 
_pdbx_struct_conn_angle.ptnr2_PDB_ins_code 
_pdbx_struct_conn_angle.ptnr2_symmetry 
_pdbx_struct_conn_angle.ptnr3_label_atom_id 
_pdbx_struct_conn_angle.ptnr3_label_alt_id 
_pdbx_struct_conn_angle.ptnr3_label_asym_id 
_pdbx_struct_conn_angle.ptnr3_label_comp_id 
_pdbx_struct_conn_angle.ptnr3_label_seq_id 
_pdbx_struct_conn_angle.ptnr3_auth_atom_id 
_pdbx_struct_conn_angle.ptnr3_auth_asym_id 
_pdbx_struct_conn_angle.ptnr3_auth_comp_id 
_pdbx_struct_conn_angle.ptnr3_auth_seq_id 
_pdbx_struct_conn_angle.ptnr3_PDB_ins_code 
_pdbx_struct_conn_angle.ptnr3_symmetry 
_pdbx_struct_conn_angle.value 
_pdbx_struct_conn_angle.value_esd 
1  OD2 ? A ASP 62  ? A ASP 62  ? 1_555 ZN ? B ZN . ? A ZN 201 ? 1_555 SG  ? A CYS 76  ? A CYS 76  ? 1_555 114.9 ? 
2  OD2 ? A ASP 62  ? A ASP 62  ? 1_555 ZN ? B ZN . ? A ZN 201 ? 1_555 NE2 ? A HIS 81  ? A HIS 81  ? 1_555 109.9 ? 
3  SG  ? A CYS 76  ? A CYS 76  ? 1_555 ZN ? B ZN . ? A ZN 201 ? 1_555 NE2 ? A HIS 81  ? A HIS 81  ? 1_555 101.1 ? 
4  OD2 ? A ASP 62  ? A ASP 62  ? 1_555 ZN ? B ZN . ? A ZN 201 ? 1_555 NE2 ? A HIS 83  ? A HIS 83  ? 1_555 126.0 ? 
5  SG  ? A CYS 76  ? A CYS 76  ? 1_555 ZN ? B ZN . ? A ZN 201 ? 1_555 NE2 ? A HIS 83  ? A HIS 83  ? 1_555 104.2 ? 
6  NE2 ? A HIS 81  ? A HIS 81  ? 1_555 ZN ? B ZN . ? A ZN 201 ? 1_555 NE2 ? A HIS 83  ? A HIS 83  ? 1_555 96.7  ? 
7  NE2 ? A HIS 80  ? A HIS 80  ? 1_555 ZN ? D ZN . ? A ZN 203 ? 1_555 NE2 ? A HIS 82  ? A HIS 82  ? 1_555 111.6 ? 
8  NE2 ? A HIS 80  ? A HIS 80  ? 1_555 ZN ? D ZN . ? A ZN 203 ? 1_555 OE2 ? A GLU 101 ? A GLU 101 ? 1_555 68.9  ? 
9  NE2 ? A HIS 82  ? A HIS 82  ? 1_555 ZN ? D ZN . ? A ZN 203 ? 1_555 OE2 ? A GLU 101 ? A GLU 101 ? 1_555 177.3 ? 
10 NE2 ? A HIS 80  ? A HIS 80  ? 1_555 ZN ? D ZN . ? A ZN 203 ? 1_555 OE1 ? A GLU 101 ? A GLU 101 ? 1_555 112.7 ? 
11 NE2 ? A HIS 82  ? A HIS 82  ? 1_555 ZN ? D ZN . ? A ZN 203 ? 1_555 OE1 ? A GLU 101 ? A GLU 101 ? 1_555 118.3 ? 
12 OE2 ? A GLU 101 ? A GLU 101 ? 1_555 ZN ? D ZN . ? A ZN 203 ? 1_555 OE1 ? A GLU 101 ? A GLU 101 ? 1_555 59.4  ? 
13 NE2 ? A HIS 80  ? A HIS 80  ? 1_555 ZN ? D ZN . ? A ZN 203 ? 1_555 NE2 ? A HIS 118 ? A HIS 118 ? 1_555 105.5 ? 
14 NE2 ? A HIS 82  ? A HIS 82  ? 1_555 ZN ? D ZN . ? A ZN 203 ? 1_555 NE2 ? A HIS 118 ? A HIS 118 ? 1_555 90.0  ? 
15 OE2 ? A GLU 101 ? A GLU 101 ? 1_555 ZN ? D ZN . ? A ZN 203 ? 1_555 NE2 ? A HIS 118 ? A HIS 118 ? 1_555 92.5  ? 
16 OE1 ? A GLU 101 ? A GLU 101 ? 1_555 ZN ? D ZN . ? A ZN 203 ? 1_555 NE2 ? A HIS 118 ? A HIS 118 ? 1_555 116.2 ? 
17 SG  ? A CYS 86  ? A CYS 86  ? 1_555 ZN ? C ZN . ? A ZN 202 ? 1_555 SG  ? A CYS 89  ? A CYS 89  ? 1_555 112.0 ? 
18 SG  ? A CYS 86  ? A CYS 86  ? 1_555 ZN ? C ZN . ? A ZN 202 ? 1_555 SG  ? A CYS 126 ? A CYS 126 ? 1_555 100.6 ? 
19 SG  ? A CYS 89  ? A CYS 89  ? 1_555 ZN ? C ZN . ? A ZN 202 ? 1_555 SG  ? A CYS 126 ? A CYS 126 ? 1_555 119.0 ? 
20 SG  ? A CYS 86  ? A CYS 86  ? 1_555 ZN ? C ZN . ? A ZN 202 ? 1_555 SG  ? A CYS 129 ? A CYS 129 ? 1_555 109.9 ? 
21 SG  ? A CYS 89  ? A CYS 89  ? 1_555 ZN ? C ZN . ? A ZN 202 ? 1_555 SG  ? A CYS 129 ? A CYS 129 ? 1_555 109.0 ? 
22 SG  ? A CYS 126 ? A CYS 126 ? 1_555 ZN ? C ZN . ? A ZN 202 ? 1_555 SG  ? A CYS 129 ? A CYS 129 ? 1_555 105.9 ? 
# 
loop_
_struct_sheet.id 
_struct_sheet.type 
_struct_sheet.number_strands 
_struct_sheet.details 
A ? 3 ? 
B ? 3 ? 
# 
loop_
_struct_sheet_order.sheet_id 
_struct_sheet_order.range_id_1 
_struct_sheet_order.range_id_2 
_struct_sheet_order.offset 
_struct_sheet_order.sense 
A 1 2 ? anti-parallel 
A 2 3 ? anti-parallel 
B 1 2 ? anti-parallel 
B 2 3 ? parallel      
# 
loop_
_struct_sheet_range.sheet_id 
_struct_sheet_range.id 
_struct_sheet_range.beg_label_comp_id 
_struct_sheet_range.beg_label_asym_id 
_struct_sheet_range.beg_label_seq_id 
_struct_sheet_range.pdbx_beg_PDB_ins_code 
_struct_sheet_range.end_label_comp_id 
_struct_sheet_range.end_label_asym_id 
_struct_sheet_range.end_label_seq_id 
_struct_sheet_range.pdbx_end_PDB_ins_code 
_struct_sheet_range.beg_auth_comp_id 
_struct_sheet_range.beg_auth_asym_id 
_struct_sheet_range.beg_auth_seq_id 
_struct_sheet_range.end_auth_comp_id 
_struct_sheet_range.end_auth_asym_id 
_struct_sheet_range.end_auth_seq_id 
A 1 ARG A 27  ? SER A 28  ? ARG A 27  SER A 28  
A 2 SER A 71  ? ARG A 75  ? SER A 71  ARG A 75  
A 3 VAL A 61  ? HIS A 65  ? VAL A 61  HIS A 65  
B 1 THR A 92  ? VAL A 95  ? THR A 92  VAL A 95  
B 2 HIS A 82  ? CYS A 86  ? HIS A 82  CYS A 86  
B 3 GLU A 121 ? GLY A 124 ? GLU A 121 GLY A 124 
# 
loop_
_pdbx_struct_sheet_hbond.sheet_id 
_pdbx_struct_sheet_hbond.range_id_1 
_pdbx_struct_sheet_hbond.range_id_2 
_pdbx_struct_sheet_hbond.range_1_label_atom_id 
_pdbx_struct_sheet_hbond.range_1_label_comp_id 
_pdbx_struct_sheet_hbond.range_1_label_asym_id 
_pdbx_struct_sheet_hbond.range_1_label_seq_id 
_pdbx_struct_sheet_hbond.range_1_PDB_ins_code 
_pdbx_struct_sheet_hbond.range_1_auth_atom_id 
_pdbx_struct_sheet_hbond.range_1_auth_comp_id 
_pdbx_struct_sheet_hbond.range_1_auth_asym_id 
_pdbx_struct_sheet_hbond.range_1_auth_seq_id 
_pdbx_struct_sheet_hbond.range_2_label_atom_id 
_pdbx_struct_sheet_hbond.range_2_label_comp_id 
_pdbx_struct_sheet_hbond.range_2_label_asym_id 
_pdbx_struct_sheet_hbond.range_2_label_seq_id 
_pdbx_struct_sheet_hbond.range_2_PDB_ins_code 
_pdbx_struct_sheet_hbond.range_2_auth_atom_id 
_pdbx_struct_sheet_hbond.range_2_auth_comp_id 
_pdbx_struct_sheet_hbond.range_2_auth_asym_id 
_pdbx_struct_sheet_hbond.range_2_auth_seq_id 
A 1 2 N ARG A 27 ? N ARG A 27 O TYR A 73  ? O TYR A 73  
A 2 3 O ARG A 74 ? O ARG A 74 N ASP A 62  ? N ASP A 62  
B 1 2 O VAL A 95 ? O VAL A 95 N HIS A 82  ? N HIS A 82  
B 2 3 N HIS A 83 ? N HIS A 83 O ILE A 122 ? O ILE A 122 
# 
loop_
_struct_site.id 
_struct_site.pdbx_evidence_code 
_struct_site.pdbx_auth_asym_id 
_struct_site.pdbx_auth_comp_id 
_struct_site.pdbx_auth_seq_id 
_struct_site.pdbx_auth_ins_code 
_struct_site.pdbx_num_residues 
_struct_site.details 
AC1 Software A ZN 201 ? 4 'BINDING SITE FOR RESIDUE ZN A 201' 
AC2 Software A ZN 202 ? 4 'BINDING SITE FOR RESIDUE ZN A 202' 
AC3 Software A ZN 203 ? 4 'BINDING SITE FOR RESIDUE ZN A 203' 
# 
loop_
_struct_site_gen.id 
_struct_site_gen.site_id 
_struct_site_gen.pdbx_num_res 
_struct_site_gen.label_comp_id 
_struct_site_gen.label_asym_id 
_struct_site_gen.label_seq_id 
_struct_site_gen.pdbx_auth_ins_code 
_struct_site_gen.auth_comp_id 
_struct_site_gen.auth_asym_id 
_struct_site_gen.auth_seq_id 
_struct_site_gen.label_atom_id 
_struct_site_gen.label_alt_id 
_struct_site_gen.symmetry 
_struct_site_gen.details 
1  AC1 4 ASP A 62  ? ASP A 62  . ? 1_555 ? 
2  AC1 4 CYS A 76  ? CYS A 76  . ? 1_555 ? 
3  AC1 4 HIS A 81  ? HIS A 81  . ? 1_555 ? 
4  AC1 4 HIS A 83  ? HIS A 83  . ? 1_555 ? 
5  AC2 4 CYS A 86  ? CYS A 86  . ? 1_555 ? 
6  AC2 4 CYS A 89  ? CYS A 89  . ? 1_555 ? 
7  AC2 4 CYS A 126 ? CYS A 126 . ? 1_555 ? 
8  AC2 4 CYS A 129 ? CYS A 129 . ? 1_555 ? 
9  AC3 4 HIS A 80  ? HIS A 80  . ? 1_555 ? 
10 AC3 4 HIS A 82  ? HIS A 82  . ? 1_555 ? 
11 AC3 4 GLU A 101 ? GLU A 101 . ? 1_555 ? 
12 AC3 4 HIS A 118 ? HIS A 118 . ? 1_555 ? 
# 
loop_
_pdbx_validate_torsion.id 
_pdbx_validate_torsion.PDB_model_num 
_pdbx_validate_torsion.auth_comp_id 
_pdbx_validate_torsion.auth_asym_id 
_pdbx_validate_torsion.auth_seq_id 
_pdbx_validate_torsion.PDB_ins_code 
_pdbx_validate_torsion.label_alt_id 
_pdbx_validate_torsion.phi 
_pdbx_validate_torsion.psi 
1 1 GLU A 78 ? ? 69.97  -41.44 
2 1 ASP A 97 ? ? 179.27 129.90 
# 
loop_
_pdbx_refine_tls.id 
_pdbx_refine_tls.details 
_pdbx_refine_tls.method 
_pdbx_refine_tls.origin_x 
_pdbx_refine_tls.origin_y 
_pdbx_refine_tls.origin_z 
_pdbx_refine_tls.T[1][1] 
_pdbx_refine_tls.T[2][2] 
_pdbx_refine_tls.T[3][3] 
_pdbx_refine_tls.T[1][2] 
_pdbx_refine_tls.T[1][3] 
_pdbx_refine_tls.T[2][3] 
_pdbx_refine_tls.L[1][1] 
_pdbx_refine_tls.L[2][2] 
_pdbx_refine_tls.L[3][3] 
_pdbx_refine_tls.L[1][2] 
_pdbx_refine_tls.L[1][3] 
_pdbx_refine_tls.L[2][3] 
_pdbx_refine_tls.S[1][1] 
_pdbx_refine_tls.S[2][2] 
_pdbx_refine_tls.S[3][3] 
_pdbx_refine_tls.S[1][2] 
_pdbx_refine_tls.S[1][3] 
_pdbx_refine_tls.S[2][3] 
_pdbx_refine_tls.S[2][1] 
_pdbx_refine_tls.S[3][1] 
_pdbx_refine_tls.S[3][2] 
_pdbx_refine_tls.pdbx_refine_id 
1 ? refined 2.2388  3.1757  10.2690  -0.2091 -0.0467 -0.2156 0.0356 0.0144  0.0958  9.9920 7.1048 11.5915 3.6423  3.8657 0.0335 0.2254 -0.0754 -0.1500 0.4331 0.1406  0.2400  0.1697  -0.1624 -0.2250 'X-RAY DIFFRACTION' 
2 ? refined -2.0780 -4.8065 -13.8119 0.0202  0.3733  0.0115  0.1058 -0.0861 -0.1686 4.5023 1.5749 9.6953  -0.5751 1.4042 1.0464 0.1005 0.1725  -0.2731 0.7093 -0.3182 -0.6189 -0.0335 0.2186  1.6031  'X-RAY DIFFRACTION' 
# 
loop_
_pdbx_refine_tls_group.id 
_pdbx_refine_tls_group.refine_tls_id 
_pdbx_refine_tls_group.beg_label_asym_id 
_pdbx_refine_tls_group.beg_label_seq_id 
_pdbx_refine_tls_group.end_label_asym_id 
_pdbx_refine_tls_group.end_label_seq_id 
_pdbx_refine_tls_group.selection 
_pdbx_refine_tls_group.beg_auth_asym_id 
_pdbx_refine_tls_group.beg_auth_seq_id 
_pdbx_refine_tls_group.end_auth_asym_id 
_pdbx_refine_tls_group.end_auth_seq_id 
_pdbx_refine_tls_group.pdbx_refine_id 
_pdbx_refine_tls_group.selection_details 
1 1 A 2  A 75  ALL A 2  A 75  'X-RAY DIFFRACTION' ? 
2 2 A 76 A 130 ALL A 76 A 130 'X-RAY DIFFRACTION' ? 
# 
loop_
_pdbx_unobs_or_zero_occ_residues.id 
_pdbx_unobs_or_zero_occ_residues.PDB_model_num 
_pdbx_unobs_or_zero_occ_residues.polymer_flag 
_pdbx_unobs_or_zero_occ_residues.occupancy_flag 
_pdbx_unobs_or_zero_occ_residues.auth_asym_id 
_pdbx_unobs_or_zero_occ_residues.auth_comp_id 
_pdbx_unobs_or_zero_occ_residues.auth_seq_id 
_pdbx_unobs_or_zero_occ_residues.PDB_ins_code 
_pdbx_unobs_or_zero_occ_residues.label_asym_id 
_pdbx_unobs_or_zero_occ_residues.label_comp_id 
_pdbx_unobs_or_zero_occ_residues.label_seq_id 
1 1 Y 1 A MET 1   ? A MET 1   
2 1 Y 1 A SER 131 ? A SER 131 
# 
loop_
_chem_comp_atom.comp_id 
_chem_comp_atom.atom_id 
_chem_comp_atom.type_symbol 
_chem_comp_atom.pdbx_aromatic_flag 
_chem_comp_atom.pdbx_stereo_config 
_chem_comp_atom.pdbx_ordinal 
ALA N    N  N N 1   
ALA CA   C  N S 2   
ALA C    C  N N 3   
ALA O    O  N N 4   
ALA CB   C  N N 5   
ALA OXT  O  N N 6   
ALA H    H  N N 7   
ALA H2   H  N N 8   
ALA HA   H  N N 9   
ALA HB1  H  N N 10  
ALA HB2  H  N N 11  
ALA HB3  H  N N 12  
ALA HXT  H  N N 13  
ARG N    N  N N 14  
ARG CA   C  N S 15  
ARG C    C  N N 16  
ARG O    O  N N 17  
ARG CB   C  N N 18  
ARG CG   C  N N 19  
ARG CD   C  N N 20  
ARG NE   N  N N 21  
ARG CZ   C  N N 22  
ARG NH1  N  N N 23  
ARG NH2  N  N N 24  
ARG OXT  O  N N 25  
ARG H    H  N N 26  
ARG H2   H  N N 27  
ARG HA   H  N N 28  
ARG HB2  H  N N 29  
ARG HB3  H  N N 30  
ARG HG2  H  N N 31  
ARG HG3  H  N N 32  
ARG HD2  H  N N 33  
ARG HD3  H  N N 34  
ARG HE   H  N N 35  
ARG HH11 H  N N 36  
ARG HH12 H  N N 37  
ARG HH21 H  N N 38  
ARG HH22 H  N N 39  
ARG HXT  H  N N 40  
ASN N    N  N N 41  
ASN CA   C  N S 42  
ASN C    C  N N 43  
ASN O    O  N N 44  
ASN CB   C  N N 45  
ASN CG   C  N N 46  
ASN OD1  O  N N 47  
ASN ND2  N  N N 48  
ASN OXT  O  N N 49  
ASN H    H  N N 50  
ASN H2   H  N N 51  
ASN HA   H  N N 52  
ASN HB2  H  N N 53  
ASN HB3  H  N N 54  
ASN HD21 H  N N 55  
ASN HD22 H  N N 56  
ASN HXT  H  N N 57  
ASP N    N  N N 58  
ASP CA   C  N S 59  
ASP C    C  N N 60  
ASP O    O  N N 61  
ASP CB   C  N N 62  
ASP CG   C  N N 63  
ASP OD1  O  N N 64  
ASP OD2  O  N N 65  
ASP OXT  O  N N 66  
ASP H    H  N N 67  
ASP H2   H  N N 68  
ASP HA   H  N N 69  
ASP HB2  H  N N 70  
ASP HB3  H  N N 71  
ASP HD2  H  N N 72  
ASP HXT  H  N N 73  
CYS N    N  N N 74  
CYS CA   C  N R 75  
CYS C    C  N N 76  
CYS O    O  N N 77  
CYS CB   C  N N 78  
CYS SG   S  N N 79  
CYS OXT  O  N N 80  
CYS H    H  N N 81  
CYS H2   H  N N 82  
CYS HA   H  N N 83  
CYS HB2  H  N N 84  
CYS HB3  H  N N 85  
CYS HG   H  N N 86  
CYS HXT  H  N N 87  
GLN N    N  N N 88  
GLN CA   C  N S 89  
GLN C    C  N N 90  
GLN O    O  N N 91  
GLN CB   C  N N 92  
GLN CG   C  N N 93  
GLN CD   C  N N 94  
GLN OE1  O  N N 95  
GLN NE2  N  N N 96  
GLN OXT  O  N N 97  
GLN H    H  N N 98  
GLN H2   H  N N 99  
GLN HA   H  N N 100 
GLN HB2  H  N N 101 
GLN HB3  H  N N 102 
GLN HG2  H  N N 103 
GLN HG3  H  N N 104 
GLN HE21 H  N N 105 
GLN HE22 H  N N 106 
GLN HXT  H  N N 107 
GLU N    N  N N 108 
GLU CA   C  N S 109 
GLU C    C  N N 110 
GLU O    O  N N 111 
GLU CB   C  N N 112 
GLU CG   C  N N 113 
GLU CD   C  N N 114 
GLU OE1  O  N N 115 
GLU OE2  O  N N 116 
GLU OXT  O  N N 117 
GLU H    H  N N 118 
GLU H2   H  N N 119 
GLU HA   H  N N 120 
GLU HB2  H  N N 121 
GLU HB3  H  N N 122 
GLU HG2  H  N N 123 
GLU HG3  H  N N 124 
GLU HE2  H  N N 125 
GLU HXT  H  N N 126 
GLY N    N  N N 127 
GLY CA   C  N N 128 
GLY C    C  N N 129 
GLY O    O  N N 130 
GLY OXT  O  N N 131 
GLY H    H  N N 132 
GLY H2   H  N N 133 
GLY HA2  H  N N 134 
GLY HA3  H  N N 135 
GLY HXT  H  N N 136 
HIS N    N  N N 137 
HIS CA   C  N S 138 
HIS C    C  N N 139 
HIS O    O  N N 140 
HIS CB   C  N N 141 
HIS CG   C  Y N 142 
HIS ND1  N  Y N 143 
HIS CD2  C  Y N 144 
HIS CE1  C  Y N 145 
HIS NE2  N  Y N 146 
HIS OXT  O  N N 147 
HIS H    H  N N 148 
HIS H2   H  N N 149 
HIS HA   H  N N 150 
HIS HB2  H  N N 151 
HIS HB3  H  N N 152 
HIS HD1  H  N N 153 
HIS HD2  H  N N 154 
HIS HE1  H  N N 155 
HIS HE2  H  N N 156 
HIS HXT  H  N N 157 
HOH O    O  N N 158 
HOH H1   H  N N 159 
HOH H2   H  N N 160 
ILE N    N  N N 161 
ILE CA   C  N S 162 
ILE C    C  N N 163 
ILE O    O  N N 164 
ILE CB   C  N S 165 
ILE CG1  C  N N 166 
ILE CG2  C  N N 167 
ILE CD1  C  N N 168 
ILE OXT  O  N N 169 
ILE H    H  N N 170 
ILE H2   H  N N 171 
ILE HA   H  N N 172 
ILE HB   H  N N 173 
ILE HG12 H  N N 174 
ILE HG13 H  N N 175 
ILE HG21 H  N N 176 
ILE HG22 H  N N 177 
ILE HG23 H  N N 178 
ILE HD11 H  N N 179 
ILE HD12 H  N N 180 
ILE HD13 H  N N 181 
ILE HXT  H  N N 182 
LEU N    N  N N 183 
LEU CA   C  N S 184 
LEU C    C  N N 185 
LEU O    O  N N 186 
LEU CB   C  N N 187 
LEU CG   C  N N 188 
LEU CD1  C  N N 189 
LEU CD2  C  N N 190 
LEU OXT  O  N N 191 
LEU H    H  N N 192 
LEU H2   H  N N 193 
LEU HA   H  N N 194 
LEU HB2  H  N N 195 
LEU HB3  H  N N 196 
LEU HG   H  N N 197 
LEU HD11 H  N N 198 
LEU HD12 H  N N 199 
LEU HD13 H  N N 200 
LEU HD21 H  N N 201 
LEU HD22 H  N N 202 
LEU HD23 H  N N 203 
LEU HXT  H  N N 204 
LYS N    N  N N 205 
LYS CA   C  N S 206 
LYS C    C  N N 207 
LYS O    O  N N 208 
LYS CB   C  N N 209 
LYS CG   C  N N 210 
LYS CD   C  N N 211 
LYS CE   C  N N 212 
LYS NZ   N  N N 213 
LYS OXT  O  N N 214 
LYS H    H  N N 215 
LYS H2   H  N N 216 
LYS HA   H  N N 217 
LYS HB2  H  N N 218 
LYS HB3  H  N N 219 
LYS HG2  H  N N 220 
LYS HG3  H  N N 221 
LYS HD2  H  N N 222 
LYS HD3  H  N N 223 
LYS HE2  H  N N 224 
LYS HE3  H  N N 225 
LYS HZ1  H  N N 226 
LYS HZ2  H  N N 227 
LYS HZ3  H  N N 228 
LYS HXT  H  N N 229 
MET N    N  N N 230 
MET CA   C  N S 231 
MET C    C  N N 232 
MET O    O  N N 233 
MET CB   C  N N 234 
MET CG   C  N N 235 
MET SD   S  N N 236 
MET CE   C  N N 237 
MET OXT  O  N N 238 
MET H    H  N N 239 
MET H2   H  N N 240 
MET HA   H  N N 241 
MET HB2  H  N N 242 
MET HB3  H  N N 243 
MET HG2  H  N N 244 
MET HG3  H  N N 245 
MET HE1  H  N N 246 
MET HE2  H  N N 247 
MET HE3  H  N N 248 
MET HXT  H  N N 249 
PHE N    N  N N 250 
PHE CA   C  N S 251 
PHE C    C  N N 252 
PHE O    O  N N 253 
PHE CB   C  N N 254 
PHE CG   C  Y N 255 
PHE CD1  C  Y N 256 
PHE CD2  C  Y N 257 
PHE CE1  C  Y N 258 
PHE CE2  C  Y N 259 
PHE CZ   C  Y N 260 
PHE OXT  O  N N 261 
PHE H    H  N N 262 
PHE H2   H  N N 263 
PHE HA   H  N N 264 
PHE HB2  H  N N 265 
PHE HB3  H  N N 266 
PHE HD1  H  N N 267 
PHE HD2  H  N N 268 
PHE HE1  H  N N 269 
PHE HE2  H  N N 270 
PHE HZ   H  N N 271 
PHE HXT  H  N N 272 
SER N    N  N N 273 
SER CA   C  N S 274 
SER C    C  N N 275 
SER O    O  N N 276 
SER CB   C  N N 277 
SER OG   O  N N 278 
SER OXT  O  N N 279 
SER H    H  N N 280 
SER H2   H  N N 281 
SER HA   H  N N 282 
SER HB2  H  N N 283 
SER HB3  H  N N 284 
SER HG   H  N N 285 
SER HXT  H  N N 286 
THR N    N  N N 287 
THR CA   C  N S 288 
THR C    C  N N 289 
THR O    O  N N 290 
THR CB   C  N R 291 
THR OG1  O  N N 292 
THR CG2  C  N N 293 
THR OXT  O  N N 294 
THR H    H  N N 295 
THR H2   H  N N 296 
THR HA   H  N N 297 
THR HB   H  N N 298 
THR HG1  H  N N 299 
THR HG21 H  N N 300 
THR HG22 H  N N 301 
THR HG23 H  N N 302 
THR HXT  H  N N 303 
TRP N    N  N N 304 
TRP CA   C  N S 305 
TRP C    C  N N 306 
TRP O    O  N N 307 
TRP CB   C  N N 308 
TRP CG   C  Y N 309 
TRP CD1  C  Y N 310 
TRP CD2  C  Y N 311 
TRP NE1  N  Y N 312 
TRP CE2  C  Y N 313 
TRP CE3  C  Y N 314 
TRP CZ2  C  Y N 315 
TRP CZ3  C  Y N 316 
TRP CH2  C  Y N 317 
TRP OXT  O  N N 318 
TRP H    H  N N 319 
TRP H2   H  N N 320 
TRP HA   H  N N 321 
TRP HB2  H  N N 322 
TRP HB3  H  N N 323 
TRP HD1  H  N N 324 
TRP HE1  H  N N 325 
TRP HE3  H  N N 326 
TRP HZ2  H  N N 327 
TRP HZ3  H  N N 328 
TRP HH2  H  N N 329 
TRP HXT  H  N N 330 
TYR N    N  N N 331 
TYR CA   C  N S 332 
TYR C    C  N N 333 
TYR O    O  N N 334 
TYR CB   C  N N 335 
TYR CG   C  Y N 336 
TYR CD1  C  Y N 337 
TYR CD2  C  Y N 338 
TYR CE1  C  Y N 339 
TYR CE2  C  Y N 340 
TYR CZ   C  Y N 341 
TYR OH   O  N N 342 
TYR OXT  O  N N 343 
TYR H    H  N N 344 
TYR H2   H  N N 345 
TYR HA   H  N N 346 
TYR HB2  H  N N 347 
TYR HB3  H  N N 348 
TYR HD1  H  N N 349 
TYR HD2  H  N N 350 
TYR HE1  H  N N 351 
TYR HE2  H  N N 352 
TYR HH   H  N N 353 
TYR HXT  H  N N 354 
VAL N    N  N N 355 
VAL CA   C  N S 356 
VAL C    C  N N 357 
VAL O    O  N N 358 
VAL CB   C  N N 359 
VAL CG1  C  N N 360 
VAL CG2  C  N N 361 
VAL OXT  O  N N 362 
VAL H    H  N N 363 
VAL H2   H  N N 364 
VAL HA   H  N N 365 
VAL HB   H  N N 366 
VAL HG11 H  N N 367 
VAL HG12 H  N N 368 
VAL HG13 H  N N 369 
VAL HG21 H  N N 370 
VAL HG22 H  N N 371 
VAL HG23 H  N N 372 
VAL HXT  H  N N 373 
ZN  ZN   ZN N N 374 
# 
loop_
_chem_comp_bond.comp_id 
_chem_comp_bond.atom_id_1 
_chem_comp_bond.atom_id_2 
_chem_comp_bond.value_order 
_chem_comp_bond.pdbx_aromatic_flag 
_chem_comp_bond.pdbx_stereo_config 
_chem_comp_bond.pdbx_ordinal 
ALA N   CA   sing N N 1   
ALA N   H    sing N N 2   
ALA N   H2   sing N N 3   
ALA CA  C    sing N N 4   
ALA CA  CB   sing N N 5   
ALA CA  HA   sing N N 6   
ALA C   O    doub N N 7   
ALA C   OXT  sing N N 8   
ALA CB  HB1  sing N N 9   
ALA CB  HB2  sing N N 10  
ALA CB  HB3  sing N N 11  
ALA OXT HXT  sing N N 12  
ARG N   CA   sing N N 13  
ARG N   H    sing N N 14  
ARG N   H2   sing N N 15  
ARG CA  C    sing N N 16  
ARG CA  CB   sing N N 17  
ARG CA  HA   sing N N 18  
ARG C   O    doub N N 19  
ARG C   OXT  sing N N 20  
ARG CB  CG   sing N N 21  
ARG CB  HB2  sing N N 22  
ARG CB  HB3  sing N N 23  
ARG CG  CD   sing N N 24  
ARG CG  HG2  sing N N 25  
ARG CG  HG3  sing N N 26  
ARG CD  NE   sing N N 27  
ARG CD  HD2  sing N N 28  
ARG CD  HD3  sing N N 29  
ARG NE  CZ   sing N N 30  
ARG NE  HE   sing N N 31  
ARG CZ  NH1  sing N N 32  
ARG CZ  NH2  doub N N 33  
ARG NH1 HH11 sing N N 34  
ARG NH1 HH12 sing N N 35  
ARG NH2 HH21 sing N N 36  
ARG NH2 HH22 sing N N 37  
ARG OXT HXT  sing N N 38  
ASN N   CA   sing N N 39  
ASN N   H    sing N N 40  
ASN N   H2   sing N N 41  
ASN CA  C    sing N N 42  
ASN CA  CB   sing N N 43  
ASN CA  HA   sing N N 44  
ASN C   O    doub N N 45  
ASN C   OXT  sing N N 46  
ASN CB  CG   sing N N 47  
ASN CB  HB2  sing N N 48  
ASN CB  HB3  sing N N 49  
ASN CG  OD1  doub N N 50  
ASN CG  ND2  sing N N 51  
ASN ND2 HD21 sing N N 52  
ASN ND2 HD22 sing N N 53  
ASN OXT HXT  sing N N 54  
ASP N   CA   sing N N 55  
ASP N   H    sing N N 56  
ASP N   H2   sing N N 57  
ASP CA  C    sing N N 58  
ASP CA  CB   sing N N 59  
ASP CA  HA   sing N N 60  
ASP C   O    doub N N 61  
ASP C   OXT  sing N N 62  
ASP CB  CG   sing N N 63  
ASP CB  HB2  sing N N 64  
ASP CB  HB3  sing N N 65  
ASP CG  OD1  doub N N 66  
ASP CG  OD2  sing N N 67  
ASP OD2 HD2  sing N N 68  
ASP OXT HXT  sing N N 69  
CYS N   CA   sing N N 70  
CYS N   H    sing N N 71  
CYS N   H2   sing N N 72  
CYS CA  C    sing N N 73  
CYS CA  CB   sing N N 74  
CYS CA  HA   sing N N 75  
CYS C   O    doub N N 76  
CYS C   OXT  sing N N 77  
CYS CB  SG   sing N N 78  
CYS CB  HB2  sing N N 79  
CYS CB  HB3  sing N N 80  
CYS SG  HG   sing N N 81  
CYS OXT HXT  sing N N 82  
GLN N   CA   sing N N 83  
GLN N   H    sing N N 84  
GLN N   H2   sing N N 85  
GLN CA  C    sing N N 86  
GLN CA  CB   sing N N 87  
GLN CA  HA   sing N N 88  
GLN C   O    doub N N 89  
GLN C   OXT  sing N N 90  
GLN CB  CG   sing N N 91  
GLN CB  HB2  sing N N 92  
GLN CB  HB3  sing N N 93  
GLN CG  CD   sing N N 94  
GLN CG  HG2  sing N N 95  
GLN CG  HG3  sing N N 96  
GLN CD  OE1  doub N N 97  
GLN CD  NE2  sing N N 98  
GLN NE2 HE21 sing N N 99  
GLN NE2 HE22 sing N N 100 
GLN OXT HXT  sing N N 101 
GLU N   CA   sing N N 102 
GLU N   H    sing N N 103 
GLU N   H2   sing N N 104 
GLU CA  C    sing N N 105 
GLU CA  CB   sing N N 106 
GLU CA  HA   sing N N 107 
GLU C   O    doub N N 108 
GLU C   OXT  sing N N 109 
GLU CB  CG   sing N N 110 
GLU CB  HB2  sing N N 111 
GLU CB  HB3  sing N N 112 
GLU CG  CD   sing N N 113 
GLU CG  HG2  sing N N 114 
GLU CG  HG3  sing N N 115 
GLU CD  OE1  doub N N 116 
GLU CD  OE2  sing N N 117 
GLU OE2 HE2  sing N N 118 
GLU OXT HXT  sing N N 119 
GLY N   CA   sing N N 120 
GLY N   H    sing N N 121 
GLY N   H2   sing N N 122 
GLY CA  C    sing N N 123 
GLY CA  HA2  sing N N 124 
GLY CA  HA3  sing N N 125 
GLY C   O    doub N N 126 
GLY C   OXT  sing N N 127 
GLY OXT HXT  sing N N 128 
HIS N   CA   sing N N 129 
HIS N   H    sing N N 130 
HIS N   H2   sing N N 131 
HIS CA  C    sing N N 132 
HIS CA  CB   sing N N 133 
HIS CA  HA   sing N N 134 
HIS C   O    doub N N 135 
HIS C   OXT  sing N N 136 
HIS CB  CG   sing N N 137 
HIS CB  HB2  sing N N 138 
HIS CB  HB3  sing N N 139 
HIS CG  ND1  sing Y N 140 
HIS CG  CD2  doub Y N 141 
HIS ND1 CE1  doub Y N 142 
HIS ND1 HD1  sing N N 143 
HIS CD2 NE2  sing Y N 144 
HIS CD2 HD2  sing N N 145 
HIS CE1 NE2  sing Y N 146 
HIS CE1 HE1  sing N N 147 
HIS NE2 HE2  sing N N 148 
HIS OXT HXT  sing N N 149 
HOH O   H1   sing N N 150 
HOH O   H2   sing N N 151 
ILE N   CA   sing N N 152 
ILE N   H    sing N N 153 
ILE N   H2   sing N N 154 
ILE CA  C    sing N N 155 
ILE CA  CB   sing N N 156 
ILE CA  HA   sing N N 157 
ILE C   O    doub N N 158 
ILE C   OXT  sing N N 159 
ILE CB  CG1  sing N N 160 
ILE CB  CG2  sing N N 161 
ILE CB  HB   sing N N 162 
ILE CG1 CD1  sing N N 163 
ILE CG1 HG12 sing N N 164 
ILE CG1 HG13 sing N N 165 
ILE CG2 HG21 sing N N 166 
ILE CG2 HG22 sing N N 167 
ILE CG2 HG23 sing N N 168 
ILE CD1 HD11 sing N N 169 
ILE CD1 HD12 sing N N 170 
ILE CD1 HD13 sing N N 171 
ILE OXT HXT  sing N N 172 
LEU N   CA   sing N N 173 
LEU N   H    sing N N 174 
LEU N   H2   sing N N 175 
LEU CA  C    sing N N 176 
LEU CA  CB   sing N N 177 
LEU CA  HA   sing N N 178 
LEU C   O    doub N N 179 
LEU C   OXT  sing N N 180 
LEU CB  CG   sing N N 181 
LEU CB  HB2  sing N N 182 
LEU CB  HB3  sing N N 183 
LEU CG  CD1  sing N N 184 
LEU CG  CD2  sing N N 185 
LEU CG  HG   sing N N 186 
LEU CD1 HD11 sing N N 187 
LEU CD1 HD12 sing N N 188 
LEU CD1 HD13 sing N N 189 
LEU CD2 HD21 sing N N 190 
LEU CD2 HD22 sing N N 191 
LEU CD2 HD23 sing N N 192 
LEU OXT HXT  sing N N 193 
LYS N   CA   sing N N 194 
LYS N   H    sing N N 195 
LYS N   H2   sing N N 196 
LYS CA  C    sing N N 197 
LYS CA  CB   sing N N 198 
LYS CA  HA   sing N N 199 
LYS C   O    doub N N 200 
LYS C   OXT  sing N N 201 
LYS CB  CG   sing N N 202 
LYS CB  HB2  sing N N 203 
LYS CB  HB3  sing N N 204 
LYS CG  CD   sing N N 205 
LYS CG  HG2  sing N N 206 
LYS CG  HG3  sing N N 207 
LYS CD  CE   sing N N 208 
LYS CD  HD2  sing N N 209 
LYS CD  HD3  sing N N 210 
LYS CE  NZ   sing N N 211 
LYS CE  HE2  sing N N 212 
LYS CE  HE3  sing N N 213 
LYS NZ  HZ1  sing N N 214 
LYS NZ  HZ2  sing N N 215 
LYS NZ  HZ3  sing N N 216 
LYS OXT HXT  sing N N 217 
MET N   CA   sing N N 218 
MET N   H    sing N N 219 
MET N   H2   sing N N 220 
MET CA  C    sing N N 221 
MET CA  CB   sing N N 222 
MET CA  HA   sing N N 223 
MET C   O    doub N N 224 
MET C   OXT  sing N N 225 
MET CB  CG   sing N N 226 
MET CB  HB2  sing N N 227 
MET CB  HB3  sing N N 228 
MET CG  SD   sing N N 229 
MET CG  HG2  sing N N 230 
MET CG  HG3  sing N N 231 
MET SD  CE   sing N N 232 
MET CE  HE1  sing N N 233 
MET CE  HE2  sing N N 234 
MET CE  HE3  sing N N 235 
MET OXT HXT  sing N N 236 
PHE N   CA   sing N N 237 
PHE N   H    sing N N 238 
PHE N   H2   sing N N 239 
PHE CA  C    sing N N 240 
PHE CA  CB   sing N N 241 
PHE CA  HA   sing N N 242 
PHE C   O    doub N N 243 
PHE C   OXT  sing N N 244 
PHE CB  CG   sing N N 245 
PHE CB  HB2  sing N N 246 
PHE CB  HB3  sing N N 247 
PHE CG  CD1  doub Y N 248 
PHE CG  CD2  sing Y N 249 
PHE CD1 CE1  sing Y N 250 
PHE CD1 HD1  sing N N 251 
PHE CD2 CE2  doub Y N 252 
PHE CD2 HD2  sing N N 253 
PHE CE1 CZ   doub Y N 254 
PHE CE1 HE1  sing N N 255 
PHE CE2 CZ   sing Y N 256 
PHE CE2 HE2  sing N N 257 
PHE CZ  HZ   sing N N 258 
PHE OXT HXT  sing N N 259 
SER N   CA   sing N N 260 
SER N   H    sing N N 261 
SER N   H2   sing N N 262 
SER CA  C    sing N N 263 
SER CA  CB   sing N N 264 
SER CA  HA   sing N N 265 
SER C   O    doub N N 266 
SER C   OXT  sing N N 267 
SER CB  OG   sing N N 268 
SER CB  HB2  sing N N 269 
SER CB  HB3  sing N N 270 
SER OG  HG   sing N N 271 
SER OXT HXT  sing N N 272 
THR N   CA   sing N N 273 
THR N   H    sing N N 274 
THR N   H2   sing N N 275 
THR CA  C    sing N N 276 
THR CA  CB   sing N N 277 
THR CA  HA   sing N N 278 
THR C   O    doub N N 279 
THR C   OXT  sing N N 280 
THR CB  OG1  sing N N 281 
THR CB  CG2  sing N N 282 
THR CB  HB   sing N N 283 
THR OG1 HG1  sing N N 284 
THR CG2 HG21 sing N N 285 
THR CG2 HG22 sing N N 286 
THR CG2 HG23 sing N N 287 
THR OXT HXT  sing N N 288 
TRP N   CA   sing N N 289 
TRP N   H    sing N N 290 
TRP N   H2   sing N N 291 
TRP CA  C    sing N N 292 
TRP CA  CB   sing N N 293 
TRP CA  HA   sing N N 294 
TRP C   O    doub N N 295 
TRP C   OXT  sing N N 296 
TRP CB  CG   sing N N 297 
TRP CB  HB2  sing N N 298 
TRP CB  HB3  sing N N 299 
TRP CG  CD1  doub Y N 300 
TRP CG  CD2  sing Y N 301 
TRP CD1 NE1  sing Y N 302 
TRP CD1 HD1  sing N N 303 
TRP CD2 CE2  doub Y N 304 
TRP CD2 CE3  sing Y N 305 
TRP NE1 CE2  sing Y N 306 
TRP NE1 HE1  sing N N 307 
TRP CE2 CZ2  sing Y N 308 
TRP CE3 CZ3  doub Y N 309 
TRP CE3 HE3  sing N N 310 
TRP CZ2 CH2  doub Y N 311 
TRP CZ2 HZ2  sing N N 312 
TRP CZ3 CH2  sing Y N 313 
TRP CZ3 HZ3  sing N N 314 
TRP CH2 HH2  sing N N 315 
TRP OXT HXT  sing N N 316 
TYR N   CA   sing N N 317 
TYR N   H    sing N N 318 
TYR N   H2   sing N N 319 
TYR CA  C    sing N N 320 
TYR CA  CB   sing N N 321 
TYR CA  HA   sing N N 322 
TYR C   O    doub N N 323 
TYR C   OXT  sing N N 324 
TYR CB  CG   sing N N 325 
TYR CB  HB2  sing N N 326 
TYR CB  HB3  sing N N 327 
TYR CG  CD1  doub Y N 328 
TYR CG  CD2  sing Y N 329 
TYR CD1 CE1  sing Y N 330 
TYR CD1 HD1  sing N N 331 
TYR CD2 CE2  doub Y N 332 
TYR CD2 HD2  sing N N 333 
TYR CE1 CZ   doub Y N 334 
TYR CE1 HE1  sing N N 335 
TYR CE2 CZ   sing Y N 336 
TYR CE2 HE2  sing N N 337 
TYR CZ  OH   sing N N 338 
TYR OH  HH   sing N N 339 
TYR OXT HXT  sing N N 340 
VAL N   CA   sing N N 341 
VAL N   H    sing N N 342 
VAL N   H2   sing N N 343 
VAL CA  C    sing N N 344 
VAL CA  CB   sing N N 345 
VAL CA  HA   sing N N 346 
VAL C   O    doub N N 347 
VAL C   OXT  sing N N 348 
VAL CB  CG1  sing N N 349 
VAL CB  CG2  sing N N 350 
VAL CB  HB   sing N N 351 
VAL CG1 HG11 sing N N 352 
VAL CG1 HG12 sing N N 353 
VAL CG1 HG13 sing N N 354 
VAL CG2 HG21 sing N N 355 
VAL CG2 HG22 sing N N 356 
VAL CG2 HG23 sing N N 357 
VAL OXT HXT  sing N N 358 
# 
_atom_sites.entry_id                    2O03 
_atom_sites.fract_transf_matrix[1][1]   -0.00344161 
_atom_sites.fract_transf_matrix[1][2]   0.01697631 
_atom_sites.fract_transf_matrix[1][3]   0.00869165 
_atom_sites.fract_transf_matrix[2][1]   0.01901228 
_atom_sites.fract_transf_matrix[2][2]   0.00375204 
_atom_sites.fract_transf_matrix[2][3]   0.00019984 
_atom_sites.fract_transf_matrix[3][1]   -0.00058316 
_atom_sites.fract_transf_matrix[3][2]   0.00331178 
_atom_sites.fract_transf_matrix[3][3]   -0.00669941 
_atom_sites.fract_transf_vector[1]      1.143231 
_atom_sites.fract_transf_vector[2]      0.218237 
_atom_sites.fract_transf_vector[3]      0.149322 
# 
loop_
_atom_type.symbol 
C  
N  
O  
S  
ZN 
# 
loop_
_atom_site.group_PDB 
_atom_site.id 
_atom_site.type_symbol 
_atom_site.label_atom_id 
_atom_site.label_alt_id 
_atom_site.label_comp_id 
_atom_site.label_asym_id 
_atom_site.label_entity_id 
_atom_site.label_seq_id 
_atom_site.pdbx_PDB_ins_code 
_atom_site.Cartn_x 
_atom_site.Cartn_y 
_atom_site.Cartn_z 
_atom_site.occupancy 
_atom_site.B_iso_or_equiv 
_atom_site.pdbx_formal_charge 
_atom_site.auth_seq_id 
_atom_site.auth_comp_id 
_atom_site.auth_asym_id 
_atom_site.auth_atom_id 
_atom_site.pdbx_PDB_model_num 
ATOM   1   N  N   . ALA A 1 2   ? -14.051 12.137  20.949  1.00 64.63 ? 2   ALA A N   1 
ATOM   2   C  CA  . ALA A 1 2   ? -14.780 13.373  20.537  1.00 64.69 ? 2   ALA A CA  1 
ATOM   3   C  C   . ALA A 1 2   ? -13.787 14.479  20.164  1.00 64.75 ? 2   ALA A C   1 
ATOM   4   O  O   . ALA A 1 2   ? -13.063 14.345  19.172  1.00 64.51 ? 2   ALA A O   1 
ATOM   5   C  CB  . ALA A 1 2   ? -15.750 13.827  21.640  1.00 64.50 ? 2   ALA A CB  1 
ATOM   6   N  N   . SER A 1 3   ? -13.744 15.556  20.954  1.00 64.88 ? 3   SER A N   1 
ATOM   7   C  CA  . SER A 1 3   ? -12.852 16.693  20.676  1.00 65.00 ? 3   SER A CA  1 
ATOM   8   C  C   . SER A 1 3   ? -11.449 16.565  21.274  1.00 65.20 ? 3   SER A C   1 
ATOM   9   O  O   . SER A 1 3   ? -10.482 17.068  20.698  1.00 65.36 ? 3   SER A O   1 
ATOM   10  C  CB  . SER A 1 3   ? -13.497 18.020  21.072  1.00 64.82 ? 3   SER A CB  1 
ATOM   11  O  OG  . SER A 1 3   ? -14.425 18.417  20.082  1.00 64.49 ? 3   SER A OG  1 
ATOM   12  N  N   . ALA A 1 4   ? -11.333 15.906  22.423  1.00 65.31 ? 4   ALA A N   1 
ATOM   13  C  CA  . ALA A 1 4   ? -10.015 15.559  22.953  1.00 65.38 ? 4   ALA A CA  1 
ATOM   14  C  C   . ALA A 1 4   ? -9.512  14.270  22.285  1.00 65.49 ? 4   ALA A C   1 
ATOM   15  O  O   . ALA A 1 4   ? -8.307  14.112  22.029  1.00 65.22 ? 4   ALA A O   1 
ATOM   16  C  CB  . ALA A 1 4   ? -10.065 15.414  24.474  1.00 65.36 ? 4   ALA A CB  1 
ATOM   17  N  N   . ALA A 1 5   ? -10.461 13.381  21.973  1.00 65.68 ? 5   ALA A N   1 
ATOM   18  C  CA  . ALA A 1 5   ? -10.184 12.024  21.475  1.00 65.73 ? 5   ALA A CA  1 
ATOM   19  C  C   . ALA A 1 5   ? -10.252 11.855  19.943  1.00 65.66 ? 5   ALA A C   1 
ATOM   20  O  O   . ALA A 1 5   ? -9.318  11.316  19.338  1.00 65.68 ? 5   ALA A O   1 
ATOM   21  C  CB  . ALA A 1 5   ? -11.112 11.013  22.171  1.00 65.69 ? 5   ALA A CB  1 
ATOM   22  N  N   . GLY A 1 6   ? -11.355 12.296  19.332  1.00 65.60 ? 6   GLY A N   1 
ATOM   23  C  CA  . GLY A 1 6   ? -11.577 12.139  17.883  1.00 65.24 ? 6   GLY A CA  1 
ATOM   24  C  C   . GLY A 1 6   ? -10.727 13.062  17.024  1.00 65.03 ? 6   GLY A C   1 
ATOM   25  O  O   . GLY A 1 6   ? -10.399 12.729  15.875  1.00 65.00 ? 6   GLY A O   1 
ATOM   26  N  N   . VAL A 1 7   ? -10.379 14.224  17.583  1.00 64.62 ? 7   VAL A N   1 
ATOM   27  C  CA  . VAL A 1 7   ? -9.474  15.170  16.928  1.00 64.06 ? 7   VAL A CA  1 
ATOM   28  C  C   . VAL A 1 7   ? -8.002  14.749  17.104  1.00 63.72 ? 7   VAL A C   1 
ATOM   29  O  O   . VAL A 1 7   ? -7.177  14.991  16.225  1.00 63.75 ? 7   VAL A O   1 
ATOM   30  C  CB  . VAL A 1 7   ? -9.750  16.648  17.376  1.00 63.97 ? 7   VAL A CB  1 
ATOM   31  C  CG1 . VAL A 1 7   ? -8.688  17.168  18.344  1.00 63.77 ? 7   VAL A CG1 1 
ATOM   32  C  CG2 . VAL A 1 7   ? -9.838  17.556  16.163  1.00 63.90 ? 7   VAL A CG2 1 
ATOM   33  N  N   . ARG A 1 8   ? -7.685  14.110  18.230  1.00 63.40 ? 8   ARG A N   1 
ATOM   34  C  CA  . ARG A 1 8   ? -6.340  13.575  18.482  1.00 63.11 ? 8   ARG A CA  1 
ATOM   35  C  C   . ARG A 1 8   ? -6.108  12.287  17.677  1.00 62.95 ? 8   ARG A C   1 
ATOM   36  O  O   . ARG A 1 8   ? -4.976  11.985  17.254  1.00 62.70 ? 8   ARG A O   1 
ATOM   37  C  CB  . ARG A 1 8   ? -6.138  13.344  19.986  1.00 63.17 ? 8   ARG A CB  1 
ATOM   38  C  CG  . ARG A 1 8   ? -4.712  13.010  20.435  1.00 62.95 ? 8   ARG A CG  1 
ATOM   39  C  CD  . ARG A 1 8   ? -4.508  11.508  20.700  1.00 62.35 ? 8   ARG A CD  1 
ATOM   40  N  NE  . ARG A 1 8   ? -5.203  11.073  21.907  1.00 61.83 ? 8   ARG A NE  1 
ATOM   41  C  CZ  . ARG A 1 8   ? -5.633  9.834   22.148  1.00 61.86 ? 8   ARG A CZ  1 
ATOM   42  N  NH1 . ARG A 1 8   ? -5.439  8.868   21.254  1.00 59.73 ? 8   ARG A NH1 1 
ATOM   43  N  NH2 . ARG A 1 8   ? -6.274  9.567   23.296  1.00 61.92 ? 8   ARG A NH2 1 
ATOM   44  N  N   . SER A 1 9   ? -7.193  11.546  17.458  1.00 62.73 ? 9   SER A N   1 
ATOM   45  C  CA  . SER A 1 9   ? -7.166  10.346  16.624  1.00 62.88 ? 9   SER A CA  1 
ATOM   46  C  C   . SER A 1 9   ? -6.790  10.629  15.153  1.00 62.94 ? 9   SER A C   1 
ATOM   47  O  O   . SER A 1 9   ? -5.847  10.026  14.621  1.00 63.17 ? 9   SER A O   1 
ATOM   48  C  CB  . SER A 1 9   ? -8.504  9.609   16.708  1.00 62.82 ? 9   SER A CB  1 
ATOM   49  O  OG  . SER A 1 9   ? -8.594  8.613   15.704  1.00 63.05 ? 9   SER A OG  1 
ATOM   50  N  N   . THR A 1 10  ? -7.525  11.542  14.510  1.00 62.77 ? 10  THR A N   1 
ATOM   51  C  CA  . THR A 1 10  ? -7.264  11.948  13.120  1.00 62.46 ? 10  THR A CA  1 
ATOM   52  C  C   . THR A 1 10  ? -5.890  12.621  12.981  1.00 62.25 ? 10  THR A C   1 
ATOM   53  O  O   . THR A 1 10  ? -5.262  12.557  11.917  1.00 62.09 ? 10  THR A O   1 
ATOM   54  C  CB  . THR A 1 10  ? -8.349  12.910  12.599  1.00 62.37 ? 10  THR A CB  1 
ATOM   55  O  OG1 . THR A 1 10  ? -8.373  14.061  13.441  1.00 62.67 ? 10  THR A OG1 1 
ATOM   56  C  CG2 . THR A 1 10  ? -9.743  12.252  12.609  1.00 62.04 ? 10  THR A CG2 1 
ATOM   57  N  N   . ARG A 1 11  ? -5.437  13.253  14.067  1.00 61.92 ? 11  ARG A N   1 
ATOM   58  C  CA  . ARG A 1 11  ? -4.100  13.851  14.160  1.00 61.82 ? 11  ARG A CA  1 
ATOM   59  C  C   . ARG A 1 11  ? -2.984  12.789  14.181  1.00 61.24 ? 11  ARG A C   1 
ATOM   60  O  O   . ARG A 1 11  ? -1.876  13.000  13.684  1.00 60.67 ? 11  ARG A O   1 
ATOM   61  C  CB  . ARG A 1 11  ? -4.046  14.739  15.402  1.00 62.03 ? 11  ARG A CB  1 
ATOM   62  C  CG  . ARG A 1 11  ? -2.986  15.830  15.385  1.00 63.81 ? 11  ARG A CG  1 
ATOM   63  C  CD  . ARG A 1 11  ? -1.758  15.387  16.168  1.00 67.44 ? 11  ARG A CD  1 
ATOM   64  N  NE  . ARG A 1 11  ? -2.072  15.203  17.592  1.00 69.55 ? 11  ARG A NE  1 
ATOM   65  C  CZ  . ARG A 1 11  ? -1.547  14.261  18.378  1.00 69.53 ? 11  ARG A CZ  1 
ATOM   66  N  NH1 . ARG A 1 11  ? -0.664  13.377  17.900  1.00 68.98 ? 11  ARG A NH1 1 
ATOM   67  N  NH2 . ARG A 1 11  ? -1.916  14.205  19.651  1.00 69.24 ? 11  ARG A NH2 1 
ATOM   68  N  N   . GLN A 1 12  ? -3.294  11.635  14.752  1.00 61.14 ? 12  GLN A N   1 
ATOM   69  C  CA  . GLN A 1 12  ? -2.365  10.512  14.730  1.00 60.85 ? 12  GLN A CA  1 
ATOM   70  C  C   . GLN A 1 12  ? -2.225  9.929   13.346  1.00 60.71 ? 12  GLN A C   1 
ATOM   71  O  O   . GLN A 1 12  ? -1.121  9.850   12.826  1.00 61.13 ? 12  GLN A O   1 
ATOM   72  C  CB  . GLN A 1 12  ? -2.737  9.456   15.773  1.00 60.42 ? 12  GLN A CB  1 
ATOM   73  C  CG  . GLN A 1 12  ? -2.036  9.762   17.089  1.00 60.28 ? 12  GLN A CG  1 
ATOM   74  C  CD  . GLN A 1 12  ? -2.537  8.974   18.269  1.00 59.57 ? 12  GLN A CD  1 
ATOM   75  O  OE1 . GLN A 1 12  ? -3.551  8.285   18.188  1.00 59.31 ? 12  GLN A OE1 1 
ATOM   76  N  NE2 . GLN A 1 12  ? -1.823  9.077   19.388  1.00 58.93 ? 12  GLN A NE2 1 
ATOM   77  N  N   . ARG A 1 13  ? -3.348  9.545   12.750  1.00 60.62 ? 13  ARG A N   1 
ATOM   78  C  CA  . ARG A 1 13  ? -3.379  9.059   11.380  1.00 60.54 ? 13  ARG A CA  1 
ATOM   79  C  C   . ARG A 1 13  ? -2.611  9.983   10.422  1.00 60.07 ? 13  ARG A C   1 
ATOM   80  O  O   . ARG A 1 13  ? -1.755  9.521   9.669   1.00 60.17 ? 13  ARG A O   1 
ATOM   81  C  CB  . ARG A 1 13  ? -4.826  8.903   10.925  1.00 60.96 ? 13  ARG A CB  1 
ATOM   82  C  CG  . ARG A 1 13  ? -4.964  8.162   9.618   1.00 63.26 ? 13  ARG A CG  1 
ATOM   83  C  CD  . ARG A 1 13  ? -6.396  8.159   9.160   1.00 66.84 ? 13  ARG A CD  1 
ATOM   84  N  NE  . ARG A 1 13  ? -6.730  6.919   8.453   1.00 70.08 ? 13  ARG A NE  1 
ATOM   85  C  CZ  . ARG A 1 13  ? -7.185  5.804   9.040   1.00 71.52 ? 13  ARG A CZ  1 
ATOM   86  N  NH1 . ARG A 1 13  ? -7.373  5.739   10.367  1.00 70.52 ? 13  ARG A NH1 1 
ATOM   87  N  NH2 . ARG A 1 13  ? -7.463  4.743   8.288   1.00 72.37 ? 13  ARG A NH2 1 
ATOM   88  N  N   . ALA A 1 14  ? -2.902  11.285  10.460  1.00 59.30 ? 14  ALA A N   1 
ATOM   89  C  CA  . ALA A 1 14  ? -2.168  12.254  9.652   1.00 58.69 ? 14  ALA A CA  1 
ATOM   90  C  C   . ALA A 1 14  ? -0.641  12.151  9.842   1.00 58.29 ? 14  ALA A C   1 
ATOM   91  O  O   . ALA A 1 14  ? 0.110   12.247  8.866   1.00 58.73 ? 14  ALA A O   1 
ATOM   92  C  CB  . ALA A 1 14  ? -2.644  13.652  9.939   1.00 58.71 ? 14  ALA A CB  1 
ATOM   93  N  N   . ALA A 1 15  ? -0.177  11.953  11.078  1.00 57.11 ? 15  ALA A N   1 
ATOM   94  C  CA  . ALA A 1 15  ? 1.265   11.772  11.320  1.00 56.06 ? 15  ALA A CA  1 
ATOM   95  C  C   . ALA A 1 15  ? 1.811   10.486  10.680  1.00 55.60 ? 15  ALA A C   1 
ATOM   96  O  O   . ALA A 1 15  ? 2.942   10.477  10.181  1.00 55.05 ? 15  ALA A O   1 
ATOM   97  C  CB  . ALA A 1 15  ? 1.579   11.812  12.805  1.00 55.55 ? 15  ALA A CB  1 
ATOM   98  N  N   . ILE A 1 16  ? 1.010   9.412   10.695  1.00 55.21 ? 16  ILE A N   1 
ATOM   99  C  CA  . ILE A 1 16  ? 1.390   8.177   10.014  1.00 55.21 ? 16  ILE A CA  1 
ATOM   100 C  C   . ILE A 1 16  ? 1.409   8.387   8.506   1.00 55.78 ? 16  ILE A C   1 
ATOM   101 O  O   . ILE A 1 16  ? 2.437   8.138   7.869   1.00 56.73 ? 16  ILE A O   1 
ATOM   102 C  CB  . ILE A 1 16  ? 0.507   6.970   10.381  1.00 55.30 ? 16  ILE A CB  1 
ATOM   103 C  CG1 . ILE A 1 16  ? 0.666   6.647   11.859  1.00 54.56 ? 16  ILE A CG1 1 
ATOM   104 C  CG2 . ILE A 1 16  ? 0.905   5.711   9.572   1.00 53.80 ? 16  ILE A CG2 1 
ATOM   105 C  CD1 . ILE A 1 16  ? -0.504  5.863   12.424  1.00 54.67 ? 16  ILE A CD1 1 
ATOM   106 N  N   . SER A 1 17  ? 0.297   8.863   7.940   1.00 55.33 ? 17  SER A N   1 
ATOM   107 C  CA  . SER A 1 17  ? 0.261   9.231   6.541   1.00 54.93 ? 17  SER A CA  1 
ATOM   108 C  C   . SER A 1 17  ? 1.519   10.048  6.130   1.00 54.97 ? 17  SER A C   1 
ATOM   109 O  O   . SER A 1 17  ? 2.121   9.776   5.086   1.00 54.76 ? 17  SER A O   1 
ATOM   110 C  CB  . SER A 1 17  ? -1.068  9.980   6.201   1.00 54.59 ? 17  SER A CB  1 
ATOM   111 N  N   . THR A 1 18  ? 1.929   11.013  6.960   1.00 55.11 ? 18  THR A N   1 
ATOM   112 C  CA  . THR A 1 18  ? 3.038   11.924  6.613   1.00 55.01 ? 18  THR A CA  1 
ATOM   113 C  C   . THR A 1 18  ? 4.373   11.193  6.537   1.00 55.01 ? 18  THR A C   1 
ATOM   114 O  O   . THR A 1 18  ? 5.182   11.484  5.657   1.00 55.00 ? 18  THR A O   1 
ATOM   115 C  CB  . THR A 1 18  ? 3.149   13.136  7.584   1.00 55.03 ? 18  THR A CB  1 
ATOM   116 O  OG1 . THR A 1 18  ? 2.068   14.041  7.337   1.00 54.54 ? 18  THR A OG1 1 
ATOM   117 C  CG2 . THR A 1 18  ? 4.471   13.900  7.386   1.00 53.95 ? 18  THR A CG2 1 
ATOM   118 N  N   . LEU A 1 19  ? 4.582   10.236  7.443   1.00 54.80 ? 19  LEU A N   1 
ATOM   119 C  CA  . LEU A 1 19  ? 5.827   9.470   7.483   1.00 54.73 ? 19  LEU A CA  1 
ATOM   120 C  C   . LEU A 1 19  ? 5.965   8.658   6.214   1.00 54.63 ? 19  LEU A C   1 
ATOM   121 O  O   . LEU A 1 19  ? 7.042   8.643   5.595   1.00 55.27 ? 19  LEU A O   1 
ATOM   122 C  CB  . LEU A 1 19  ? 5.881   8.565   8.703   1.00 54.17 ? 19  LEU A CB  1 
ATOM   123 C  CG  . LEU A 1 19  ? 7.020   7.528   8.800   1.00 55.07 ? 19  LEU A CG  1 
ATOM   124 C  CD1 . LEU A 1 19  ? 8.416   8.119   8.976   1.00 53.64 ? 19  LEU A CD1 1 
ATOM   125 C  CD2 . LEU A 1 19  ? 6.746   6.501   9.934   1.00 55.49 ? 19  LEU A CD2 1 
ATOM   126 N  N   . LEU A 1 20  ? 4.864   8.031   5.805   1.00 53.92 ? 20  LEU A N   1 
ATOM   127 C  CA  . LEU A 1 20  ? 4.822   7.275   4.576   1.00 53.53 ? 20  LEU A CA  1 
ATOM   128 C  C   . LEU A 1 20  ? 5.219   8.106   3.344   1.00 54.00 ? 20  LEU A C   1 
ATOM   129 O  O   . LEU A 1 20  ? 6.060   7.665   2.551   1.00 53.90 ? 20  LEU A O   1 
ATOM   130 C  CB  . LEU A 1 20  ? 3.452   6.657   4.397   1.00 52.94 ? 20  LEU A CB  1 
ATOM   131 C  CG  . LEU A 1 20  ? 3.166   5.632   5.471   1.00 54.02 ? 20  LEU A CG  1 
ATOM   132 C  CD1 . LEU A 1 20  ? 1.775   5.091   5.346   1.00 54.87 ? 20  LEU A CD1 1 
ATOM   133 C  CD2 . LEU A 1 20  ? 4.178   4.498   5.398   1.00 55.10 ? 20  LEU A CD2 1 
ATOM   134 N  N   . GLU A 1 21  ? 4.650   9.304   3.191   1.00 54.10 ? 21  GLU A N   1 
ATOM   135 C  CA  . GLU A 1 21  ? 4.961   10.142  2.034   1.00 54.23 ? 21  GLU A CA  1 
ATOM   136 C  C   . GLU A 1 21  ? 6.476   10.292  1.901   1.00 54.74 ? 21  GLU A C   1 
ATOM   137 O  O   . GLU A 1 21  ? 6.980   10.455  0.797   1.00 55.39 ? 21  GLU A O   1 
ATOM   138 C  CB  . GLU A 1 21  ? 4.259   11.523  2.114   1.00 53.48 ? 21  GLU A CB  1 
ATOM   139 N  N   . THR A 1 22  ? 7.208   10.198  3.016   1.00 55.43 ? 22  THR A N   1 
ATOM   140 C  CA  . THR A 1 22  ? 8.679   10.429  2.993   1.00 55.73 ? 22  THR A CA  1 
ATOM   141 C  C   . THR A 1 22  ? 9.531   9.165   2.786   1.00 55.70 ? 22  THR A C   1 
ATOM   142 O  O   . THR A 1 22  ? 10.704  9.265   2.452   1.00 55.36 ? 22  THR A O   1 
ATOM   143 C  CB  . THR A 1 22  ? 9.212   11.226  4.242   1.00 55.67 ? 22  THR A CB  1 
ATOM   144 O  OG1 . THR A 1 22  ? 9.397   10.349  5.363   1.00 54.65 ? 22  THR A OG1 1 
ATOM   145 C  CG2 . THR A 1 22  ? 8.268   12.389  4.608   1.00 56.01 ? 22  THR A CG2 1 
ATOM   146 N  N   . LEU A 1 23  ? 8.930   7.990   2.972   1.00 55.79 ? 23  LEU A N   1 
ATOM   147 C  CA  . LEU A 1 23  ? 9.643   6.710   2.838   1.00 55.31 ? 23  LEU A CA  1 
ATOM   148 C  C   . LEU A 1 23  ? 9.441   6.094   1.463   1.00 55.19 ? 23  LEU A C   1 
ATOM   149 O  O   . LEU A 1 23  ? 8.335   6.055   0.962   1.00 54.89 ? 23  LEU A O   1 
ATOM   150 C  CB  . LEU A 1 23  ? 9.195   5.741   3.938   1.00 55.21 ? 23  LEU A CB  1 
ATOM   151 C  CG  . LEU A 1 23  ? 9.609   6.195   5.346   1.00 53.74 ? 23  LEU A CG  1 
ATOM   152 C  CD1 . LEU A 1 23  ? 8.811   5.478   6.374   1.00 52.80 ? 23  LEU A CD1 1 
ATOM   153 C  CD2 . LEU A 1 23  ? 11.096  5.980   5.582   1.00 52.55 ? 23  LEU A CD2 1 
ATOM   154 N  N   . ASP A 1 24  ? 10.528  5.622   0.860   1.00 55.38 ? 24  ASP A N   1 
ATOM   155 C  CA  . ASP A 1 24  ? 10.516  5.066   -0.489  1.00 55.31 ? 24  ASP A CA  1 
ATOM   156 C  C   . ASP A 1 24  ? 10.448  3.533   -0.527  1.00 54.31 ? 24  ASP A C   1 
ATOM   157 O  O   . ASP A 1 24  ? 10.256  2.953   -1.572  1.00 54.26 ? 24  ASP A O   1 
ATOM   158 C  CB  . ASP A 1 24  ? 11.766  5.533   -1.232  1.00 56.35 ? 24  ASP A CB  1 
ATOM   159 C  CG  . ASP A 1 24  ? 11.572  6.879   -1.974  1.00 60.00 ? 24  ASP A CG  1 
ATOM   160 O  OD1 . ASP A 1 24  ? 10.453  7.148   -2.498  1.00 63.88 ? 24  ASP A OD1 1 
ATOM   161 O  OD2 . ASP A 1 24  ? 12.571  7.652   -2.075  1.00 62.82 ? 24  ASP A OD2 1 
ATOM   162 N  N   . ASP A 1 25  ? 10.602  2.885   0.622   1.00 53.84 ? 25  ASP A N   1 
ATOM   163 C  CA  . ASP A 1 25  ? 10.734  1.422   0.708   1.00 52.46 ? 25  ASP A CA  1 
ATOM   164 C  C   . ASP A 1 25  ? 9.782   0.800   1.729   1.00 51.08 ? 25  ASP A C   1 
ATOM   165 O  O   . ASP A 1 25  ? 9.373   1.455   2.686   1.00 50.67 ? 25  ASP A O   1 
ATOM   166 C  CB  . ASP A 1 25  ? 12.192  1.046   1.042   1.00 52.52 ? 25  ASP A CB  1 
ATOM   167 N  N   . PHE A 1 26  ? 9.437   -0.469  1.507   1.00 49.94 ? 26  PHE A N   1 
ATOM   168 C  CA  . PHE A 1 26  ? 8.582   -1.263  2.408   1.00 48.98 ? 26  PHE A CA  1 
ATOM   169 C  C   . PHE A 1 26  ? 9.103   -1.369  3.848   1.00 48.60 ? 26  PHE A C   1 
ATOM   170 O  O   . PHE A 1 26  ? 10.273  -1.703  4.048   1.00 48.76 ? 26  PHE A O   1 
ATOM   171 C  CB  . PHE A 1 26  ? 8.439   -2.676  1.842   1.00 48.69 ? 26  PHE A CB  1 
ATOM   172 C  CG  . PHE A 1 26  ? 7.424   -2.789  0.757   1.00 48.02 ? 26  PHE A CG  1 
ATOM   173 C  CD1 . PHE A 1 26  ? 6.097   -3.039  1.059   1.00 45.93 ? 26  PHE A CD1 1 
ATOM   174 C  CD2 . PHE A 1 26  ? 7.792   -2.636  -0.576  1.00 48.43 ? 26  PHE A CD2 1 
ATOM   175 C  CE1 . PHE A 1 26  ? 5.152   -3.144  0.044   1.00 46.75 ? 26  PHE A CE1 1 
ATOM   176 C  CE2 . PHE A 1 26  ? 6.850   -2.748  -1.596  1.00 48.39 ? 26  PHE A CE2 1 
ATOM   177 C  CZ  . PHE A 1 26  ? 5.522   -3.004  -1.275  1.00 47.39 ? 26  PHE A CZ  1 
ATOM   178 N  N   . ARG A 1 27  ? 8.244   -1.117  4.839   1.00 47.73 ? 27  ARG A N   1 
ATOM   179 C  CA  . ARG A 1 27  ? 8.653   -1.153  6.252   1.00 47.69 ? 27  ARG A CA  1 
ATOM   180 C  C   . ARG A 1 27  ? 7.606   -1.833  7.118   1.00 47.49 ? 27  ARG A C   1 
ATOM   181 O  O   . ARG A 1 27  ? 6.396   -1.632  6.890   1.00 48.22 ? 27  ARG A O   1 
ATOM   182 C  CB  . ARG A 1 27  ? 8.876   0.271   6.804   1.00 47.92 ? 27  ARG A CB  1 
ATOM   183 C  CG  . ARG A 1 27  ? 9.967   1.085   6.112   1.00 47.74 ? 27  ARG A CG  1 
ATOM   184 C  CD  . ARG A 1 27  ? 11.368  0.482   6.335   1.00 48.40 ? 27  ARG A CD  1 
ATOM   185 N  NE  . ARG A 1 27  ? 11.899  0.744   7.670   1.00 47.34 ? 27  ARG A NE  1 
ATOM   186 C  CZ  . ARG A 1 27  ? 13.102  0.345   8.072   1.00 49.12 ? 27  ARG A CZ  1 
ATOM   187 N  NH1 . ARG A 1 27  ? 13.871  -0.339  7.224   1.00 48.85 ? 27  ARG A NH1 1 
ATOM   188 N  NH2 . ARG A 1 27  ? 13.536  0.619   9.314   1.00 47.91 ? 27  ARG A NH2 1 
ATOM   189 N  N   . SER A 1 28  ? 8.039   -2.599  8.125   1.00 46.52 ? 28  SER A N   1 
ATOM   190 C  CA  . SER A 1 28  ? 7.084   -3.240  9.030   1.00 46.28 ? 28  SER A CA  1 
ATOM   191 C  C   . SER A 1 28  ? 6.354   -2.207  9.913   1.00 46.54 ? 28  SER A C   1 
ATOM   192 O  O   . SER A 1 28  ? 6.716   -1.013  9.949   1.00 46.61 ? 28  SER A O   1 
ATOM   193 C  CB  . SER A 1 28  ? 7.791   -4.245  9.906   1.00 45.98 ? 28  SER A CB  1 
ATOM   194 O  OG  . SER A 1 28  ? 8.625   -3.556  10.828  1.00 46.71 ? 28  SER A OG  1 
ATOM   195 N  N   . ALA A 1 29  ? 5.318   -2.656  10.620  1.00 46.70 ? 29  ALA A N   1 
ATOM   196 C  CA  . ALA A 1 29  ? 4.618   -1.793  11.583  1.00 47.02 ? 29  ALA A CA  1 
ATOM   197 C  C   . ALA A 1 29  ? 5.540   -1.432  12.770  1.00 47.42 ? 29  ALA A C   1 
ATOM   198 O  O   . ALA A 1 29  ? 5.505   -0.312  13.290  1.00 46.98 ? 29  ALA A O   1 
ATOM   199 C  CB  . ALA A 1 29  ? 3.347   -2.459  12.062  1.00 46.29 ? 29  ALA A CB  1 
ATOM   200 N  N   . GLN A 1 30  ? 6.374   -2.389  13.173  1.00 48.55 ? 30  GLN A N   1 
ATOM   201 C  CA  . GLN A 1 30  ? 7.357   -2.164  14.217  1.00 49.65 ? 30  GLN A CA  1 
ATOM   202 C  C   . GLN A 1 30  ? 8.295   -1.039  13.790  1.00 50.39 ? 30  GLN A C   1 
ATOM   203 O  O   . GLN A 1 30  ? 8.398   -0.030  14.485  1.00 51.25 ? 30  GLN A O   1 
ATOM   204 C  CB  . GLN A 1 30  ? 8.146   -3.435  14.497  1.00 49.28 ? 30  GLN A CB  1 
ATOM   205 C  CG  . GLN A 1 30  ? 8.972   -3.366  15.757  1.00 51.13 ? 30  GLN A CG  1 
ATOM   206 C  CD  . GLN A 1 30  ? 8.122   -3.062  16.979  1.00 53.47 ? 30  GLN A CD  1 
ATOM   207 O  OE1 . GLN A 1 30  ? 7.281   -3.884  17.367  1.00 56.31 ? 30  GLN A OE1 1 
ATOM   208 N  NE2 . GLN A 1 30  ? 8.323   -1.881  17.588  1.00 51.03 ? 30  GLN A NE2 1 
ATOM   209 N  N   . GLU A 1 31  ? 8.960   -1.204  12.637  1.00 51.00 ? 31  GLU A N   1 
ATOM   210 C  CA  . GLU A 1 31  ? 9.912   -0.204  12.111  1.00 50.40 ? 31  GLU A CA  1 
ATOM   211 C  C   . GLU A 1 31  ? 9.268   1.184   11.963  1.00 50.17 ? 31  GLU A C   1 
ATOM   212 O  O   . GLU A 1 31  ? 9.897   2.196   12.217  1.00 50.13 ? 31  GLU A O   1 
ATOM   213 C  CB  . GLU A 1 31  ? 10.490  -0.666  10.774  1.00 50.04 ? 31  GLU A CB  1 
ATOM   214 C  CG  . GLU A 1 31  ? 11.528  -1.777  10.858  1.00 49.71 ? 31  GLU A CG  1 
ATOM   215 C  CD  . GLU A 1 31  ? 11.712  -2.540  9.527   1.00 50.15 ? 31  GLU A CD  1 
ATOM   216 O  OE1 . GLU A 1 31  ? 10.948  -2.279  8.572   1.00 52.07 ? 31  GLU A OE1 1 
ATOM   217 O  OE2 . GLU A 1 31  ? 12.604  -3.414  9.424   1.00 49.48 ? 31  GLU A OE2 1 
ATOM   218 N  N   . LEU A 1 32  ? 8.008   1.219   11.549  1.00 50.55 ? 32  LEU A N   1 
ATOM   219 C  CA  . LEU A 1 32  ? 7.283   2.477   11.391  1.00 50.77 ? 32  LEU A CA  1 
ATOM   220 C  C   . LEU A 1 32  ? 6.928   3.098   12.772  1.00 51.58 ? 32  LEU A C   1 
ATOM   221 O  O   . LEU A 1 32  ? 7.021   4.317   12.970  1.00 52.28 ? 32  LEU A O   1 
ATOM   222 C  CB  . LEU A 1 32  ? 6.053   2.271   10.493  1.00 49.72 ? 32  LEU A CB  1 
ATOM   223 C  CG  . LEU A 1 32  ? 6.312   2.018   8.971   1.00 50.47 ? 32  LEU A CG  1 
ATOM   224 C  CD1 . LEU A 1 32  ? 5.065   1.546   8.250   1.00 50.39 ? 32  LEU A CD1 1 
ATOM   225 C  CD2 . LEU A 1 32  ? 6.921   3.216   8.135   1.00 45.53 ? 32  LEU A CD2 1 
ATOM   226 N  N   . HIS A 1 33  ? 6.555   2.266   13.744  1.00 51.72 ? 33  HIS A N   1 
ATOM   227 C  CA  . HIS A 1 33  ? 6.308   2.770   15.080  1.00 51.52 ? 33  HIS A CA  1 
ATOM   228 C  C   . HIS A 1 33  ? 7.584   3.398   15.673  1.00 52.00 ? 33  HIS A C   1 
ATOM   229 O  O   . HIS A 1 33  ? 7.556   4.474   16.308  1.00 52.70 ? 33  HIS A O   1 
ATOM   230 C  CB  . HIS A 1 33  ? 5.809   1.642   15.964  1.00 51.20 ? 33  HIS A CB  1 
ATOM   231 C  CG  . HIS A 1 33  ? 5.985   1.907   17.426  1.00 51.02 ? 33  HIS A CG  1 
ATOM   232 N  ND1 . HIS A 1 33  ? 7.190   1.721   18.072  1.00 51.33 ? 33  HIS A ND1 1 
ATOM   233 C  CD2 . HIS A 1 33  ? 5.115   2.348   18.365  1.00 48.59 ? 33  HIS A CD2 1 
ATOM   234 C  CE1 . HIS A 1 33  ? 7.052   2.020   19.353  1.00 50.30 ? 33  HIS A CE1 1 
ATOM   235 N  NE2 . HIS A 1 33  ? 5.800   2.398   19.558  1.00 49.64 ? 33  HIS A NE2 1 
ATOM   236 N  N   . ASP A 1 34  ? 8.711   2.727   15.449  1.00 51.84 ? 34  ASP A N   1 
ATOM   237 C  CA  . ASP A 1 34  ? 9.991   3.145   16.016  1.00 51.30 ? 34  ASP A CA  1 
ATOM   238 C  C   . ASP A 1 34  ? 10.487  4.476   15.471  1.00 50.84 ? 34  ASP A C   1 
ATOM   239 O  O   . ASP A 1 34  ? 11.175  5.217   16.184  1.00 50.87 ? 34  ASP A O   1 
ATOM   240 C  CB  . ASP A 1 34  ? 11.013  2.024   15.854  1.00 50.84 ? 34  ASP A CB  1 
ATOM   241 C  CG  . ASP A 1 34  ? 10.659  0.793   16.716  1.00 53.60 ? 34  ASP A CG  1 
ATOM   242 O  OD1 . ASP A 1 34  ? 9.547   0.716   17.324  1.00 54.16 ? 34  ASP A OD1 1 
ATOM   243 O  OD2 . ASP A 1 34  ? 11.505  -0.114  16.810  1.00 57.45 ? 34  ASP A OD2 1 
ATOM   244 N  N   . GLU A 1 35  ? 10.107  4.787   14.225  1.00 50.03 ? 35  GLU A N   1 
ATOM   245 C  CA  . GLU A 1 35  ? 10.598  5.978   13.544  1.00 49.40 ? 35  GLU A CA  1 
ATOM   246 C  C   . GLU A 1 35  ? 9.728   7.161   13.927  1.00 48.99 ? 35  GLU A C   1 
ATOM   247 O  O   . GLU A 1 35  ? 10.208  8.306   14.029  1.00 48.62 ? 35  GLU A O   1 
ATOM   248 C  CB  . GLU A 1 35  ? 10.649  5.787   12.019  1.00 49.04 ? 35  GLU A CB  1 
ATOM   249 C  CG  . GLU A 1 35  ? 11.253  6.980   11.238  1.00 48.59 ? 35  GLU A CG  1 
ATOM   250 C  CD  . GLU A 1 35  ? 12.686  7.389   11.669  1.00 50.48 ? 35  GLU A CD  1 
ATOM   251 O  OE1 . GLU A 1 35  ? 13.385  6.588   12.344  1.00 52.65 ? 35  GLU A OE1 1 
ATOM   252 O  OE2 . GLU A 1 35  ? 13.121  8.524   11.333  1.00 47.98 ? 35  GLU A OE2 1 
ATOM   253 N  N   . LEU A 1 36  ? 8.449   6.875   14.148  1.00 48.59 ? 36  LEU A N   1 
ATOM   254 C  CA  . LEU A 1 36  ? 7.519   7.867   14.682  1.00 48.32 ? 36  LEU A CA  1 
ATOM   255 C  C   . LEU A 1 36  ? 7.967   8.293   16.049  1.00 47.72 ? 36  LEU A C   1 
ATOM   256 O  O   . LEU A 1 36  ? 8.028   9.469   16.368  1.00 47.56 ? 36  LEU A O   1 
ATOM   257 C  CB  . LEU A 1 36  ? 6.115   7.289   14.767  1.00 48.71 ? 36  LEU A CB  1 
ATOM   258 C  CG  . LEU A 1 36  ? 5.393   7.178   13.407  1.00 49.12 ? 36  LEU A CG  1 
ATOM   259 C  CD1 . LEU A 1 36  ? 4.226   6.193   13.542  1.00 48.26 ? 36  LEU A CD1 1 
ATOM   260 C  CD2 . LEU A 1 36  ? 4.970   8.564   12.880  1.00 44.45 ? 36  LEU A CD2 1 
ATOM   261 N  N   . ARG A 1 37  ? 8.323   7.314   16.853  1.00 47.58 ? 37  ARG A N   1 
ATOM   262 C  CA  . ARG A 1 37  ? 8.837   7.581   18.173  1.00 47.22 ? 37  ARG A CA  1 
ATOM   263 C  C   . ARG A 1 37  ? 10.097  8.462   18.093  1.00 46.62 ? 37  ARG A C   1 
ATOM   264 O  O   . ARG A 1 37  ? 10.188  9.461   18.790  1.00 46.35 ? 37  ARG A O   1 
ATOM   265 C  CB  . ARG A 1 37  ? 9.062   6.231   18.893  1.00 47.95 ? 37  ARG A CB  1 
ATOM   266 C  CG  . ARG A 1 37  ? 9.602   6.316   20.283  1.00 48.35 ? 37  ARG A CG  1 
ATOM   267 C  CD  . ARG A 1 37  ? 8.741   5.554   21.201  1.00 51.86 ? 37  ARG A CD  1 
ATOM   268 N  NE  . ARG A 1 37  ? 9.519   5.047   22.338  1.00 57.70 ? 37  ARG A NE  1 
ATOM   269 C  CZ  . ARG A 1 37  ? 9.998   3.803   22.420  1.00 58.98 ? 37  ARG A CZ  1 
ATOM   270 N  NH1 . ARG A 1 37  ? 9.778   2.944   21.408  1.00 61.28 ? 37  ARG A NH1 1 
ATOM   271 N  NH2 . ARG A 1 37  ? 10.696  3.422   23.497  1.00 56.22 ? 37  ARG A NH2 1 
ATOM   272 N  N   . ARG A 1 38  ? 11.035  8.105   17.211  1.00 46.14 ? 38  ARG A N   1 
ATOM   273 C  CA  . ARG A 1 38  ? 12.281  8.848   17.032  1.00 45.72 ? 38  ARG A CA  1 
ATOM   274 C  C   . ARG A 1 38  ? 12.007  10.270  16.574  1.00 46.71 ? 38  ARG A C   1 
ATOM   275 O  O   . ARG A 1 38  ? 12.745  11.183  16.934  1.00 47.23 ? 38  ARG A O   1 
ATOM   276 C  CB  . ARG A 1 38  ? 13.154  8.158   15.996  1.00 45.18 ? 38  ARG A CB  1 
ATOM   277 C  CG  . ARG A 1 38  ? 14.621  8.440   16.169  1.00 42.62 ? 38  ARG A CG  1 
ATOM   278 C  CD  . ARG A 1 38  ? 15.436  7.931   14.970  1.00 41.29 ? 38  ARG A CD  1 
ATOM   279 N  NE  . ARG A 1 38  ? 15.127  8.672   13.748  1.00 40.20 ? 38  ARG A NE  1 
ATOM   280 C  CZ  . ARG A 1 38  ? 15.673  9.847   13.419  1.00 40.14 ? 38  ARG A CZ  1 
ATOM   281 N  NH1 . ARG A 1 38  ? 16.560  10.431  14.223  1.00 39.86 ? 38  ARG A NH1 1 
ATOM   282 N  NH2 . ARG A 1 38  ? 15.317  10.459  12.289  1.00 39.40 ? 38  ARG A NH2 1 
ATOM   283 N  N   . ARG A 1 39  ? 10.958  10.439  15.758  1.00 47.68 ? 39  ARG A N   1 
ATOM   284 C  CA  . ARG A 1 39  ? 10.477  11.748  15.272  1.00 48.08 ? 39  ARG A CA  1 
ATOM   285 C  C   . ARG A 1 39  ? 9.590   12.542  16.254  1.00 48.54 ? 39  ARG A C   1 
ATOM   286 O  O   . ARG A 1 39  ? 9.012   13.567  15.858  1.00 49.20 ? 39  ARG A O   1 
ATOM   287 C  CB  . ARG A 1 39  ? 9.728   11.581  13.946  1.00 47.57 ? 39  ARG A CB  1 
ATOM   288 C  CG  . ARG A 1 39  ? 10.639  11.263  12.823  1.00 49.03 ? 39  ARG A CG  1 
ATOM   289 C  CD  . ARG A 1 39  ? 9.966   11.289  11.457  1.00 52.94 ? 39  ARG A CD  1 
ATOM   290 N  NE  . ARG A 1 39  ? 10.902  10.819  10.432  1.00 54.89 ? 39  ARG A NE  1 
ATOM   291 C  CZ  . ARG A 1 39  ? 10.624  10.691  9.144   1.00 56.36 ? 39  ARG A CZ  1 
ATOM   292 N  NH1 . ARG A 1 39  ? 9.432   11.002  8.666   1.00 60.28 ? 39  ARG A NH1 1 
ATOM   293 N  NH2 . ARG A 1 39  ? 11.542  10.241  8.322   1.00 57.88 ? 39  ARG A NH2 1 
ATOM   294 N  N   . GLY A 1 40  ? 9.455   12.069  17.503  1.00 48.51 ? 40  GLY A N   1 
ATOM   295 C  CA  . GLY A 1 40  ? 8.815   12.860  18.564  1.00 48.52 ? 40  GLY A CA  1 
ATOM   296 C  C   . GLY A 1 40  ? 7.353   12.584  18.828  1.00 48.72 ? 40  GLY A C   1 
ATOM   297 O  O   . GLY A 1 40  ? 6.774   13.116  19.780  1.00 47.72 ? 40  GLY A O   1 
ATOM   298 N  N   . GLU A 1 41  ? 6.761   11.754  17.974  1.00 49.59 ? 41  GLU A N   1 
ATOM   299 C  CA  . GLU A 1 41  ? 5.392   11.293  18.149  1.00 50.52 ? 41  GLU A CA  1 
ATOM   300 C  C   . GLU A 1 41  ? 5.279   10.370  19.336  1.00 51.19 ? 41  GLU A C   1 
ATOM   301 O  O   . GLU A 1 41  ? 6.261   9.768   19.800  1.00 51.53 ? 41  GLU A O   1 
ATOM   302 C  CB  . GLU A 1 41  ? 4.895   10.550  16.922  1.00 50.24 ? 41  GLU A CB  1 
ATOM   303 C  CG  . GLU A 1 41  ? 4.855   11.390  15.689  1.00 53.09 ? 41  GLU A CG  1 
ATOM   304 C  CD  . GLU A 1 41  ? 4.191   12.729  15.918  1.00 57.95 ? 41  GLU A CD  1 
ATOM   305 O  OE1 . GLU A 1 41  ? 3.019   12.748  16.388  1.00 60.01 ? 41  GLU A OE1 1 
ATOM   306 O  OE2 . GLU A 1 41  ? 4.852   13.766  15.635  1.00 61.25 ? 41  GLU A OE2 1 
ATOM   307 N  N   . ASN A 1 42  ? 4.062   10.276  19.844  1.00 51.78 ? 42  ASN A N   1 
ATOM   308 C  CA  . ASN A 1 42  ? 3.769   9.361   20.904  1.00 51.69 ? 42  ASN A CA  1 
ATOM   309 C  C   . ASN A 1 42  ? 2.528   8.649   20.436  1.00 50.92 ? 42  ASN A C   1 
ATOM   310 O  O   . ASN A 1 42  ? 1.419   9.126   20.662  1.00 51.52 ? 42  ASN A O   1 
ATOM   311 C  CB  . ASN A 1 42  ? 3.529   10.124  22.205  1.00 52.33 ? 42  ASN A CB  1 
ATOM   312 C  CG  . ASN A 1 42  ? 3.106   9.215   23.347  1.00 54.40 ? 42  ASN A CG  1 
ATOM   313 O  OD1 . ASN A 1 42  ? 3.228   7.982   23.259  1.00 57.39 ? 42  ASN A OD1 1 
ATOM   314 N  ND2 . ASN A 1 42  ? 2.602   9.812   24.422  1.00 54.30 ? 42  ASN A ND2 1 
ATOM   315 N  N   . ILE A 1 43  ? 2.735   7.538   19.741  1.00 49.88 ? 43  ILE A N   1 
ATOM   316 C  CA  . ILE A 1 43  ? 1.659   6.762   19.129  1.00 49.67 ? 43  ILE A CA  1 
ATOM   317 C  C   . ILE A 1 43  ? 1.891   5.256   19.391  1.00 49.29 ? 43  ILE A C   1 
ATOM   318 O  O   . ILE A 1 43  ? 2.851   4.671   18.880  1.00 50.05 ? 43  ILE A O   1 
ATOM   319 C  CB  . ILE A 1 43  ? 1.549   7.056   17.582  1.00 49.38 ? 43  ILE A CB  1 
ATOM   320 C  CG1 . ILE A 1 43  ? 1.230   8.534   17.340  1.00 49.38 ? 43  ILE A CG1 1 
ATOM   321 C  CG2 . ILE A 1 43  ? 0.476   6.186   16.935  1.00 48.52 ? 43  ILE A CG2 1 
ATOM   322 C  CD1 . ILE A 1 43  ? 1.588   9.060   15.976  1.00 50.13 ? 43  ILE A CD1 1 
ATOM   323 N  N   . GLY A 1 44  ? 1.022   4.629   20.177  1.00 48.09 ? 44  GLY A N   1 
ATOM   324 C  CA  . GLY A 1 44  ? 1.198   3.229   20.493  1.00 47.07 ? 44  GLY A CA  1 
ATOM   325 C  C   . GLY A 1 44  ? 1.259   2.334   19.275  1.00 47.33 ? 44  GLY A C   1 
ATOM   326 O  O   . GLY A 1 44  ? 0.622   2.608   18.241  1.00 48.12 ? 44  GLY A O   1 
ATOM   327 N  N   . LEU A 1 45  ? 2.039   1.261   19.397  1.00 47.00 ? 45  LEU A N   1 
ATOM   328 C  CA  . LEU A 1 45  ? 2.130   0.203   18.391  1.00 46.15 ? 45  LEU A CA  1 
ATOM   329 C  C   . LEU A 1 45  ? 0.761   -0.415  17.999  1.00 46.24 ? 45  LEU A C   1 
ATOM   330 O  O   . LEU A 1 45  ? 0.530   -0.687  16.818  1.00 46.35 ? 45  LEU A O   1 
ATOM   331 C  CB  . LEU A 1 45  ? 3.158   -0.882  18.797  1.00 45.88 ? 45  LEU A CB  1 
ATOM   332 C  CG  . LEU A 1 45  ? 3.100   -2.248  18.069  1.00 45.44 ? 45  LEU A CG  1 
ATOM   333 C  CD1 . LEU A 1 45  ? 3.532   -2.205  16.591  1.00 41.92 ? 45  LEU A CD1 1 
ATOM   334 C  CD2 . LEU A 1 45  ? 3.886   -3.281  18.815  1.00 45.13 ? 45  LEU A CD2 1 
ATOM   335 N  N   . THR A 1 46  ? -0.148  -0.629  18.942  1.00 46.06 ? 46  THR A N   1 
ATOM   336 C  CA  . THR A 1 46  ? -1.460  -1.127  18.518  1.00 46.33 ? 46  THR A CA  1 
ATOM   337 C  C   . THR A 1 46  ? -2.161  -0.168  17.529  1.00 46.71 ? 46  THR A C   1 
ATOM   338 O  O   . THR A 1 46  ? -2.740  -0.617  16.545  1.00 46.97 ? 46  THR A O   1 
ATOM   339 C  CB  . THR A 1 46  ? -2.357  -1.444  19.699  1.00 46.29 ? 46  THR A CB  1 
ATOM   340 O  OG1 . THR A 1 46  ? -1.676  -2.375  20.553  1.00 47.74 ? 46  THR A OG1 1 
ATOM   341 C  CG2 . THR A 1 46  ? -3.681  -2.028  19.241  1.00 44.99 ? 46  THR A CG2 1 
ATOM   342 N  N   . THR A 1 47  ? -2.064  1.142   17.763  1.00 47.14 ? 47  THR A N   1 
ATOM   343 C  CA  . THR A 1 47  ? -2.746  2.124   16.933  1.00 47.10 ? 47  THR A CA  1 
ATOM   344 C  C   . THR A 1 47  ? -2.077  2.144   15.575  1.00 47.77 ? 47  THR A C   1 
ATOM   345 O  O   . THR A 1 47  ? -2.781  2.232   14.548  1.00 47.96 ? 47  THR A O   1 
ATOM   346 C  CB  . THR A 1 47  ? -2.737  3.539   17.562  1.00 47.15 ? 47  THR A CB  1 
ATOM   347 O  OG1 . THR A 1 47  ? -3.538  3.548   18.743  1.00 47.23 ? 47  THR A OG1 1 
ATOM   348 C  CG2 . THR A 1 47  ? -3.316  4.571   16.639  1.00 46.69 ? 47  THR A CG2 1 
ATOM   349 N  N   . VAL A 1 48  ? -0.741  2.046   15.558  1.00 47.67 ? 48  VAL A N   1 
ATOM   350 C  CA  . VAL A 1 48  ? -0.009  2.001   14.289  1.00 48.18 ? 48  VAL A CA  1 
ATOM   351 C  C   . VAL A 1 48  ? -0.429  0.804   13.415  1.00 49.03 ? 48  VAL A C   1 
ATOM   352 O  O   . VAL A 1 48  ? -0.797  0.981   12.244  1.00 48.53 ? 48  VAL A O   1 
ATOM   353 C  CB  . VAL A 1 48  ? 1.513   1.927   14.470  1.00 48.49 ? 48  VAL A CB  1 
ATOM   354 C  CG1 . VAL A 1 48  ? 2.204   1.884   13.069  1.00 46.42 ? 48  VAL A CG1 1 
ATOM   355 C  CG2 . VAL A 1 48  ? 2.024   3.113   15.325  1.00 47.29 ? 48  VAL A CG2 1 
ATOM   356 N  N   . TYR A 1 49  ? -0.383  -0.399  13.996  1.00 49.41 ? 49  TYR A N   1 
ATOM   357 C  CA  . TYR A 1 49  ? -0.785  -1.615  13.299  1.00 49.91 ? 49  TYR A CA  1 
ATOM   358 C  C   . TYR A 1 49  ? -2.195  -1.475  12.722  1.00 49.37 ? 49  TYR A C   1 
ATOM   359 O  O   . TYR A 1 49  ? -2.405  -1.755  11.553  1.00 49.24 ? 49  TYR A O   1 
ATOM   360 C  CB  . TYR A 1 49  ? -0.666  -2.842  14.223  1.00 51.38 ? 49  TYR A CB  1 
ATOM   361 C  CG  . TYR A 1 49  ? -1.176  -4.110  13.568  1.00 54.74 ? 49  TYR A CG  1 
ATOM   362 C  CD1 . TYR A 1 49  ? -0.369  -4.827  12.659  1.00 56.52 ? 49  TYR A CD1 1 
ATOM   363 C  CD2 . TYR A 1 49  ? -2.484  -4.585  13.823  1.00 55.67 ? 49  TYR A CD2 1 
ATOM   364 C  CE1 . TYR A 1 49  ? -0.840  -5.991  12.037  1.00 56.11 ? 49  TYR A CE1 1 
ATOM   365 C  CE2 . TYR A 1 49  ? -2.968  -5.743  13.186  1.00 55.72 ? 49  TYR A CE2 1 
ATOM   366 C  CZ  . TYR A 1 49  ? -2.138  -6.440  12.299  1.00 55.40 ? 49  TYR A CZ  1 
ATOM   367 O  OH  . TYR A 1 49  ? -2.603  -7.579  11.668  1.00 54.98 ? 49  TYR A OH  1 
ATOM   368 N  N   . ARG A 1 50  ? -3.156  -1.029  13.536  1.00 49.13 ? 50  ARG A N   1 
ATOM   369 C  CA  . ARG A 1 50  ? -4.547  -0.817  13.083  1.00 48.42 ? 50  ARG A CA  1 
ATOM   370 C  C   . ARG A 1 50  ? -4.671  0.219   11.918  1.00 48.55 ? 50  ARG A C   1 
ATOM   371 O  O   . ARG A 1 50  ? -5.431  0.005   10.945  1.00 48.08 ? 50  ARG A O   1 
ATOM   372 C  CB  . ARG A 1 50  ? -5.474  -0.466  14.277  1.00 47.36 ? 50  ARG A CB  1 
ATOM   373 N  N   . THR A 1 51  ? -3.903  1.308   11.993  1.00 48.22 ? 51  THR A N   1 
ATOM   374 C  CA  . THR A 1 51  ? -3.945  2.317   10.947  1.00 48.56 ? 51  THR A CA  1 
ATOM   375 C  C   . THR A 1 51  ? -3.423  1.722   9.651   1.00 48.45 ? 51  THR A C   1 
ATOM   376 O  O   . THR A 1 51  ? -4.103  1.767   8.639   1.00 49.38 ? 51  THR A O   1 
ATOM   377 C  CB  . THR A 1 51  ? -3.152  3.601   11.319  1.00 48.71 ? 51  THR A CB  1 
ATOM   378 O  OG1 . THR A 1 51  ? -3.668  4.137   12.555  1.00 50.53 ? 51  THR A OG1 1 
ATOM   379 C  CG2 . THR A 1 51  ? -3.291  4.675   10.230  1.00 47.51 ? 51  THR A CG2 1 
ATOM   380 N  N   . LEU A 1 52  ? -2.238  1.133   9.682   1.00 48.01 ? 52  LEU A N   1 
ATOM   381 C  CA  . LEU A 1 52  ? -1.676  0.518   8.499   1.00 47.36 ? 52  LEU A CA  1 
ATOM   382 C  C   . LEU A 1 52  ? -2.595  -0.530  7.870   1.00 47.76 ? 52  LEU A C   1 
ATOM   383 O  O   . LEU A 1 52  ? -2.651  -0.629  6.647   1.00 46.74 ? 52  LEU A O   1 
ATOM   384 C  CB  . LEU A 1 52  ? -0.332  -0.086  8.823   1.00 47.15 ? 52  LEU A CB  1 
ATOM   385 C  CG  . LEU A 1 52  ? 0.728   0.939   9.200   1.00 47.07 ? 52  LEU A CG  1 
ATOM   386 C  CD1 . LEU A 1 52  ? 1.897   0.242   9.865   1.00 48.60 ? 52  LEU A CD1 1 
ATOM   387 C  CD2 . LEU A 1 52  ? 1.201   1.660   7.991   1.00 47.37 ? 52  LEU A CD2 1 
ATOM   388 N  N   . GLN A 1 53  ? -3.313  -1.300  8.694   1.00 48.45 ? 53  GLN A N   1 
ATOM   389 C  CA  . GLN A 1 53  ? -4.363  -2.208  8.176   1.00 49.64 ? 53  GLN A CA  1 
ATOM   390 C  C   . GLN A 1 53  ? -5.447  -1.457  7.418   1.00 49.24 ? 53  GLN A C   1 
ATOM   391 O  O   . GLN A 1 53  ? -5.792  -1.865  6.306   1.00 50.06 ? 53  GLN A O   1 
ATOM   392 C  CB  . GLN A 1 53  ? -5.027  -3.064  9.270   1.00 50.10 ? 53  GLN A CB  1 
ATOM   393 C  CG  . GLN A 1 53  ? -4.126  -4.120  9.933   1.00 54.56 ? 53  GLN A CG  1 
ATOM   394 C  CD  . GLN A 1 53  ? -3.463  -5.084  8.928   1.00 59.59 ? 53  GLN A CD  1 
ATOM   395 O  OE1 . GLN A 1 53  ? -2.442  -4.746  8.291   1.00 61.68 ? 53  GLN A OE1 1 
ATOM   396 N  NE2 . GLN A 1 53  ? -4.032  -6.297  8.799   1.00 58.47 ? 53  GLN A NE2 1 
ATOM   397 N  N   . SER A 1 54  ? -6.000  -0.379  7.993   1.00 48.88 ? 54  SER A N   1 
ATOM   398 C  CA  . SER A 1 54  ? -7.004  0.426   7.255   1.00 47.98 ? 54  SER A CA  1 
ATOM   399 C  C   . SER A 1 54  ? -6.395  0.904   5.930   1.00 48.02 ? 54  SER A C   1 
ATOM   400 O  O   . SER A 1 54  ? -7.001  0.728   4.864   1.00 47.87 ? 54  SER A O   1 
ATOM   401 C  CB  . SER A 1 54  ? -7.562  1.583   8.076   1.00 46.84 ? 54  SER A CB  1 
ATOM   402 N  N   . MET A 1 55  ? -5.171  1.417   5.977   1.00 47.58 ? 55  MET A N   1 
ATOM   403 C  CA  . MET A 1 55  ? -4.549  1.900   4.768   1.00 48.70 ? 55  MET A CA  1 
ATOM   404 C  C   . MET A 1 55  ? -4.349  0.809   3.728   1.00 48.69 ? 55  MET A C   1 
ATOM   405 O  O   . MET A 1 55  ? -4.617  1.021   2.529   1.00 49.23 ? 55  MET A O   1 
ATOM   406 C  CB  . MET A 1 55  ? -3.260  2.627   5.092   1.00 48.16 ? 55  MET A CB  1 
ATOM   407 C  CG  . MET A 1 55  ? -3.555  3.957   5.780   1.00 49.43 ? 55  MET A CG  1 
ATOM   408 S  SD  . MET A 1 55  ? -2.187  4.798   6.639   1.00 50.98 ? 55  MET A SD  1 
ATOM   409 C  CE  . MET A 1 55  ? -2.876  6.458   6.770   1.00 49.70 ? 55  MET A CE  1 
ATOM   410 N  N   . ALA A 1 56  ? -3.944  -0.369  4.197   1.00 48.67 ? 56  ALA A N   1 
ATOM   411 C  CA  . ALA A 1 56  ? -3.598  -1.497  3.329   1.00 48.40 ? 56  ALA A CA  1 
ATOM   412 C  C   . ALA A 1 56  ? -4.825  -2.080  2.637   1.00 48.47 ? 56  ALA A C   1 
ATOM   413 O  O   . ALA A 1 56  ? -4.698  -2.817  1.633   1.00 48.74 ? 56  ALA A O   1 
ATOM   414 C  CB  . ALA A 1 56  ? -2.869  -2.593  4.125   1.00 48.48 ? 56  ALA A CB  1 
ATOM   415 N  N   . SER A 1 57  ? -6.009  -1.756  3.151   1.00 47.75 ? 57  SER A N   1 
ATOM   416 C  CA  . SER A 1 57  ? -7.220  -2.291  2.542   1.00 47.52 ? 57  SER A CA  1 
ATOM   417 C  C   . SER A 1 57  ? -8.222  -1.240  2.043   1.00 47.13 ? 57  SER A C   1 
ATOM   418 O  O   . SER A 1 57  ? -9.365  -1.564  1.737   1.00 46.66 ? 57  SER A O   1 
ATOM   419 C  CB  . SER A 1 57  ? -7.890  -3.258  3.500   1.00 47.44 ? 57  SER A CB  1 
ATOM   420 O  OG  . SER A 1 57  ? -8.497  -2.546  4.547   1.00 48.19 ? 57  SER A OG  1 
ATOM   421 N  N   . SER A 1 58  ? -7.794  0.015   1.979   1.00 47.32 ? 58  SER A N   1 
ATOM   422 C  CA  . SER A 1 58  ? -8.564  1.070   1.318   1.00 47.87 ? 58  SER A CA  1 
ATOM   423 C  C   . SER A 1 58  ? -7.786  1.599   0.102   1.00 48.28 ? 58  SER A C   1 
ATOM   424 O  O   . SER A 1 58  ? -8.262  2.458   -0.644  1.00 48.44 ? 58  SER A O   1 
ATOM   425 C  CB  . SER A 1 58  ? -8.937  2.190   2.298   1.00 47.44 ? 58  SER A CB  1 
ATOM   426 O  OG  . SER A 1 58  ? -7.800  2.900   2.748   1.00 49.15 ? 58  SER A OG  1 
ATOM   427 N  N   . GLY A 1 59  ? -6.593  1.042   -0.088  1.00 49.23 ? 59  GLY A N   1 
ATOM   428 C  CA  . GLY A 1 59  ? -5.781  1.301   -1.251  1.00 50.21 ? 59  GLY A CA  1 
ATOM   429 C  C   . GLY A 1 59  ? -4.940  2.558   -1.162  1.00 51.08 ? 59  GLY A C   1 
ATOM   430 O  O   . GLY A 1 59  ? -4.767  3.251   -2.168  1.00 51.83 ? 59  GLY A O   1 
ATOM   431 N  N   . LEU A 1 60  ? -4.428  2.855   0.032   1.00 51.14 ? 60  LEU A N   1 
ATOM   432 C  CA  . LEU A 1 60  ? -3.503  3.953   0.220   1.00 51.29 ? 60  LEU A CA  1 
ATOM   433 C  C   . LEU A 1 60  ? -2.093  3.410   0.352   1.00 51.47 ? 60  LEU A C   1 
ATOM   434 O  O   . LEU A 1 60  ? -1.172  3.987   -0.213  1.00 51.88 ? 60  LEU A O   1 
ATOM   435 C  CB  . LEU A 1 60  ? -3.880  4.800   1.440   1.00 51.55 ? 60  LEU A CB  1 
ATOM   436 C  CG  . LEU A 1 60  ? -5.185  5.611   1.308   1.00 52.87 ? 60  LEU A CG  1 
ATOM   437 C  CD1 . LEU A 1 60  ? -5.908  5.687   2.659   1.00 52.30 ? 60  LEU A CD1 1 
ATOM   438 C  CD2 . LEU A 1 60  ? -4.963  7.021   0.696   1.00 51.58 ? 60  LEU A CD2 1 
ATOM   439 N  N   . VAL A 1 61  ? -1.913  2.309   1.088   1.00 51.56 ? 61  VAL A N   1 
ATOM   440 C  CA  . VAL A 1 61  ? -0.626  1.593   1.082   1.00 51.68 ? 61  VAL A CA  1 
ATOM   441 C  C   . VAL A 1 61  ? -0.699  0.220   0.390   1.00 51.68 ? 61  VAL A C   1 
ATOM   442 O  O   . VAL A 1 61  ? -1.743  -0.422  0.358   1.00 52.22 ? 61  VAL A O   1 
ATOM   443 C  CB  . VAL A 1 61  ? 0.015   1.397   2.506   1.00 51.76 ? 61  VAL A CB  1 
ATOM   444 C  CG1 . VAL A 1 61  ? -0.013  2.671   3.324   1.00 51.09 ? 61  VAL A CG1 1 
ATOM   445 C  CG2 . VAL A 1 61  ? -0.625  0.227   3.251   1.00 51.54 ? 61  VAL A CG2 1 
ATOM   446 N  N   . ASP A 1 62  ? 0.432   -0.215  -0.148  1.00 51.84 ? 62  ASP A N   1 
ATOM   447 C  CA  . ASP A 1 62  ? 0.592   -1.558  -0.681  1.00 51.88 ? 62  ASP A CA  1 
ATOM   448 C  C   . ASP A 1 62  ? 1.304   -2.438  0.333   1.00 51.64 ? 62  ASP A C   1 
ATOM   449 O  O   . ASP A 1 62  ? 2.052   -1.938  1.170   1.00 51.51 ? 62  ASP A O   1 
ATOM   450 C  CB  . ASP A 1 62  ? 1.410   -1.489  -1.959  1.00 51.92 ? 62  ASP A CB  1 
ATOM   451 C  CG  . ASP A 1 62  ? 0.673   -0.792  -3.074  1.00 52.47 ? 62  ASP A CG  1 
ATOM   452 O  OD1 . ASP A 1 62  ? -0.511  -0.413  -2.890  1.00 52.12 ? 62  ASP A OD1 1 
ATOM   453 O  OD2 . ASP A 1 62  ? 1.290   -0.626  -4.142  1.00 56.28 ? 62  ASP A OD2 1 
ATOM   454 N  N   . THR A 1 63  ? 1.097   -3.744  0.248   1.00 51.42 ? 63  THR A N   1 
ATOM   455 C  CA  . THR A 1 63  ? 1.610   -4.634  1.264   1.00 52.11 ? 63  THR A CA  1 
ATOM   456 C  C   . THR A 1 63  ? 2.364   -5.865  0.707   1.00 52.88 ? 63  THR A C   1 
ATOM   457 O  O   . THR A 1 63  ? 2.137   -6.276  -0.443  1.00 53.46 ? 63  THR A O   1 
ATOM   458 C  CB  . THR A 1 63  ? 0.458   -5.023  2.232   1.00 51.93 ? 63  THR A CB  1 
ATOM   459 O  OG1 . THR A 1 63  ? 0.982   -5.263  3.544   1.00 53.20 ? 63  THR A OG1 1 
ATOM   460 C  CG2 . THR A 1 63  ? -0.297  -6.245  1.745   1.00 52.03 ? 63  THR A CG2 1 
ATOM   461 N  N   . LEU A 1 64  ? 3.277   -6.425  1.509   1.00 53.65 ? 64  LEU A N   1 
ATOM   462 C  CA  . LEU A 1 64  ? 3.906   -7.736  1.239   1.00 54.43 ? 64  LEU A CA  1 
ATOM   463 C  C   . LEU A 1 64  ? 4.090   -8.534  2.537   1.00 55.19 ? 64  LEU A C   1 
ATOM   464 O  O   . LEU A 1 64  ? 4.057   -7.957  3.638   1.00 54.76 ? 64  LEU A O   1 
ATOM   465 C  CB  . LEU A 1 64  ? 5.264   -7.580  0.547   1.00 54.20 ? 64  LEU A CB  1 
ATOM   466 C  CG  . LEU A 1 64  ? 5.373   -7.391  -0.966  1.00 54.61 ? 64  LEU A CG  1 
ATOM   467 C  CD1 . LEU A 1 64  ? 6.672   -6.646  -1.302  1.00 53.41 ? 64  LEU A CD1 1 
ATOM   468 C  CD2 . LEU A 1 64  ? 5.268   -8.724  -1.749  1.00 54.35 ? 64  LEU A CD2 1 
ATOM   469 N  N   . HIS A 1 65  ? 4.276   -9.857  2.400   1.00 56.37 ? 65  HIS A N   1 
ATOM   470 C  CA  . HIS A 1 65  ? 4.596   -10.740 3.541   1.00 57.50 ? 65  HIS A CA  1 
ATOM   471 C  C   . HIS A 1 65  ? 5.997   -11.326 3.412   1.00 57.97 ? 65  HIS A C   1 
ATOM   472 O  O   . HIS A 1 65  ? 6.250   -12.201 2.578   1.00 57.90 ? 65  HIS A O   1 
ATOM   473 C  CB  . HIS A 1 65  ? 3.548   -11.843 3.732   1.00 57.42 ? 65  HIS A CB  1 
ATOM   474 C  CG  . HIS A 1 65  ? 2.270   -11.358 4.352   1.00 59.62 ? 65  HIS A CG  1 
ATOM   475 N  ND1 . HIS A 1 65  ? 1.142   -11.057 3.611   1.00 61.54 ? 65  HIS A ND1 1 
ATOM   476 C  CD2 . HIS A 1 65  ? 1.948   -11.101 5.645   1.00 61.11 ? 65  HIS A CD2 1 
ATOM   477 C  CE1 . HIS A 1 65  ? 0.180   -10.646 4.419   1.00 61.47 ? 65  HIS A CE1 1 
ATOM   478 N  NE2 . HIS A 1 65  ? 0.642   -10.663 5.659   1.00 62.32 ? 65  HIS A NE2 1 
ATOM   479 N  N   . THR A 1 66  ? 6.907   -10.831 4.247   1.00 58.80 ? 66  THR A N   1 
ATOM   480 C  CA  . THR A 1 66  ? 8.318   -11.244 4.196   1.00 59.90 ? 66  THR A CA  1 
ATOM   481 C  C   . THR A 1 66  ? 8.550   -12.669 4.719   1.00 59.90 ? 66  THR A C   1 
ATOM   482 O  O   . THR A 1 66  ? 7.728   -13.202 5.469   1.00 59.98 ? 66  THR A O   1 
ATOM   483 C  CB  . THR A 1 66  ? 9.219   -10.260 4.969   1.00 60.15 ? 66  THR A CB  1 
ATOM   484 O  OG1 . THR A 1 66  ? 9.061   -10.455 6.387   1.00 61.01 ? 66  THR A OG1 1 
ATOM   485 C  CG2 . THR A 1 66  ? 8.864   -8.820  4.596   1.00 60.56 ? 66  THR A CG2 1 
ATOM   486 N  N   . ASP A 1 67  ? 9.673   -13.271 4.335   1.00 60.00 ? 67  ASP A N   1 
ATOM   487 C  CA  . ASP A 1 67  ? 9.980   -14.648 4.741   1.00 60.18 ? 67  ASP A CA  1 
ATOM   488 C  C   . ASP A 1 67  ? 9.894   -14.930 6.255   1.00 60.23 ? 67  ASP A C   1 
ATOM   489 O  O   . ASP A 1 67  ? 9.776   -16.080 6.676   1.00 60.16 ? 67  ASP A O   1 
ATOM   490 C  CB  . ASP A 1 67  ? 11.320  -15.096 4.155   1.00 60.36 ? 67  ASP A CB  1 
ATOM   491 C  CG  . ASP A 1 67  ? 11.215  -15.459 2.685   1.00 59.94 ? 67  ASP A CG  1 
ATOM   492 O  OD1 . ASP A 1 67  ? 10.735  -14.619 1.890   1.00 60.14 ? 67  ASP A OD1 1 
ATOM   493 O  OD2 . ASP A 1 67  ? 11.613  -16.584 2.330   1.00 59.23 ? 67  ASP A OD2 1 
ATOM   494 N  N   . THR A 1 68  ? 9.948   -13.874 7.059   1.00 60.53 ? 68  THR A N   1 
ATOM   495 C  CA  . THR A 1 68  ? 9.622   -13.956 8.488   1.00 60.55 ? 68  THR A CA  1 
ATOM   496 C  C   . THR A 1 68  ? 8.128   -14.337 8.687   1.00 60.35 ? 68  THR A C   1 
ATOM   497 O  O   . THR A 1 68  ? 7.813   -15.351 9.321   1.00 60.43 ? 68  THR A O   1 
ATOM   498 C  CB  . THR A 1 68  ? 10.002  -12.628 9.272   1.00 60.59 ? 68  THR A CB  1 
ATOM   499 O  OG1 . THR A 1 68  ? 9.085   -11.573 8.956   1.00 60.58 ? 68  THR A OG1 1 
ATOM   500 C  CG2 . THR A 1 68  ? 11.440  -12.162 8.951   1.00 60.33 ? 68  THR A CG2 1 
ATOM   501 N  N   . GLY A 1 69  ? 7.234   -13.541 8.094   1.00 60.02 ? 69  GLY A N   1 
ATOM   502 C  CA  . GLY A 1 69  ? 5.781   -13.646 8.285   1.00 59.22 ? 69  GLY A CA  1 
ATOM   503 C  C   . GLY A 1 69  ? 5.175   -12.252 8.452   1.00 58.64 ? 69  GLY A C   1 
ATOM   504 O  O   . GLY A 1 69  ? 3.979   -12.046 8.211   1.00 58.83 ? 69  GLY A O   1 
ATOM   505 N  N   . GLU A 1 70  ? 6.014   -11.300 8.868   1.00 57.61 ? 70  GLU A N   1 
ATOM   506 C  CA  . GLU A 1 70  ? 5.635   -9.894  9.028   1.00 56.54 ? 70  GLU A CA  1 
ATOM   507 C  C   . GLU A 1 70  ? 5.139   -9.254  7.737   1.00 55.03 ? 70  GLU A C   1 
ATOM   508 O  O   . GLU A 1 70  ? 5.697   -9.470  6.661   1.00 54.90 ? 70  GLU A O   1 
ATOM   509 C  CB  . GLU A 1 70  ? 6.811   -9.073  9.586   1.00 56.75 ? 70  GLU A CB  1 
ATOM   510 C  CG  . GLU A 1 70  ? 6.582   -8.555  10.992  1.00 59.30 ? 70  GLU A CG  1 
ATOM   511 C  CD  . GLU A 1 70  ? 7.872   -8.430  11.811  1.00 64.40 ? 70  GLU A CD  1 
ATOM   512 O  OE1 . GLU A 1 70  ? 8.542   -9.491  12.008  1.00 65.82 ? 70  GLU A OE1 1 
ATOM   513 O  OE2 . GLU A 1 70  ? 8.199   -7.290  12.280  1.00 64.80 ? 70  GLU A OE2 1 
ATOM   514 N  N   . SER A 1 71  ? 4.079   -8.470  7.884   1.00 53.51 ? 71  SER A N   1 
ATOM   515 C  CA  . SER A 1 71  ? 3.557   -7.597  6.858   1.00 51.78 ? 71  SER A CA  1 
ATOM   516 C  C   . SER A 1 71  ? 4.424   -6.346  6.777   1.00 50.82 ? 71  SER A C   1 
ATOM   517 O  O   . SER A 1 71  ? 4.757   -5.763  7.808   1.00 50.77 ? 71  SER A O   1 
ATOM   518 C  CB  . SER A 1 71  ? 2.144   -7.179  7.256   1.00 51.77 ? 71  SER A CB  1 
ATOM   519 O  OG  . SER A 1 71  ? 1.211   -8.214  7.027   1.00 51.70 ? 71  SER A OG  1 
ATOM   520 N  N   . VAL A 1 72  ? 4.772   -5.926  5.561   1.00 49.88 ? 72  VAL A N   1 
ATOM   521 C  CA  . VAL A 1 72  ? 5.491   -4.658  5.331   1.00 48.97 ? 72  VAL A CA  1 
ATOM   522 C  C   . VAL A 1 72  ? 4.621   -3.730  4.465   1.00 49.15 ? 72  VAL A C   1 
ATOM   523 O  O   . VAL A 1 72  ? 3.772   -4.221  3.707   1.00 48.64 ? 72  VAL A O   1 
ATOM   524 C  CB  . VAL A 1 72  ? 6.882   -4.872  4.638   1.00 49.20 ? 72  VAL A CB  1 
ATOM   525 C  CG1 . VAL A 1 72  ? 7.948   -5.328  5.626   1.00 46.85 ? 72  VAL A CG1 1 
ATOM   526 C  CG2 . VAL A 1 72  ? 6.773   -5.834  3.427   1.00 47.95 ? 72  VAL A CG2 1 
ATOM   527 N  N   . TYR A 1 73  ? 4.847   -2.409  4.559   1.00 49.23 ? 73  TYR A N   1 
ATOM   528 C  CA  . TYR A 1 73  ? 3.943   -1.388  3.972   1.00 49.54 ? 73  TYR A CA  1 
ATOM   529 C  C   . TYR A 1 73  ? 4.668   -0.228  3.273   1.00 50.04 ? 73  TYR A C   1 
ATOM   530 O  O   . TYR A 1 73  ? 5.746   0.185   3.734   1.00 51.51 ? 73  TYR A O   1 
ATOM   531 C  CB  . TYR A 1 73  ? 3.032   -0.794  5.068   1.00 49.48 ? 73  TYR A CB  1 
ATOM   532 C  CG  . TYR A 1 73  ? 2.317   -1.806  5.955   1.00 49.53 ? 73  TYR A CG  1 
ATOM   533 C  CD1 . TYR A 1 73  ? 2.928   -2.309  7.107   1.00 48.74 ? 73  TYR A CD1 1 
ATOM   534 C  CD2 . TYR A 1 73  ? 1.039   -2.267  5.635   1.00 48.72 ? 73  TYR A CD2 1 
ATOM   535 C  CE1 . TYR A 1 73  ? 2.277   -3.242  7.902   1.00 49.04 ? 73  TYR A CE1 1 
ATOM   536 C  CE2 . TYR A 1 73  ? 0.387   -3.215  6.430   1.00 47.89 ? 73  TYR A CE2 1 
ATOM   537 C  CZ  . TYR A 1 73  ? 1.003   -3.686  7.563   1.00 48.44 ? 73  TYR A CZ  1 
ATOM   538 O  OH  . TYR A 1 73  ? 0.360   -4.605  8.376   1.00 48.64 ? 73  TYR A OH  1 
ATOM   539 N  N   . ARG A 1 74  ? 4.070   0.322   2.209   1.00 49.95 ? 74  ARG A N   1 
ATOM   540 C  CA  . ARG A 1 74  ? 4.565   1.542   1.524   1.00 50.83 ? 74  ARG A CA  1 
ATOM   541 C  C   . ARG A 1 74  ? 3.385   2.368   0.960   1.00 51.42 ? 74  ARG A C   1 
ATOM   542 O  O   . ARG A 1 74  ? 2.452   1.784   0.380   1.00 51.81 ? 74  ARG A O   1 
ATOM   543 C  CB  . ARG A 1 74  ? 5.568   1.160   0.334   1.00 50.78 ? 74  ARG A CB  1 
ATOM   544 N  N   . ARG A 1 75  ? 3.436   3.709   1.051   1.00 51.70 ? 75  ARG A N   1 
ATOM   545 C  CA  . ARG A 1 75  ? 2.500   4.553   0.255   1.00 51.49 ? 75  ARG A CA  1 
ATOM   546 C  C   . ARG A 1 75  ? 2.714   4.129   -1.170  1.00 51.40 ? 75  ARG A C   1 
ATOM   547 O  O   . ARG A 1 75  ? 3.846   3.856   -1.538  1.00 51.47 ? 75  ARG A O   1 
ATOM   548 C  CB  . ARG A 1 75  ? 2.781   6.059   0.396   1.00 51.31 ? 75  ARG A CB  1 
ATOM   549 N  N   . CYS A 1 76  ? 1.633   4.060   -1.956  1.00 51.71 ? 76  CYS A N   1 
ATOM   550 C  CA  . CYS A 1 76  ? 1.661   3.558   -3.332  1.00 51.99 ? 76  CYS A CA  1 
ATOM   551 C  C   . CYS A 1 76  ? 2.817   4.135   -4.149  1.00 52.62 ? 76  CYS A C   1 
ATOM   552 O  O   . CYS A 1 76  ? 3.108   5.335   -4.046  1.00 52.96 ? 76  CYS A O   1 
ATOM   553 C  CB  . CYS A 1 76  ? 0.331   3.785   -4.016  1.00 51.50 ? 76  CYS A CB  1 
ATOM   554 S  SG  . CYS A 1 76  ? 0.067   2.618   -5.350  1.00 50.96 ? 76  CYS A SG  1 
ATOM   555 N  N   . SER A 1 77  ? 3.447   3.273   -4.962  1.00 53.19 ? 77  SER A N   1 
ATOM   556 C  CA  . SER A 1 77  ? 4.887   3.387   -5.348  1.00 53.58 ? 77  SER A CA  1 
ATOM   557 C  C   . SER A 1 77  ? 5.412   4.485   -6.331  1.00 53.87 ? 77  SER A C   1 
ATOM   558 O  O   . SER A 1 77  ? 6.635   4.578   -6.534  1.00 54.02 ? 77  SER A O   1 
ATOM   559 C  CB  . SER A 1 77  ? 5.430   1.998   -5.767  1.00 53.48 ? 77  SER A CB  1 
ATOM   560 N  N   . GLU A 1 78  ? 4.518   5.296   -6.923  1.00 53.91 ? 78  GLU A N   1 
ATOM   561 C  CA  . GLU A 1 78  ? 4.867   6.366   -7.918  1.00 53.51 ? 78  GLU A CA  1 
ATOM   562 C  C   . GLU A 1 78  ? 5.351   5.865   -9.309  1.00 53.29 ? 78  GLU A C   1 
ATOM   563 O  O   . GLU A 1 78  ? 4.946   6.414   -10.340 1.00 53.39 ? 78  GLU A O   1 
ATOM   564 C  CB  . GLU A 1 78  ? 5.812   7.441   -7.330  1.00 53.16 ? 78  GLU A CB  1 
ATOM   565 N  N   . HIS A 1 79  ? 6.189   4.824   -9.337  1.00 52.67 ? 79  HIS A N   1 
ATOM   566 C  CA  . HIS A 1 79  ? 6.538   4.126   -10.577 1.00 52.02 ? 79  HIS A CA  1 
ATOM   567 C  C   . HIS A 1 79  ? 5.376   3.249   -11.060 1.00 51.32 ? 79  HIS A C   1 
ATOM   568 O  O   . HIS A 1 79  ? 4.710   2.597   -10.247 1.00 51.37 ? 79  HIS A O   1 
ATOM   569 C  CB  . HIS A 1 79  ? 7.809   3.308   -10.375 1.00 52.19 ? 79  HIS A CB  1 
ATOM   570 C  CG  . HIS A 1 79  ? 9.031   4.146   -10.109 1.00 54.19 ? 79  HIS A CG  1 
ATOM   571 N  ND1 . HIS A 1 79  ? 9.730   4.790   -11.112 1.00 55.42 ? 79  HIS A ND1 1 
ATOM   572 C  CD2 . HIS A 1 79  ? 9.682   4.440   -8.954  1.00 55.22 ? 79  HIS A CD2 1 
ATOM   573 C  CE1 . HIS A 1 79  ? 10.754  5.444   -10.587 1.00 55.94 ? 79  HIS A CE1 1 
ATOM   574 N  NE2 . HIS A 1 79  ? 10.750  5.244   -9.280  1.00 56.08 ? 79  HIS A NE2 1 
ATOM   575 N  N   . HIS A 1 80  ? 5.122   3.242   -12.373 1.00 50.40 ? 80  HIS A N   1 
ATOM   576 C  CA  . HIS A 1 80  ? 3.946   2.548   -12.951 1.00 49.53 ? 80  HIS A CA  1 
ATOM   577 C  C   . HIS A 1 80  ? 3.904   1.043   -12.634 1.00 49.32 ? 80  HIS A C   1 
ATOM   578 O  O   . HIS A 1 80  ? 4.829   0.300   -12.978 1.00 48.89 ? 80  HIS A O   1 
ATOM   579 C  CB  . HIS A 1 80  ? 3.838   2.814   -14.468 1.00 49.26 ? 80  HIS A CB  1 
ATOM   580 C  CG  . HIS A 1 80  ? 2.749   2.050   -15.164 1.00 47.48 ? 80  HIS A CG  1 
ATOM   581 N  ND1 . HIS A 1 80  ? 1.584   2.645   -15.598 1.00 46.95 ? 80  HIS A ND1 1 
ATOM   582 C  CD2 . HIS A 1 80  ? 2.663   0.749   -15.538 1.00 45.96 ? 80  HIS A CD2 1 
ATOM   583 C  CE1 . HIS A 1 80  ? 0.823   1.742   -16.200 1.00 46.25 ? 80  HIS A CE1 1 
ATOM   584 N  NE2 . HIS A 1 80  ? 1.454   0.582   -16.175 1.00 45.23 ? 80  HIS A NE2 1 
ATOM   585 N  N   . HIS A 1 81  ? 2.826   0.621   -11.966 1.00 48.90 ? 81  HIS A N   1 
ATOM   586 C  CA  . HIS A 1 81  ? 2.585   -0.784  -11.659 1.00 48.96 ? 81  HIS A CA  1 
ATOM   587 C  C   . HIS A 1 81  ? 1.086   -1.068  -11.602 1.00 48.74 ? 81  HIS A C   1 
ATOM   588 O  O   . HIS A 1 81  ? 0.278   -0.153  -11.750 1.00 48.75 ? 81  HIS A O   1 
ATOM   589 C  CB  . HIS A 1 81  ? 3.241   -1.157  -10.338 1.00 49.21 ? 81  HIS A CB  1 
ATOM   590 C  CG  . HIS A 1 81  ? 2.669   -0.438  -9.155  1.00 51.22 ? 81  HIS A CG  1 
ATOM   591 N  ND1 . HIS A 1 81  ? 3.178   0.760   -8.695  1.00 52.31 ? 81  HIS A ND1 1 
ATOM   592 C  CD2 . HIS A 1 81  ? 1.638   -0.752  -8.330  1.00 52.08 ? 81  HIS A CD2 1 
ATOM   593 C  CE1 . HIS A 1 81  ? 2.482   1.155   -7.642  1.00 53.00 ? 81  HIS A CE1 1 
ATOM   594 N  NE2 . HIS A 1 81  ? 1.544   0.254   -7.395  1.00 55.11 ? 81  HIS A NE2 1 
ATOM   595 N  N   . HIS A 1 82  ? 0.714   -2.329  -11.396 1.00 48.65 ? 82  HIS A N   1 
ATOM   596 C  CA  . HIS A 1 82  ? -0.684  -2.687  -11.151 1.00 48.81 ? 82  HIS A CA  1 
ATOM   597 C  C   . HIS A 1 82  ? -0.837  -3.424  -9.793  1.00 49.11 ? 82  HIS A C   1 
ATOM   598 O  O   . HIS A 1 82  ? 0.164   -3.713  -9.112  1.00 49.39 ? 82  HIS A O   1 
ATOM   599 C  CB  . HIS A 1 82  ? -1.271  -3.493  -12.333 1.00 48.75 ? 82  HIS A CB  1 
ATOM   600 C  CG  . HIS A 1 82  ? -1.070  -2.846  -13.680 1.00 48.91 ? 82  HIS A CG  1 
ATOM   601 N  ND1 . HIS A 1 82  ? -1.851  -1.802  -14.136 1.00 49.25 ? 82  HIS A ND1 1 
ATOM   602 C  CD2 . HIS A 1 82  ? -0.184  -3.110  -14.673 1.00 48.58 ? 82  HIS A CD2 1 
ATOM   603 C  CE1 . HIS A 1 82  ? -1.440  -1.438  -15.339 1.00 49.06 ? 82  HIS A CE1 1 
ATOM   604 N  NE2 . HIS A 1 82  ? -0.438  -2.225  -15.692 1.00 48.65 ? 82  HIS A NE2 1 
ATOM   605 N  N   . HIS A 1 83  ? -2.082  -3.703  -9.393  1.00 49.22 ? 83  HIS A N   1 
ATOM   606 C  CA  . HIS A 1 83  ? -2.358  -4.336  -8.109  1.00 48.96 ? 83  HIS A CA  1 
ATOM   607 C  C   . HIS A 1 83  ? -3.135  -5.634  -8.169  1.00 49.08 ? 83  HIS A C   1 
ATOM   608 O  O   . HIS A 1 83  ? -4.047  -5.800  -8.983  1.00 49.38 ? 83  HIS A O   1 
ATOM   609 C  CB  . HIS A 1 83  ? -3.169  -3.413  -7.221  1.00 48.96 ? 83  HIS A CB  1 
ATOM   610 C  CG  . HIS A 1 83  ? -2.572  -2.068  -7.036  1.00 49.92 ? 83  HIS A CG  1 
ATOM   611 N  ND1 . HIS A 1 83  ? -3.154  -0.927  -7.546  1.00 52.10 ? 83  HIS A ND1 1 
ATOM   612 C  CD2 . HIS A 1 83  ? -1.460  -1.666  -6.382  1.00 51.08 ? 83  HIS A CD2 1 
ATOM   613 C  CE1 . HIS A 1 83  ? -2.420  0.122   -7.232  1.00 52.00 ? 83  HIS A CE1 1 
ATOM   614 N  NE2 . HIS A 1 83  ? -1.390  -0.301  -6.523  1.00 54.98 ? 83  HIS A NE2 1 
ATOM   615 N  N   . LEU A 1 84  ? -2.782  -6.523  -7.247  1.00 49.33 ? 84  LEU A N   1 
ATOM   616 C  CA  . LEU A 1 84  ? -3.556  -7.699  -6.880  1.00 49.37 ? 84  LEU A CA  1 
ATOM   617 C  C   . LEU A 1 84  ? -4.416  -7.333  -5.671  1.00 50.10 ? 84  LEU A C   1 
ATOM   618 O  O   . LEU A 1 84  ? -3.921  -6.681  -4.746  1.00 50.84 ? 84  LEU A O   1 
ATOM   619 C  CB  . LEU A 1 84  ? -2.572  -8.783  -6.480  1.00 48.73 ? 84  LEU A CB  1 
ATOM   620 C  CG  . LEU A 1 84  ? -3.053  -10.107 -5.918  1.00 48.34 ? 84  LEU A CG  1 
ATOM   621 C  CD1 . LEU A 1 84  ? -4.013  -10.820 -6.885  1.00 48.25 ? 84  LEU A CD1 1 
ATOM   622 C  CD2 . LEU A 1 84  ? -1.816  -10.944 -5.682  1.00 47.25 ? 84  LEU A CD2 1 
ATOM   623 N  N   . VAL A 1 85  ? -5.690  -7.720  -5.645  1.00 50.37 ? 85  VAL A N   1 
ATOM   624 C  CA  . VAL A 1 85  ? -6.516  -7.360  -4.487  1.00 50.63 ? 85  VAL A CA  1 
ATOM   625 C  C   . VAL A 1 85  ? -7.366  -8.502  -3.932  1.00 51.16 ? 85  VAL A C   1 
ATOM   626 O  O   . VAL A 1 85  ? -7.944  -9.295  -4.685  1.00 51.42 ? 85  VAL A O   1 
ATOM   627 C  CB  . VAL A 1 85  ? -7.358  -6.099  -4.763  1.00 50.35 ? 85  VAL A CB  1 
ATOM   628 C  CG1 . VAL A 1 85  ? -8.013  -5.552  -3.473  1.00 50.70 ? 85  VAL A CG1 1 
ATOM   629 C  CG2 . VAL A 1 85  ? -6.474  -5.029  -5.330  1.00 50.69 ? 85  VAL A CG2 1 
ATOM   630 N  N   . CYS A 1 86  ? -7.437  -8.575  -2.605  1.00 51.76 ? 86  CYS A N   1 
ATOM   631 C  CA  . CYS A 1 86  ? -8.319  -9.524  -1.935  1.00 51.82 ? 86  CYS A CA  1 
ATOM   632 C  C   . CYS A 1 86  ? -9.772  -9.055  -1.909  1.00 51.60 ? 86  CYS A C   1 
ATOM   633 O  O   . CYS A 1 86  ? -10.083 -8.003  -1.353  1.00 51.28 ? 86  CYS A O   1 
ATOM   634 C  CB  . CYS A 1 86  ? -7.849  -9.828  -0.509  1.00 51.65 ? 86  CYS A CB  1 
ATOM   635 S  SG  . CYS A 1 86  ? -8.762  -11.232 0.165   1.00 53.27 ? 86  CYS A SG  1 
ATOM   636 N  N   . ARG A 1 87  ? -10.653 -9.855  -2.507  1.00 51.85 ? 87  ARG A N   1 
ATOM   637 C  CA  . ARG A 1 87  ? -12.101 -9.588  -2.510  1.00 52.20 ? 87  ARG A CA  1 
ATOM   638 C  C   . ARG A 1 87  ? -12.693 -9.425  -1.111  1.00 51.43 ? 87  ARG A C   1 
ATOM   639 O  O   . ARG A 1 87  ? -13.667 -8.715  -0.931  1.00 51.19 ? 87  ARG A O   1 
ATOM   640 C  CB  . ARG A 1 87  ? -12.871 -10.697 -3.249  1.00 52.09 ? 87  ARG A CB  1 
ATOM   641 C  CG  . ARG A 1 87  ? -12.553 -10.801 -4.736  1.00 53.82 ? 87  ARG A CG  1 
ATOM   642 C  CD  . ARG A 1 87  ? -13.630 -11.561 -5.538  1.00 53.59 ? 87  ARG A CD  1 
ATOM   643 N  NE  . ARG A 1 87  ? -13.090 -12.043 -6.817  1.00 57.59 ? 87  ARG A NE  1 
ATOM   644 C  CZ  . ARG A 1 87  ? -12.319 -13.137 -6.946  1.00 59.97 ? 87  ARG A CZ  1 
ATOM   645 N  NH1 . ARG A 1 87  ? -11.990 -13.872 -5.867  1.00 59.34 ? 87  ARG A NH1 1 
ATOM   646 N  NH2 . ARG A 1 87  ? -11.866 -13.511 -8.153  1.00 59.00 ? 87  ARG A NH2 1 
ATOM   647 N  N   . SER A 1 88  ? -12.100 -10.083 -0.127  1.00 51.42 ? 88  SER A N   1 
ATOM   648 C  CA  . SER A 1 88  ? -12.722 -10.171 1.185   1.00 51.29 ? 88  SER A CA  1 
ATOM   649 C  C   . SER A 1 88  ? -12.358 -9.078  2.186   1.00 51.83 ? 88  SER A C   1 
ATOM   650 O  O   . SER A 1 88  ? -13.217 -8.617  2.927   1.00 51.95 ? 88  SER A O   1 
ATOM   651 C  CB  . SER A 1 88  ? -12.461 -11.544 1.774   1.00 50.81 ? 88  SER A CB  1 
ATOM   652 O  OG  . SER A 1 88  ? -13.445 -12.429 1.314   1.00 49.12 ? 88  SER A OG  1 
ATOM   653 N  N   . CYS A 1 89  ? -11.087 -8.676  2.198   1.00 52.48 ? 89  CYS A N   1 
ATOM   654 C  CA  . CYS A 1 89  ? -10.592 -7.657  3.119   1.00 53.14 ? 89  CYS A CA  1 
ATOM   655 C  C   . CYS A 1 89  ? -9.981  -6.419  2.433   1.00 53.86 ? 89  CYS A C   1 
ATOM   656 O  O   . CYS A 1 89  ? -9.724  -5.410  3.102   1.00 54.15 ? 89  CYS A O   1 
ATOM   657 C  CB  . CYS A 1 89  ? -9.547  -8.270  4.047   1.00 53.22 ? 89  CYS A CB  1 
ATOM   658 S  SG  . CYS A 1 89  ? -8.095  -8.857  3.197   1.00 52.48 ? 89  CYS A SG  1 
ATOM   659 N  N   . GLY A 1 90  ? -9.727  -6.503  1.126   1.00 54.05 ? 90  GLY A N   1 
ATOM   660 C  CA  . GLY A 1 90  ? -9.198  -5.369  0.364   1.00 54.54 ? 90  GLY A CA  1 
ATOM   661 C  C   . GLY A 1 90  ? -7.670  -5.247  0.332   1.00 54.79 ? 90  GLY A C   1 
ATOM   662 O  O   . GLY A 1 90  ? -7.117  -4.309  -0.274  1.00 55.01 ? 90  GLY A O   1 
ATOM   663 N  N   . SER A 1 91  ? -6.991  -6.182  0.993   1.00 54.40 ? 91  SER A N   1 
ATOM   664 C  CA  . SER A 1 91  ? -5.529  -6.253  0.993   1.00 54.14 ? 91  SER A CA  1 
ATOM   665 C  C   . SER A 1 91  ? -4.940  -6.033  -0.425  1.00 54.01 ? 91  SER A C   1 
ATOM   666 O  O   . SER A 1 91  ? -5.208  -6.811  -1.346  1.00 53.79 ? 91  SER A O   1 
ATOM   667 C  CB  . SER A 1 91  ? -5.097  -7.612  1.568   1.00 54.04 ? 91  SER A CB  1 
ATOM   668 O  OG  . SER A 1 91  ? -3.704  -7.690  1.789   1.00 53.70 ? 91  SER A OG  1 
ATOM   669 N  N   . THR A 1 92  ? -4.159  -4.960  -0.587  1.00 53.54 ? 92  THR A N   1 
ATOM   670 C  CA  . THR A 1 92  ? -3.591  -4.585  -1.891  1.00 52.86 ? 92  THR A CA  1 
ATOM   671 C  C   . THR A 1 92  ? -2.096  -4.943  -1.980  1.00 52.76 ? 92  THR A C   1 
ATOM   672 O  O   . THR A 1 92  ? -1.284  -4.489  -1.156  1.00 52.76 ? 92  THR A O   1 
ATOM   673 C  CB  . THR A 1 92  ? -3.722  -3.064  -2.176  1.00 52.53 ? 92  THR A CB  1 
ATOM   674 O  OG1 . THR A 1 92  ? -4.949  -2.556  -1.643  1.00 53.01 ? 92  THR A OG1 1 
ATOM   675 C  CG2 . THR A 1 92  ? -3.663  -2.797  -3.649  1.00 51.30 ? 92  THR A CG2 1 
ATOM   676 N  N   . ILE A 1 93  ? -1.742  -5.729  -2.998  1.00 52.12 ? 93  ILE A N   1 
ATOM   677 C  CA  . ILE A 1 93  ? -0.365  -6.129  -3.245  1.00 51.23 ? 93  ILE A CA  1 
ATOM   678 C  C   . ILE A 1 93  ? 0.048   -5.574  -4.584  1.00 51.12 ? 93  ILE A C   1 
ATOM   679 O  O   . ILE A 1 93  ? -0.750  -5.595  -5.515  1.00 51.14 ? 93  ILE A O   1 
ATOM   680 C  CB  . ILE A 1 93  ? -0.226  -7.660  -3.213  1.00 51.00 ? 93  ILE A CB  1 
ATOM   681 C  CG1 . ILE A 1 93  ? -0.422  -8.137  -1.777  1.00 50.97 ? 93  ILE A CG1 1 
ATOM   682 C  CG2 . ILE A 1 93  ? 1.149   -8.114  -3.733  1.00 50.90 ? 93  ILE A CG2 1 
ATOM   683 C  CD1 . ILE A 1 93  ? -0.423  -9.607  -1.600  1.00 51.16 ? 93  ILE A CD1 1 
ATOM   684 N  N   . GLU A 1 94  ? 1.281   -5.066  -4.668  1.00 51.14 ? 94  GLU A N   1 
ATOM   685 C  CA  . GLU A 1 94  ? 1.854   -4.518  -5.906  1.00 51.14 ? 94  GLU A CA  1 
ATOM   686 C  C   . GLU A 1 94  ? 2.331   -5.614  -6.834  1.00 51.43 ? 94  GLU A C   1 
ATOM   687 O  O   . GLU A 1 94  ? 3.034   -6.530  -6.391  1.00 51.15 ? 94  GLU A O   1 
ATOM   688 C  CB  . GLU A 1 94  ? 3.035   -3.610  -5.590  1.00 51.10 ? 94  GLU A CB  1 
ATOM   689 C  CG  . GLU A 1 94  ? 3.762   -3.101  -6.828  1.00 51.12 ? 94  GLU A CG  1 
ATOM   690 C  CD  . GLU A 1 94  ? 4.869   -2.107  -6.517  1.00 50.96 ? 94  GLU A CD  1 
ATOM   691 O  OE1 . GLU A 1 94  ? 4.908   -1.555  -5.387  1.00 51.10 ? 94  GLU A OE1 1 
ATOM   692 O  OE2 . GLU A 1 94  ? 5.697   -1.878  -7.421  1.00 50.62 ? 94  GLU A OE2 1 
ATOM   693 N  N   . VAL A 1 95  ? 1.955   -5.505  -8.111  1.00 51.83 ? 95  VAL A N   1 
ATOM   694 C  CA  . VAL A 1 95  ? 2.384   -6.458  -9.163  1.00 52.56 ? 95  VAL A CA  1 
ATOM   695 C  C   . VAL A 1 95  ? 2.775   -5.743  -10.468 1.00 53.20 ? 95  VAL A C   1 
ATOM   696 O  O   . VAL A 1 95  ? 2.270   -4.659  -10.761 1.00 53.71 ? 95  VAL A O   1 
ATOM   697 C  CB  . VAL A 1 95  ? 1.317   -7.589  -9.469  1.00 52.31 ? 95  VAL A CB  1 
ATOM   698 C  CG1 . VAL A 1 95  ? 1.120   -8.515  -8.272  1.00 51.31 ? 95  VAL A CG1 1 
ATOM   699 C  CG2 . VAL A 1 95  ? -0.028  -7.003  -9.932  1.00 52.34 ? 95  VAL A CG2 1 
ATOM   700 N  N   . GLY A 1 96  ? 3.673   -6.345  -11.246 1.00 53.72 ? 96  GLY A N   1 
ATOM   701 C  CA  . GLY A 1 96  ? 4.105   -5.758  -12.522 1.00 54.36 ? 96  GLY A CA  1 
ATOM   702 C  C   . GLY A 1 96  ? 4.816   -6.749  -13.421 1.00 54.72 ? 96  GLY A C   1 
ATOM   703 O  O   . GLY A 1 96  ? 4.884   -7.930  -13.101 1.00 55.05 ? 96  GLY A O   1 
ATOM   704 N  N   . ASP A 1 97  ? 5.333   -6.274  -14.553 1.00 54.88 ? 97  ASP A N   1 
ATOM   705 C  CA  . ASP A 1 97  ? 6.144   -7.107  -15.446 1.00 55.06 ? 97  ASP A CA  1 
ATOM   706 C  C   . ASP A 1 97  ? 6.597   -6.336  -16.674 1.00 55.22 ? 97  ASP A C   1 
ATOM   707 O  O   . ASP A 1 97  ? 5.784   -5.699  -17.364 1.00 55.22 ? 97  ASP A O   1 
ATOM   708 C  CB  . ASP A 1 97  ? 5.386   -8.364  -15.894 1.00 55.23 ? 97  ASP A CB  1 
ATOM   709 C  CG  . ASP A 1 97  ? 6.316   -9.477  -16.349 1.00 55.77 ? 97  ASP A CG  1 
ATOM   710 O  OD1 . ASP A 1 97  ? 6.939   -10.113 -15.476 1.00 55.90 ? 97  ASP A OD1 1 
ATOM   711 O  OD2 . ASP A 1 97  ? 6.417   -9.727  -17.571 1.00 57.43 ? 97  ASP A OD2 1 
ATOM   712 N  N   . HIS A 1 98  ? 7.898   -6.414  -16.942 1.00 55.23 ? 98  HIS A N   1 
ATOM   713 C  CA  . HIS A 1 98  ? 8.498   -5.811  -18.116 1.00 55.49 ? 98  HIS A CA  1 
ATOM   714 C  C   . HIS A 1 98  ? 7.815   -6.326  -19.401 1.00 55.48 ? 98  HIS A C   1 
ATOM   715 O  O   . HIS A 1 98  ? 7.414   -5.534  -20.265 1.00 55.17 ? 98  HIS A O   1 
ATOM   716 C  CB  . HIS A 1 98  ? 9.997   -6.120  -18.096 1.00 55.80 ? 98  HIS A CB  1 
ATOM   717 C  CG  . HIS A 1 98  ? 10.700  -5.911  -19.406 1.00 57.37 ? 98  HIS A CG  1 
ATOM   718 N  ND1 . HIS A 1 98  ? 10.507  -6.732  -20.500 1.00 58.99 ? 98  HIS A ND1 1 
ATOM   719 C  CD2 . HIS A 1 98  ? 11.630  -4.999  -19.780 1.00 58.22 ? 98  HIS A CD2 1 
ATOM   720 C  CE1 . HIS A 1 98  ? 11.269  -6.318  -21.500 1.00 59.68 ? 98  HIS A CE1 1 
ATOM   721 N  NE2 . HIS A 1 98  ? 11.964  -5.271  -21.086 1.00 59.35 ? 98  HIS A NE2 1 
ATOM   722 N  N   . GLU A 1 99  ? 7.671   -7.652  -19.492 1.00 55.61 ? 99  GLU A N   1 
ATOM   723 C  CA  . GLU A 1 99  ? 7.232   -8.345  -20.712 1.00 55.45 ? 99  GLU A CA  1 
ATOM   724 C  C   . GLU A 1 99  ? 5.707   -8.528  -20.826 1.00 55.42 ? 99  GLU A C   1 
ATOM   725 O  O   . GLU A 1 99  ? 5.217   -9.083  -21.812 1.00 55.22 ? 99  GLU A O   1 
ATOM   726 C  CB  . GLU A 1 99  ? 7.980   -9.694  -20.868 1.00 55.30 ? 99  GLU A CB  1 
ATOM   727 N  N   . VAL A 1 100 ? 4.962   -8.063  -19.822 1.00 55.61 ? 100 VAL A N   1 
ATOM   728 C  CA  . VAL A 1 100 ? 3.497   -7.909  -19.955 1.00 55.66 ? 100 VAL A CA  1 
ATOM   729 C  C   . VAL A 1 100 ? 3.189   -6.515  -20.494 1.00 55.52 ? 100 VAL A C   1 
ATOM   730 O  O   . VAL A 1 100 ? 2.444   -6.359  -21.461 1.00 55.51 ? 100 VAL A O   1 
ATOM   731 C  CB  . VAL A 1 100 ? 2.745   -8.151  -18.624 1.00 55.46 ? 100 VAL A CB  1 
ATOM   732 C  CG1 . VAL A 1 100 ? 1.366   -7.534  -18.671 1.00 55.74 ? 100 VAL A CG1 1 
ATOM   733 C  CG2 . VAL A 1 100 ? 2.627   -9.630  -18.351 1.00 55.60 ? 100 VAL A CG2 1 
ATOM   734 N  N   . GLU A 1 101 ? 3.793   -5.516  -19.854 1.00 55.54 ? 101 GLU A N   1 
ATOM   735 C  CA  . GLU A 1 101 ? 3.716   -4.117  -20.257 1.00 55.48 ? 101 GLU A CA  1 
ATOM   736 C  C   . GLU A 1 101 ? 4.188   -3.924  -21.692 1.00 55.06 ? 101 GLU A C   1 
ATOM   737 O  O   . GLU A 1 101 ? 3.703   -3.038  -22.390 1.00 55.17 ? 101 GLU A O   1 
ATOM   738 C  CB  . GLU A 1 101 ? 4.571   -3.263  -19.307 1.00 55.88 ? 101 GLU A CB  1 
ATOM   739 C  CG  . GLU A 1 101 ? 4.185   -1.784  -19.230 1.00 55.95 ? 101 GLU A CG  1 
ATOM   740 C  CD  . GLU A 1 101 ? 3.047   -1.472  -18.243 1.00 56.61 ? 101 GLU A CD  1 
ATOM   741 O  OE1 . GLU A 1 101 ? 2.557   -2.357  -17.483 1.00 53.21 ? 101 GLU A OE1 1 
ATOM   742 O  OE2 . GLU A 1 101 ? 2.643   -0.291  -18.233 1.00 58.37 ? 101 GLU A OE2 1 
ATOM   743 N  N   . ALA A 1 102 ? 5.134   -4.756  -22.118 1.00 54.90 ? 102 ALA A N   1 
ATOM   744 C  CA  . ALA A 1 102 ? 5.647   -4.738  -23.491 1.00 54.65 ? 102 ALA A CA  1 
ATOM   745 C  C   . ALA A 1 102 ? 4.581   -5.201  -24.485 1.00 54.48 ? 102 ALA A C   1 
ATOM   746 O  O   . ALA A 1 102 ? 4.361   -4.570  -25.527 1.00 54.35 ? 102 ALA A O   1 
ATOM   747 C  CB  . ALA A 1 102 ? 6.881   -5.614  -23.603 1.00 54.77 ? 102 ALA A CB  1 
ATOM   748 N  N   . TRP A 1 103 ? 3.924   -6.311  -24.155 1.00 54.15 ? 103 TRP A N   1 
ATOM   749 C  CA  . TRP A 1 103 ? 2.867   -6.843  -24.997 1.00 53.66 ? 103 TRP A CA  1 
ATOM   750 C  C   . TRP A 1 103 ? 1.793   -5.795  -25.230 1.00 53.78 ? 103 TRP A C   1 
ATOM   751 O  O   . TRP A 1 103 ? 1.472   -5.502  -26.375 1.00 54.37 ? 103 TRP A O   1 
ATOM   752 C  CB  . TRP A 1 103 ? 2.269   -8.110  -24.395 1.00 53.06 ? 103 TRP A CB  1 
ATOM   753 C  CG  . TRP A 1 103 ? 0.985   -8.487  -25.030 1.00 52.56 ? 103 TRP A CG  1 
ATOM   754 C  CD1 . TRP A 1 103 ? 0.819   -9.081  -26.240 1.00 52.32 ? 103 TRP A CD1 1 
ATOM   755 C  CD2 . TRP A 1 103 ? -0.329  -8.283  -24.499 1.00 52.34 ? 103 TRP A CD2 1 
ATOM   756 N  NE1 . TRP A 1 103 ? -0.518  -9.273  -26.498 1.00 51.85 ? 103 TRP A NE1 1 
ATOM   757 C  CE2 . TRP A 1 103 ? -1.246  -8.794  -25.448 1.00 51.76 ? 103 TRP A CE2 1 
ATOM   758 C  CE3 . TRP A 1 103 ? -0.824  -7.723  -23.312 1.00 51.79 ? 103 TRP A CE3 1 
ATOM   759 C  CZ2 . TRP A 1 103 ? -2.621  -8.762  -25.249 1.00 52.59 ? 103 TRP A CZ2 1 
ATOM   760 C  CZ3 . TRP A 1 103 ? -2.195  -7.692  -23.112 1.00 51.83 ? 103 TRP A CZ3 1 
ATOM   761 C  CH2 . TRP A 1 103 ? -3.079  -8.211  -24.069 1.00 52.14 ? 103 TRP A CH2 1 
ATOM   762 N  N   . ALA A 1 104 ? 1.272   -5.217  -24.149 1.00 53.68 ? 104 ALA A N   1 
ATOM   763 C  CA  . ALA A 1 104 ? 0.207   -4.206  -24.217 1.00 53.70 ? 104 ALA A CA  1 
ATOM   764 C  C   . ALA A 1 104 ? 0.487   -3.002  -25.144 1.00 53.71 ? 104 ALA A C   1 
ATOM   765 O  O   . ALA A 1 104 ? -0.431  -2.475  -25.768 1.00 53.74 ? 104 ALA A O   1 
ATOM   766 C  CB  . ALA A 1 104 ? -0.152  -3.730  -22.814 1.00 53.63 ? 104 ALA A CB  1 
ATOM   767 N  N   . ALA A 1 105 ? 1.744   -2.578  -25.237 1.00 53.82 ? 105 ALA A N   1 
ATOM   768 C  CA  . ALA A 1 105 ? 2.121   -1.435  -26.075 1.00 53.77 ? 105 ALA A CA  1 
ATOM   769 C  C   . ALA A 1 105 ? 2.144   -1.772  -27.571 1.00 53.91 ? 105 ALA A C   1 
ATOM   770 O  O   . ALA A 1 105 ? 1.518   -1.073  -28.374 1.00 53.87 ? 105 ALA A O   1 
ATOM   771 C  CB  . ALA A 1 105 ? 3.471   -0.864  -25.628 1.00 53.67 ? 105 ALA A CB  1 
ATOM   772 N  N   . GLU A 1 106 ? 2.865   -2.839  -27.935 1.00 54.12 ? 106 GLU A N   1 
ATOM   773 C  CA  . GLU A 1 106 ? 3.034   -3.235  -29.339 1.00 53.91 ? 106 GLU A CA  1 
ATOM   774 C  C   . GLU A 1 106 ? 1.696   -3.567  -29.990 1.00 53.83 ? 106 GLU A C   1 
ATOM   775 O  O   . GLU A 1 106 ? 1.448   -3.122  -31.113 1.00 54.12 ? 106 GLU A O   1 
ATOM   776 C  CB  . GLU A 1 106 ? 4.053   -4.394  -29.496 1.00 53.61 ? 106 GLU A CB  1 
ATOM   777 N  N   . VAL A 1 107 ? 0.826   -4.304  -29.290 1.00 53.64 ? 107 VAL A N   1 
ATOM   778 C  CA  . VAL A 1 107 ? -0.497  -4.670  -29.858 1.00 53.73 ? 107 VAL A CA  1 
ATOM   779 C  C   . VAL A 1 107 ? -1.402  -3.484  -30.204 1.00 53.79 ? 107 VAL A C   1 
ATOM   780 O  O   . VAL A 1 107 ? -2.254  -3.593  -31.082 1.00 53.82 ? 107 VAL A O   1 
ATOM   781 C  CB  . VAL A 1 107 ? -1.327  -5.712  -29.020 1.00 53.73 ? 107 VAL A CB  1 
ATOM   782 C  CG1 . VAL A 1 107 ? -0.815  -7.138  -29.250 1.00 53.81 ? 107 VAL A CG1 1 
ATOM   783 C  CG2 . VAL A 1 107 ? -1.421  -5.335  -27.540 1.00 52.36 ? 107 VAL A CG2 1 
ATOM   784 N  N   . ALA A 1 108 ? -1.222  -2.365  -29.515 1.00 53.86 ? 108 ALA A N   1 
ATOM   785 C  CA  . ALA A 1 108 ? -1.960  -1.159  -29.866 1.00 54.01 ? 108 ALA A CA  1 
ATOM   786 C  C   . ALA A 1 108 ? -1.396  -0.504  -31.144 1.00 54.14 ? 108 ALA A C   1 
ATOM   787 O  O   . ALA A 1 108 ? -2.147  -0.245  -32.095 1.00 54.17 ? 108 ALA A O   1 
ATOM   788 C  CB  . ALA A 1 108 ? -1.991  -0.186  -28.699 1.00 53.78 ? 108 ALA A CB  1 
ATOM   789 N  N   . THR A 1 109 ? -0.082  -0.267  -31.174 1.00 54.16 ? 109 THR A N   1 
ATOM   790 C  CA  . THR A 1 109 ? 0.583   0.342   -32.340 1.00 54.58 ? 109 THR A CA  1 
ATOM   791 C  C   . THR A 1 109 ? 0.657   -0.643  -33.527 1.00 54.64 ? 109 THR A C   1 
ATOM   792 O  O   . THR A 1 109 ? 1.078   -0.288  -34.635 1.00 54.26 ? 109 THR A O   1 
ATOM   793 C  CB  . THR A 1 109 ? 2.006   0.878   -31.984 1.00 54.65 ? 109 THR A CB  1 
ATOM   794 O  OG1 . THR A 1 109 ? 2.094   1.115   -30.576 1.00 55.23 ? 109 THR A OG1 1 
ATOM   795 C  CG2 . THR A 1 109 ? 2.308   2.181   -32.730 1.00 54.30 ? 109 THR A CG2 1 
ATOM   796 N  N   . LYS A 1 110 ? 0.239   -1.880  -33.264 1.00 54.70 ? 110 LYS A N   1 
ATOM   797 C  CA  . LYS A 1 110 ? 0.089   -2.915  -34.275 1.00 54.63 ? 110 LYS A CA  1 
ATOM   798 C  C   . LYS A 1 110 ? -1.128  -2.612  -35.148 1.00 53.84 ? 110 LYS A C   1 
ATOM   799 O  O   . LYS A 1 110 ? -1.034  -2.608  -36.371 1.00 54.05 ? 110 LYS A O   1 
ATOM   800 C  CB  . LYS A 1 110 ? -0.106  -4.267  -33.592 1.00 55.07 ? 110 LYS A CB  1 
ATOM   801 C  CG  . LYS A 1 110 ? 0.492   -5.441  -34.328 1.00 56.88 ? 110 LYS A CG  1 
ATOM   802 C  CD  . LYS A 1 110 ? -0.527  -6.565  -34.418 1.00 59.67 ? 110 LYS A CD  1 
ATOM   803 C  CE  . LYS A 1 110 ? -1.193  -6.564  -35.792 1.00 61.42 ? 110 LYS A CE  1 
ATOM   804 N  NZ  . LYS A 1 110 ? -2.284  -7.583  -35.868 1.00 62.10 ? 110 LYS A NZ  1 
ATOM   805 N  N   . HIS A 1 111 ? -2.267  -2.357  -34.511 1.00 52.97 ? 111 HIS A N   1 
ATOM   806 C  CA  . HIS A 1 111 ? -3.522  -2.059  -35.209 1.00 51.98 ? 111 HIS A CA  1 
ATOM   807 C  C   . HIS A 1 111 ? -3.661  -0.575  -35.571 1.00 51.73 ? 111 HIS A C   1 
ATOM   808 O  O   . HIS A 1 111 ? -4.709  -0.137  -36.100 1.00 51.06 ? 111 HIS A O   1 
ATOM   809 C  CB  . HIS A 1 111 ? -4.709  -2.496  -34.346 1.00 51.92 ? 111 HIS A CB  1 
ATOM   810 C  CG  . HIS A 1 111 ? -4.841  -3.982  -34.204 1.00 50.35 ? 111 HIS A CG  1 
ATOM   811 N  ND1 . HIS A 1 111 ? -4.443  -4.660  -33.059 1.00 48.88 ? 111 HIS A ND1 1 
ATOM   812 C  CD2 . HIS A 1 111 ? -5.337  -4.926  -35.063 1.00 48.52 ? 111 HIS A CD2 1 
ATOM   813 C  CE1 . HIS A 1 111 ? -4.689  -5.951  -33.218 1.00 48.42 ? 111 HIS A CE1 1 
ATOM   814 N  NE2 . HIS A 1 111 ? -5.234  -6.140  -34.423 1.00 47.69 ? 111 HIS A NE2 1 
ATOM   815 N  N   . GLY A 1 112 ? -2.622  0.201   -35.254 1.00 51.92 ? 112 GLY A N   1 
ATOM   816 C  CA  . GLY A 1 112 ? -2.537  1.602   -35.643 1.00 52.38 ? 112 GLY A CA  1 
ATOM   817 C  C   . GLY A 1 112 ? -3.369  2.529   -34.786 1.00 52.77 ? 112 GLY A C   1 
ATOM   818 O  O   . GLY A 1 112 ? -4.195  3.276   -35.316 1.00 53.07 ? 112 GLY A O   1 
ATOM   819 N  N   . PHE A 1 113 ? -3.132  2.482   -33.469 1.00 52.82 ? 113 PHE A N   1 
ATOM   820 C  CA  . PHE A 1 113 ? -3.858  3.273   -32.462 1.00 52.89 ? 113 PHE A CA  1 
ATOM   821 C  C   . PHE A 1 113 ? -2.943  4.354   -31.844 1.00 52.96 ? 113 PHE A C   1 
ATOM   822 O  O   . PHE A 1 113 ? -1.796  4.071   -31.489 1.00 53.13 ? 113 PHE A O   1 
ATOM   823 C  CB  . PHE A 1 113 ? -4.375  2.349   -31.334 1.00 52.64 ? 113 PHE A CB  1 
ATOM   824 C  CG  . PHE A 1 113 ? -5.797  1.813   -31.526 1.00 52.42 ? 113 PHE A CG  1 
ATOM   825 C  CD1 . PHE A 1 113 ? -6.264  1.391   -32.779 1.00 51.36 ? 113 PHE A CD1 1 
ATOM   826 C  CD2 . PHE A 1 113 ? -6.657  1.683   -30.418 1.00 51.79 ? 113 PHE A CD2 1 
ATOM   827 C  CE1 . PHE A 1 113 ? -7.577  0.879   -32.930 1.00 50.42 ? 113 PHE A CE1 1 
ATOM   828 C  CE2 . PHE A 1 113 ? -7.971  1.166   -30.566 1.00 51.05 ? 113 PHE A CE2 1 
ATOM   829 C  CZ  . PHE A 1 113 ? -8.426  0.772   -31.829 1.00 50.60 ? 113 PHE A CZ  1 
ATOM   830 N  N   . SER A 1 114 ? -3.450  5.582   -31.717 1.00 52.92 ? 114 SER A N   1 
ATOM   831 C  CA  . SER A 1 114 ? -2.749  6.644   -30.994 1.00 52.62 ? 114 SER A CA  1 
ATOM   832 C  C   . SER A 1 114 ? -3.350  6.760   -29.607 1.00 52.74 ? 114 SER A C   1 
ATOM   833 O  O   . SER A 1 114 ? -4.453  6.263   -29.375 1.00 52.80 ? 114 SER A O   1 
ATOM   834 C  CB  . SER A 1 114 ? -2.868  7.964   -31.724 1.00 52.43 ? 114 SER A CB  1 
ATOM   835 N  N   . ASP A 1 115 ? -2.614  7.423   -28.704 1.00 52.72 ? 115 ASP A N   1 
ATOM   836 C  CA  . ASP A 1 115 ? -3.012  7.708   -27.308 1.00 52.46 ? 115 ASP A CA  1 
ATOM   837 C  C   . ASP A 1 115 ? -3.420  6.475   -26.532 1.00 52.52 ? 115 ASP A C   1 
ATOM   838 O  O   . ASP A 1 115 ? -4.536  6.391   -26.018 1.00 52.78 ? 115 ASP A O   1 
ATOM   839 C  CB  . ASP A 1 115 ? -4.108  8.781   -27.219 1.00 52.44 ? 115 ASP A CB  1 
ATOM   840 C  CG  . ASP A 1 115 ? -3.648  10.142  -27.722 0.50 52.70 ? 115 ASP A CG  1 
ATOM   841 O  OD1 . ASP A 1 115 ? -2.588  10.207  -28.435 0.50 53.08 ? 115 ASP A OD1 1 
ATOM   842 O  OD2 . ASP A 1 115 ? -4.356  11.155  -27.407 0.50 52.80 ? 115 ASP A OD2 1 
ATOM   843 N  N   . VAL A 1 116 ? -2.498  5.528   -26.436 1.00 52.43 ? 116 VAL A N   1 
ATOM   844 C  CA  . VAL A 1 116 ? -2.757  4.248   -25.789 1.00 52.39 ? 116 VAL A CA  1 
ATOM   845 C  C   . VAL A 1 116 ? -2.786  4.343   -24.254 1.00 52.70 ? 116 VAL A C   1 
ATOM   846 O  O   . VAL A 1 116 ? -2.058  5.149   -23.660 1.00 52.64 ? 116 VAL A O   1 
ATOM   847 C  CB  . VAL A 1 116 ? -1.723  3.207   -26.245 1.00 52.19 ? 116 VAL A CB  1 
ATOM   848 C  CG1 . VAL A 1 116 ? -2.067  1.825   -25.709 1.00 51.51 ? 116 VAL A CG1 1 
ATOM   849 C  CG2 . VAL A 1 116 ? -1.644  3.201   -27.767 1.00 52.48 ? 116 VAL A CG2 1 
ATOM   850 N  N   . SER A 1 117 ? -3.646  3.526   -23.636 1.00 52.82 ? 117 SER A N   1 
ATOM   851 C  CA  . SER A 1 117 ? -3.701  3.340   -22.187 1.00 52.94 ? 117 SER A CA  1 
ATOM   852 C  C   . SER A 1 117 ? -4.273  1.962   -21.902 1.00 53.11 ? 117 SER A C   1 
ATOM   853 O  O   . SER A 1 117 ? -4.837  1.338   -22.797 1.00 53.20 ? 117 SER A O   1 
ATOM   854 C  CB  . SER A 1 117 ? -4.570  4.405   -21.541 1.00 52.67 ? 117 SER A CB  1 
ATOM   855 O  OG  . SER A 1 117 ? -5.892  4.273   -22.011 1.00 54.00 ? 117 SER A OG  1 
ATOM   856 N  N   . HIS A 1 118 ? -4.124  1.491   -20.663 1.00 53.55 ? 118 HIS A N   1 
ATOM   857 C  CA  . HIS A 1 118 ? -4.483  0.112   -20.301 1.00 54.44 ? 118 HIS A CA  1 
ATOM   858 C  C   . HIS A 1 118 ? -4.833  -0.024  -18.823 1.00 54.89 ? 118 HIS A C   1 
ATOM   859 O  O   . HIS A 1 118 ? -4.334  0.746   -18.002 1.00 55.49 ? 118 HIS A O   1 
ATOM   860 C  CB  . HIS A 1 118 ? -3.362  -0.888  -20.680 1.00 54.59 ? 118 HIS A CB  1 
ATOM   861 C  CG  . HIS A 1 118 ? -2.124  -0.785  -19.830 1.00 55.32 ? 118 HIS A CG  1 
ATOM   862 N  ND1 . HIS A 1 118 ? -1.116  0.122   -20.082 1.00 55.43 ? 118 HIS A ND1 1 
ATOM   863 C  CD2 . HIS A 1 118 ? -1.736  -1.477  -18.730 1.00 55.97 ? 118 HIS A CD2 1 
ATOM   864 C  CE1 . HIS A 1 118 ? -0.166  -0.009  -19.172 1.00 55.73 ? 118 HIS A CE1 1 
ATOM   865 N  NE2 . HIS A 1 118 ? -0.515  -0.973  -18.338 1.00 54.68 ? 118 HIS A NE2 1 
ATOM   866 N  N   . THR A 1 119 ? -5.698  -0.976  -18.481 1.00 55.07 ? 119 THR A N   1 
ATOM   867 C  CA  . THR A 1 119 ? -5.903  -1.310  -17.076 1.00 56.13 ? 119 THR A CA  1 
ATOM   868 C  C   . THR A 1 119 ? -5.837  -2.811  -16.878 1.00 55.95 ? 119 THR A C   1 
ATOM   869 O  O   . THR A 1 119 ? -6.546  -3.549  -17.554 1.00 56.56 ? 119 THR A O   1 
ATOM   870 C  CB  . THR A 1 119 ? -7.261  -0.846  -16.499 1.00 56.36 ? 119 THR A CB  1 
ATOM   871 O  OG1 . THR A 1 119 ? -8.266  -1.777  -16.904 1.00 59.00 ? 119 THR A OG1 1 
ATOM   872 C  CG2 . THR A 1 119 ? -7.633  0.595   -16.921 1.00 56.24 ? 119 THR A CG2 1 
ATOM   873 N  N   . ILE A 1 120 ? -4.986  -3.234  -15.945 1.00 55.76 ? 120 ILE A N   1 
ATOM   874 C  CA  . ILE A 1 120 ? -4.774  -4.628  -15.570 1.00 54.97 ? 120 ILE A CA  1 
ATOM   875 C  C   . ILE A 1 120 ? -5.031  -4.728  -14.086 1.00 54.76 ? 120 ILE A C   1 
ATOM   876 O  O   . ILE A 1 120 ? -4.427  -4.006  -13.279 1.00 55.06 ? 120 ILE A O   1 
ATOM   877 C  CB  . ILE A 1 120 ? -3.324  -5.049  -15.806 1.00 54.87 ? 120 ILE A CB  1 
ATOM   878 C  CG1 . ILE A 1 120 ? -2.981  -4.997  -17.303 1.00 56.34 ? 120 ILE A CG1 1 
ATOM   879 C  CG2 . ILE A 1 120 ? -3.069  -6.436  -15.226 1.00 54.21 ? 120 ILE A CG2 1 
ATOM   880 C  CD1 . ILE A 1 120 ? -1.458  -4.955  -17.588 1.00 57.20 ? 120 ILE A CD1 1 
ATOM   881 N  N   . GLU A 1 121 ? -5.930  -5.620  -13.716 1.00 54.30 ? 121 GLU A N   1 
ATOM   882 C  CA  . GLU A 1 121 ? -6.293  -5.778  -12.325 1.00 54.53 ? 121 GLU A CA  1 
ATOM   883 C  C   . GLU A 1 121 ? -6.391  -7.260  -12.019 1.00 53.18 ? 121 GLU A C   1 
ATOM   884 O  O   . GLU A 1 121 ? -6.961  -8.012  -12.809 1.00 52.80 ? 121 GLU A O   1 
ATOM   885 C  CB  . GLU A 1 121 ? -7.643  -5.108  -12.070 1.00 53.82 ? 121 GLU A CB  1 
ATOM   886 C  CG  . GLU A 1 121 ? -7.579  -3.599  -12.018 1.00 56.14 ? 121 GLU A CG  1 
ATOM   887 C  CD  . GLU A 1 121 ? -8.964  -2.911  -12.028 1.00 58.71 ? 121 GLU A CD  1 
ATOM   888 O  OE1 . GLU A 1 121 ? -9.969  -3.520  -12.522 1.00 64.81 ? 121 GLU A OE1 1 
ATOM   889 O  OE2 . GLU A 1 121 ? -9.042  -1.738  -11.565 1.00 62.78 ? 121 GLU A OE2 1 
ATOM   890 N  N   . ILE A 1 122 ? -5.822  -7.686  -10.895 1.00 52.54 ? 122 ILE A N   1 
ATOM   891 C  CA  . ILE A 1 122 ? -6.003  -9.076  -10.446 1.00 51.93 ? 122 ILE A CA  1 
ATOM   892 C  C   . ILE A 1 122 ? -6.755  -9.150  -9.113  1.00 51.62 ? 122 ILE A C   1 
ATOM   893 O  O   . ILE A 1 122 ? -6.756  -8.183  -8.341  1.00 51.56 ? 122 ILE A O   1 
ATOM   894 C  CB  . ILE A 1 122 ? -4.688  -9.878  -10.448 1.00 51.81 ? 122 ILE A CB  1 
ATOM   895 C  CG1 . ILE A 1 122 ? -3.972  -9.667  -11.794 1.00 51.46 ? 122 ILE A CG1 1 
ATOM   896 C  CG2 . ILE A 1 122 ? -4.977  -11.351 -10.210 1.00 51.17 ? 122 ILE A CG2 1 
ATOM   897 C  CD1 . ILE A 1 122 ? -2.654  -10.378 -11.955 1.00 51.29 ? 122 ILE A CD1 1 
ATOM   898 N  N   . PHE A 1 123 ? -7.431  -10.272 -8.876  1.00 51.18 ? 123 PHE A N   1 
ATOM   899 C  CA  . PHE A 1 123 ? -8.310  -10.415 -7.716  1.00 51.04 ? 123 PHE A CA  1 
ATOM   900 C  C   . PHE A 1 123 ? -8.284  -11.864 -7.299  1.00 51.02 ? 123 PHE A C   1 
ATOM   901 O  O   . PHE A 1 123 ? -8.004  -12.731 -8.122  1.00 50.79 ? 123 PHE A O   1 
ATOM   902 C  CB  . PHE A 1 123 ? -9.776  -10.023 -8.044  1.00 51.41 ? 123 PHE A CB  1 
ATOM   903 C  CG  . PHE A 1 123 ? -9.951  -8.612  -8.576  1.00 50.69 ? 123 PHE A CG  1 
ATOM   904 C  CD1 . PHE A 1 123 ? -9.801  -7.508  -7.746  1.00 51.52 ? 123 PHE A CD1 1 
ATOM   905 C  CD2 . PHE A 1 123 ? -10.279 -8.399  -9.905  1.00 50.92 ? 123 PHE A CD2 1 
ATOM   906 C  CE1 . PHE A 1 123 ? -9.961  -6.177  -8.244  1.00 53.51 ? 123 PHE A CE1 1 
ATOM   907 C  CE2 . PHE A 1 123 ? -10.453 -7.085  -10.418 1.00 52.05 ? 123 PHE A CE2 1 
ATOM   908 C  CZ  . PHE A 1 123 ? -10.296 -5.968  -9.586  1.00 51.35 ? 123 PHE A CZ  1 
ATOM   909 N  N   . GLY A 1 124 ? -8.596  -12.120 -6.027  1.00 51.25 ? 124 GLY A N   1 
ATOM   910 C  CA  . GLY A 1 124 ? -8.643  -13.476 -5.456  1.00 51.22 ? 124 GLY A CA  1 
ATOM   911 C  C   . GLY A 1 124 ? -8.932  -13.406 -3.966  1.00 51.34 ? 124 GLY A C   1 
ATOM   912 O  O   . GLY A 1 124 ? -8.958  -12.324 -3.395  1.00 50.54 ? 124 GLY A O   1 
ATOM   913 N  N   . THR A 1 125 ? -9.163  -14.558 -3.341  1.00 52.15 ? 125 THR A N   1 
ATOM   914 C  CA  . THR A 1 125 ? -9.416  -14.619 -1.902  1.00 53.19 ? 125 THR A CA  1 
ATOM   915 C  C   . THR A 1 125 ? -8.102  -14.961 -1.183  1.00 54.12 ? 125 THR A C   1 
ATOM   916 O  O   . THR A 1 125 ? -7.487  -16.002 -1.438  1.00 54.47 ? 125 THR A O   1 
ATOM   917 C  CB  . THR A 1 125 ? -10.542 -15.617 -1.579  1.00 52.68 ? 125 THR A CB  1 
ATOM   918 N  N   . CYS A 1 126 ? -7.649  -14.061 -0.313  1.00 55.27 ? 126 CYS A N   1 
ATOM   919 C  CA  . CYS A 1 126 ? -6.274  -14.134 0.215   1.00 56.32 ? 126 CYS A CA  1 
ATOM   920 C  C   . CYS A 1 126 ? -6.027  -15.257 1.242   1.00 56.88 ? 126 CYS A C   1 
ATOM   921 O  O   . CYS A 1 126 ? -6.966  -15.906 1.725   1.00 56.71 ? 126 CYS A O   1 
ATOM   922 C  CB  . CYS A 1 126 ? -5.811  -12.768 0.752   1.00 56.01 ? 126 CYS A CB  1 
ATOM   923 S  SG  . CYS A 1 126 ? -6.222  -12.452 2.463   1.00 56.45 ? 126 CYS A SG  1 
ATOM   924 N  N   . SER A 1 127 ? -4.750  -15.465 1.558   1.00 57.91 ? 127 SER A N   1 
ATOM   925 C  CA  . SER A 1 127 ? -4.292  -16.579 2.395   1.00 59.21 ? 127 SER A CA  1 
ATOM   926 C  C   . SER A 1 127 ? -4.847  -16.505 3.833   1.00 59.84 ? 127 SER A C   1 
ATOM   927 O  O   . SER A 1 127 ? -5.406  -17.475 4.368   1.00 59.80 ? 127 SER A O   1 
ATOM   928 C  CB  . SER A 1 127 ? -2.766  -16.598 2.391   1.00 59.08 ? 127 SER A CB  1 
ATOM   929 O  OG  . SER A 1 127 ? -2.277  -17.660 3.183   1.00 60.29 ? 127 SER A OG  1 
ATOM   930 N  N   . ASP A 1 128 ? -4.667  -15.334 4.430   1.00 60.66 ? 128 ASP A N   1 
ATOM   931 C  CA  . ASP A 1 128 ? -5.344  -14.896 5.635   1.00 61.63 ? 128 ASP A CA  1 
ATOM   932 C  C   . ASP A 1 128 ? -6.879  -15.061 5.568   1.00 62.03 ? 128 ASP A C   1 
ATOM   933 O  O   . ASP A 1 128 ? -7.512  -15.417 6.557   1.00 61.63 ? 128 ASP A O   1 
ATOM   934 C  CB  . ASP A 1 128 ? -5.005  -13.417 5.812   1.00 62.02 ? 128 ASP A CB  1 
ATOM   935 C  CG  . ASP A 1 128 ? -4.905  -13.005 7.254   1.00 63.11 ? 128 ASP A CG  1 
ATOM   936 O  OD1 . ASP A 1 128 ? -4.126  -13.635 8.002   1.00 64.36 ? 128 ASP A OD1 1 
ATOM   937 O  OD2 . ASP A 1 128 ? -5.588  -12.028 7.631   1.00 65.05 ? 128 ASP A OD2 1 
ATOM   938 N  N   . CYS A 1 129 ? -7.473  -14.791 4.402   1.00 62.82 ? 129 CYS A N   1 
ATOM   939 C  CA  . CYS A 1 129 ? -8.937  -14.810 4.260   1.00 63.39 ? 129 CYS A CA  1 
ATOM   940 C  C   . CYS A 1 129 ? -9.612  -16.182 4.137   1.00 64.22 ? 129 CYS A C   1 
ATOM   941 O  O   . CYS A 1 129 ? -10.840 -16.279 4.290   1.00 64.51 ? 129 CYS A O   1 
ATOM   942 C  CB  . CYS A 1 129 ? -9.394  -13.904 3.126   1.00 63.28 ? 129 CYS A CB  1 
ATOM   943 S  SG  . CYS A 1 129 ? -9.821  -12.301 3.723   1.00 61.85 ? 129 CYS A SG  1 
ATOM   944 N  N   . ARG A 1 130 ? -8.838  -17.226 3.839   1.00 64.55 ? 130 ARG A N   1 
ATOM   945 C  CA  . ARG A 1 130 ? -9.322  -18.583 4.046   1.00 64.89 ? 130 ARG A CA  1 
ATOM   946 C  C   . ARG A 1 130 ? -9.089  -18.910 5.516   1.00 64.91 ? 130 ARG A C   1 
ATOM   947 O  O   . ARG A 1 130 ? -9.447  -19.990 5.983   1.00 65.17 ? 130 ARG A O   1 
ATOM   948 C  CB  . ARG A 1 130 ? -8.575  -19.581 3.165   1.00 64.94 ? 130 ARG A CB  1 
ATOM   949 C  CG  . ARG A 1 130 ? -9.037  -19.631 1.723   1.00 65.20 ? 130 ARG A CG  1 
ATOM   950 C  CD  . ARG A 1 130 ? -8.203  -20.630 0.893   1.00 65.29 ? 130 ARG A CD  1 
ATOM   951 N  NE  . ARG A 1 130 ? -6.755  -20.383 0.963   1.00 66.19 ? 130 ARG A NE  1 
ATOM   952 C  CZ  . ARG A 1 130 ? -6.099  -19.423 0.302   1.00 66.97 ? 130 ARG A CZ  1 
ATOM   953 N  NH1 . ARG A 1 130 ? -6.739  -18.570 -0.501  1.00 66.30 ? 130 ARG A NH1 1 
ATOM   954 N  NH2 . ARG A 1 130 ? -4.786  -19.305 0.455   1.00 66.79 ? 130 ARG A NH2 1 
HETATM 955 ZN ZN  . ZN  B 2 .   ? 0.346   0.305   -5.641  1.00 62.15 ? 201 ZN  A ZN  1 
HETATM 956 ZN ZN  . ZN  C 2 .   ? -8.207  -11.112 2.425   1.00 67.49 ? 202 ZN  A ZN  1 
HETATM 957 ZN ZN  . ZN  D 2 .   ? 0.953   -1.300  -16.895 0.50 47.26 ? 203 ZN  A ZN  1 
HETATM 958 O  O   . HOH E 3 .   ? 5.800   4.803   2.476   1.00 48.25 ? 204 HOH A O   1 
HETATM 959 O  O   . HOH E 3 .   ? 12.728  1.420   11.845  1.00 60.79 ? 207 HOH A O   1 
HETATM 960 O  O   . HOH E 3 .   ? 12.568  5.060   18.328  1.00 30.89 ? 209 HOH A O   1 
HETATM 961 O  O   . HOH E 3 .   ? -5.953  7.924   6.067   1.00 54.47 ? 215 HOH A O   1 
HETATM 962 O  O   . HOH E 3 .   ? 4.431   -5.284  10.616  1.00 56.03 ? 223 HOH A O   1 
HETATM 963 O  O   . HOH E 3 .   ? -7.779  -2.692  -8.132  1.00 47.26 ? 233 HOH A O   1 
HETATM 964 O  O   . HOH E 3 .   ? 0.733   -7.992  10.156  1.00 71.12 ? 241 HOH A O   1 
HETATM 965 O  O   . HOH E 3 .   ? -2.089  5.793   21.348  1.00 30.50 ? 242 HOH A O   1 
# 
